data_7TS4
#
_entry.id   7TS4
#
_cell.length_a   52.217
_cell.length_b   117.854
_cell.length_c   165.150
_cell.angle_alpha   90.000
_cell.angle_beta   90.400
_cell.angle_gamma   90.000
#
_symmetry.space_group_name_H-M   'P 1 21 1'
#
loop_
_entity.id
_entity.type
_entity.pdbx_description
1 polymer 'Nitric oxide synthase, brain'
2 non-polymer 'PROTOPORPHYRIN IX CONTAINING FE'
3 non-polymer 5,6,7,8-TETRAHYDROBIOPTERIN
4 non-polymer 4-methyl-6-[3-(4-methylpiperazin-1-yl)prop-1-yn-1-yl]pyridin-2-amine
5 non-polymer GLYCEROL
6 non-polymer 'ZINC ION'
7 water water
#
_entity_poly.entity_id   1
_entity_poly.type   'polypeptide(L)'
_entity_poly.pdbx_seq_one_letter_code
;CPRFLKVKNWETEVVLTDTLHLKSTLETGCTEYICMGSIMHPSQHARRPEDVATKDQLFPLAKEFIDQYYSSIKRFGSKA
HMERLEEVNKEIDTTSTYQLKDTELIYGAKHAWRNASRCVGRIQWSKLQVFDARDCTTAHGMFNYICNHVKYATNKGNLR
SAITIFPQRTDGKHDFRVWNSQLIRYAGYKQPDGSTLGDPANVQFTEICIQQGWKPPRGRFDVLPLLLQANGNDPELFQI
PPELVLEVPIRHPKFEWFKDLGLKWYGLPAVSNMLLEIGGLEFSACPFSGWYMGTEIGVRDYCDNSRYNILEEVAKKMNL
DMRKTSSLWKDQALVEINIAVLYSFQSDKVTIVDHHSATESFIKHMENEYRCRGGCPADWVWIVPPMSGSITPVFHQEML
NYRLTPSFEYQPDPWNTHVWKLV
;
_entity_poly.pdbx_strand_id   A,B,C,D
#
loop_
_chem_comp.id
_chem_comp.type
_chem_comp.name
_chem_comp.formula
GOL non-polymer GLYCEROL 'C3 H8 O3'
H4B non-polymer 5,6,7,8-TETRAHYDROBIOPTERIN 'C9 H15 N5 O3'
HEM non-polymer 'PROTOPORPHYRIN IX CONTAINING FE' 'C34 H32 Fe N4 O4'
K90 non-polymer 4-methyl-6-[3-(4-methylpiperazin-1-yl)prop-1-yn-1-yl]pyridin-2-amine 'C14 H20 N4'
ZN non-polymer 'ZINC ION' 'Zn 2'
#
# COMPACT_ATOMS: atom_id res chain seq x y z
N ARG A 3 -5.20 -24.46 -14.98
CA ARG A 3 -3.88 -24.52 -15.61
C ARG A 3 -4.11 -24.60 -17.11
N PHE A 4 -5.38 -24.48 -17.47
CA PHE A 4 -5.76 -24.39 -18.86
C PHE A 4 -7.23 -24.03 -19.02
N LEU A 5 -7.52 -23.04 -19.85
CA LEU A 5 -8.90 -22.66 -20.16
C LEU A 5 -9.05 -22.57 -21.66
N LYS A 6 -10.06 -23.24 -22.21
CA LYS A 6 -10.29 -23.21 -23.65
C LYS A 6 -11.34 -22.17 -24.01
N VAL A 7 -11.21 -21.60 -25.19
CA VAL A 7 -12.24 -20.76 -25.78
C VAL A 7 -12.53 -21.32 -27.16
N LYS A 8 -13.80 -21.28 -27.54
CA LYS A 8 -14.26 -21.90 -28.77
C LYS A 8 -14.85 -20.82 -29.66
N ASN A 9 -14.62 -20.95 -30.97
CA ASN A 9 -15.34 -20.17 -31.96
C ASN A 9 -16.45 -21.07 -32.50
N TRP A 10 -17.71 -20.63 -32.35
CA TRP A 10 -18.85 -21.46 -32.67
C TRP A 10 -19.19 -21.44 -34.14
N GLU A 11 -18.52 -20.59 -34.91
CA GLU A 11 -18.65 -20.56 -36.35
C GLU A 11 -17.65 -21.50 -37.01
N THR A 12 -16.41 -21.50 -36.56
CA THR A 12 -15.34 -22.28 -37.17
C THR A 12 -15.01 -23.54 -36.41
N GLU A 13 -15.44 -23.65 -35.15
CA GLU A 13 -15.08 -24.70 -34.20
C GLU A 13 -13.61 -24.69 -33.82
N VAL A 14 -12.88 -23.61 -34.13
CA VAL A 14 -11.51 -23.48 -33.65
C VAL A 14 -11.52 -23.33 -32.13
N VAL A 15 -10.68 -24.11 -31.45
CA VAL A 15 -10.55 -24.06 -30.01
C VAL A 15 -9.14 -23.61 -29.67
N LEU A 16 -9.02 -22.62 -28.78
CA LEU A 16 -7.74 -22.11 -28.33
C LEU A 16 -7.61 -22.36 -26.83
N THR A 17 -6.37 -22.52 -26.37
CA THR A 17 -6.09 -22.93 -25.00
C THR A 17 -5.29 -21.84 -24.31
N ASP A 18 -5.83 -21.28 -23.23
CA ASP A 18 -5.26 -20.10 -22.58
C ASP A 18 -4.45 -20.48 -21.35
N THR A 19 -3.16 -20.13 -21.36
CA THR A 19 -2.33 -20.19 -20.16
C THR A 19 -1.84 -18.82 -19.73
N LEU A 20 -1.94 -17.81 -20.58
CA LEU A 20 -1.50 -16.46 -20.23
C LEU A 20 -2.23 -15.94 -18.99
N HIS A 21 -3.50 -16.33 -18.78
CA HIS A 21 -4.25 -15.80 -17.65
C HIS A 21 -3.61 -16.14 -16.32
N LEU A 22 -2.70 -17.12 -16.28
CA LEU A 22 -2.01 -17.44 -15.04
C LEU A 22 -1.16 -16.27 -14.56
N LYS A 23 -0.83 -15.33 -15.44
CA LYS A 23 -0.02 -14.18 -15.13
C LYS A 23 -0.86 -12.95 -14.80
N SER A 24 -2.17 -13.12 -14.65
CA SER A 24 -3.02 -11.96 -14.43
C SER A 24 -2.82 -11.41 -13.01
N THR A 25 -2.91 -10.10 -12.88
CA THR A 25 -2.43 -9.47 -11.66
C THR A 25 -3.55 -9.02 -10.72
N LEU A 26 -4.61 -8.38 -11.22
CA LEU A 26 -5.61 -7.85 -10.30
C LEU A 26 -7.03 -8.30 -10.66
N GLU A 27 -7.94 -8.07 -9.71
CA GLU A 27 -9.30 -8.60 -9.75
C GLU A 27 -10.09 -8.05 -10.94
N THR A 28 -10.96 -8.90 -11.50
CA THR A 28 -11.89 -8.46 -12.53
C THR A 28 -13.16 -7.89 -11.95
N GLY A 29 -13.45 -8.19 -10.70
CA GLY A 29 -14.72 -7.88 -10.10
C GLY A 29 -15.64 -9.08 -9.99
N CYS A 30 -15.47 -10.06 -10.87
CA CYS A 30 -16.30 -11.27 -10.80
C CYS A 30 -15.89 -12.13 -9.62
N THR A 31 -16.77 -13.07 -9.27
CA THR A 31 -16.47 -14.16 -8.36
C THR A 31 -17.04 -15.45 -8.94
N GLU A 32 -16.89 -16.53 -8.17
CA GLU A 32 -17.49 -17.81 -8.52
C GLU A 32 -19.01 -17.70 -8.62
N TYR A 33 -19.62 -16.73 -7.92
CA TYR A 33 -21.07 -16.66 -7.85
C TYR A 33 -21.66 -15.46 -8.57
N ILE A 34 -20.85 -14.50 -9.01
CA ILE A 34 -21.40 -13.32 -9.68
C ILE A 34 -20.43 -12.86 -10.76
N CYS A 35 -20.97 -12.58 -11.94
CA CYS A 35 -20.19 -12.08 -13.05
C CYS A 35 -20.48 -10.60 -13.27
N MET A 36 -19.44 -9.80 -13.35
CA MET A 36 -19.60 -8.36 -13.54
C MET A 36 -19.14 -7.93 -14.92
N GLY A 37 -19.23 -8.85 -15.89
CA GLY A 37 -18.67 -8.62 -17.21
C GLY A 37 -19.23 -7.42 -17.97
N SER A 38 -20.43 -6.94 -17.61
CA SER A 38 -20.99 -5.76 -18.26
C SER A 38 -20.96 -4.52 -17.38
N ILE A 39 -20.26 -4.55 -16.25
CA ILE A 39 -20.05 -3.36 -15.43
C ILE A 39 -18.90 -2.55 -16.03
N MET A 40 -19.09 -1.26 -16.20
CA MET A 40 -18.06 -0.49 -16.89
C MET A 40 -16.81 -0.32 -16.04
N HIS A 41 -16.98 -0.15 -14.72
CA HIS A 41 -15.86 -0.03 -13.77
C HIS A 41 -16.08 -1.00 -12.62
N PRO A 42 -15.85 -2.30 -12.84
CA PRO A 42 -16.24 -3.27 -11.79
C PRO A 42 -15.29 -3.31 -10.61
N SER A 43 -14.07 -2.80 -10.72
CA SER A 43 -13.06 -3.11 -9.73
C SER A 43 -12.26 -1.85 -9.39
N GLN A 44 -11.99 -1.67 -8.10
CA GLN A 44 -11.08 -0.63 -7.63
C GLN A 44 -9.73 -1.20 -7.20
N HIS A 45 -9.50 -2.49 -7.43
CA HIS A 45 -8.23 -3.14 -7.12
C HIS A 45 -7.10 -2.42 -7.88
N ALA A 46 -6.23 -1.73 -7.15
CA ALA A 46 -5.07 -1.09 -7.72
C ALA A 46 -3.81 -1.74 -7.17
N ARG A 47 -2.71 -1.57 -7.88
CA ARG A 47 -1.49 -2.28 -7.54
C ARG A 47 -0.66 -1.56 -6.47
N ARG A 48 -0.83 -0.25 -6.31
CA ARG A 48 -0.18 0.52 -5.27
C ARG A 48 -1.20 1.40 -4.57
N PRO A 49 -0.99 1.73 -3.31
CA PRO A 49 -1.93 2.61 -2.62
C PRO A 49 -1.73 4.08 -3.00
N GLU A 50 -2.83 4.82 -2.85
CA GLU A 50 -2.83 6.26 -2.57
C GLU A 50 -1.75 7.08 -3.26
N ASP A 51 -0.93 7.76 -2.46
CA ASP A 51 0.06 8.70 -2.96
C ASP A 51 1.44 8.01 -2.93
N VAL A 52 2.47 8.61 -2.35
CA VAL A 52 3.80 8.02 -2.41
C VAL A 52 3.82 6.75 -1.56
N ALA A 53 4.08 5.63 -2.22
CA ALA A 53 4.17 4.33 -1.56
C ALA A 53 5.42 4.25 -0.71
N THR A 54 5.40 3.32 0.24
CA THR A 54 6.62 2.95 0.94
C THR A 54 7.47 2.06 0.04
N LYS A 55 8.70 1.79 0.46
CA LYS A 55 9.61 0.96 -0.32
C LYS A 55 9.02 -0.42 -0.60
N ASP A 56 8.53 -1.09 0.45
CA ASP A 56 7.97 -2.42 0.27
C ASP A 56 6.67 -2.40 -0.53
N GLN A 57 6.13 -1.23 -0.81
CA GLN A 57 4.96 -1.17 -1.68
C GLN A 57 5.35 -0.94 -3.13
N LEU A 58 6.34 -0.08 -3.36
CA LEU A 58 6.71 0.18 -4.74
C LEU A 58 7.72 -0.81 -5.27
N PHE A 59 8.77 -1.14 -4.52
CA PHE A 59 9.82 -1.96 -5.11
C PHE A 59 9.31 -3.29 -5.65
N PRO A 60 8.40 -4.03 -4.98
CA PRO A 60 7.93 -5.29 -5.58
C PRO A 60 7.33 -5.13 -6.96
N LEU A 61 6.59 -4.04 -7.18
CA LEU A 61 5.98 -3.82 -8.50
C LEU A 61 7.04 -3.47 -9.53
N ALA A 62 8.03 -2.66 -9.14
CA ALA A 62 9.12 -2.34 -10.06
C ALA A 62 9.88 -3.58 -10.46
N LYS A 63 10.22 -4.42 -9.48
CA LYS A 63 11.00 -5.64 -9.77
C LYS A 63 10.24 -6.55 -10.73
N GLU A 64 8.93 -6.68 -10.52
CA GLU A 64 8.12 -7.51 -11.41
C GLU A 64 8.20 -7.01 -12.85
N PHE A 65 8.06 -5.69 -13.04
CA PHE A 65 8.12 -5.15 -14.39
C PHE A 65 9.51 -5.29 -14.99
N ILE A 66 10.55 -4.94 -14.21
CA ILE A 66 11.90 -5.05 -14.76
C ILE A 66 12.20 -6.51 -15.11
N ASP A 67 11.79 -7.43 -14.23
CA ASP A 67 11.90 -8.86 -14.52
C ASP A 67 11.24 -9.23 -15.85
N GLN A 68 10.00 -8.77 -16.04
CA GLN A 68 9.27 -9.04 -17.27
C GLN A 68 9.98 -8.47 -18.49
N TYR A 69 10.45 -7.21 -18.42
CA TYR A 69 11.15 -6.63 -19.56
C TYR A 69 12.42 -7.40 -19.87
N TYR A 70 13.24 -7.71 -18.86
CA TYR A 70 14.46 -8.44 -19.18
C TYR A 70 14.19 -9.87 -19.61
N SER A 71 13.09 -10.47 -19.15
CA SER A 71 12.68 -11.76 -19.69
C SER A 71 12.30 -11.64 -21.16
N SER A 72 11.56 -10.59 -21.52
CA SER A 72 11.09 -10.43 -22.89
C SER A 72 12.25 -10.35 -23.88
N ILE A 73 13.41 -9.84 -23.46
CA ILE A 73 14.56 -9.74 -24.35
C ILE A 73 15.59 -10.83 -24.09
N LYS A 74 15.18 -11.96 -23.51
CA LYS A 74 16.03 -13.15 -23.39
C LYS A 74 17.28 -12.88 -22.56
N ARG A 75 17.14 -11.99 -21.58
CA ARG A 75 18.17 -11.89 -20.56
C ARG A 75 17.64 -12.53 -19.29
N PHE A 76 17.32 -11.72 -18.28
CA PHE A 76 16.92 -12.19 -16.96
C PHE A 76 18.12 -12.82 -16.26
N GLY A 77 18.47 -12.28 -15.10
CA GLY A 77 19.69 -12.63 -14.42
C GLY A 77 20.94 -12.08 -15.07
N SER A 78 20.82 -11.43 -16.23
CA SER A 78 21.97 -10.89 -16.91
C SER A 78 22.62 -9.82 -16.05
N LYS A 79 23.86 -9.48 -16.41
CA LYS A 79 24.53 -8.36 -15.75
C LYS A 79 23.60 -7.15 -15.69
N ALA A 80 23.08 -6.73 -16.85
CA ALA A 80 22.28 -5.50 -16.90
C ALA A 80 21.01 -5.61 -16.07
N HIS A 81 20.36 -6.78 -16.08
CA HIS A 81 19.18 -6.98 -15.25
C HIS A 81 19.49 -6.79 -13.78
N MET A 82 20.55 -7.45 -13.29
CA MET A 82 20.87 -7.36 -11.87
C MET A 82 21.29 -5.94 -11.49
N GLU A 83 22.08 -5.28 -12.35
CA GLU A 83 22.42 -3.88 -12.11
C GLU A 83 21.17 -3.02 -12.09
N ARG A 84 20.31 -3.19 -13.08
CA ARG A 84 19.06 -2.42 -13.13
C ARG A 84 18.27 -2.55 -11.83
N LEU A 85 18.15 -3.77 -11.31
CA LEU A 85 17.46 -3.97 -10.04
C LEU A 85 18.11 -3.15 -8.94
N GLU A 86 19.44 -3.25 -8.80
CA GLU A 86 20.13 -2.48 -7.79
C GLU A 86 19.95 -0.98 -8.02
N GLU A 87 19.90 -0.55 -9.28
CA GLU A 87 19.73 0.86 -9.58
C GLU A 87 18.33 1.33 -9.15
N VAL A 88 17.30 0.58 -9.53
CA VAL A 88 15.94 0.91 -9.11
C VAL A 88 15.86 0.93 -7.59
N ASN A 89 16.57 0.01 -6.94
CA ASN A 89 16.58 -0.07 -5.48
C ASN A 89 17.12 1.22 -4.87
N LYS A 90 18.27 1.71 -5.37
CA LYS A 90 18.85 2.94 -4.82
C LYS A 90 17.98 4.15 -5.13
N GLU A 91 17.39 4.17 -6.33
CA GLU A 91 16.53 5.27 -6.73
C GLU A 91 15.32 5.40 -5.82
N ILE A 92 14.68 4.27 -5.51
CA ILE A 92 13.56 4.27 -4.59
C ILE A 92 14.02 4.67 -3.20
N ASP A 93 15.16 4.11 -2.76
CA ASP A 93 15.73 4.45 -1.46
C ASP A 93 15.93 5.95 -1.29
N THR A 94 16.29 6.64 -2.37
CA THR A 94 16.72 8.04 -2.25
C THR A 94 15.73 9.04 -2.83
N THR A 95 14.65 8.60 -3.50
CA THR A 95 13.65 9.54 -3.98
C THR A 95 12.21 9.07 -3.78
N SER A 96 11.99 7.86 -3.27
CA SER A 96 10.67 7.22 -3.15
C SER A 96 10.07 6.83 -4.49
N THR A 97 10.81 6.94 -5.60
CA THR A 97 10.30 6.54 -6.91
C THR A 97 11.48 6.05 -7.74
N TYR A 98 11.26 5.81 -9.03
CA TYR A 98 12.36 5.50 -9.95
C TYR A 98 11.98 5.95 -11.34
N GLN A 99 12.97 5.94 -12.24
CA GLN A 99 12.80 6.45 -13.60
C GLN A 99 13.02 5.32 -14.59
N LEU A 100 12.11 5.20 -15.55
CA LEU A 100 12.22 4.19 -16.60
C LEU A 100 13.26 4.58 -17.64
N LYS A 101 14.06 3.61 -18.06
CA LYS A 101 14.86 3.75 -19.27
C LYS A 101 13.95 3.90 -20.48
N ASP A 102 14.48 4.58 -21.52
CA ASP A 102 13.72 4.78 -22.75
C ASP A 102 13.19 3.46 -23.32
N THR A 103 14.05 2.43 -23.36
CA THR A 103 13.60 1.12 -23.85
C THR A 103 12.47 0.57 -22.99
N GLU A 104 12.57 0.72 -21.67
CA GLU A 104 11.53 0.24 -20.77
C GLU A 104 10.22 1.00 -20.99
N LEU A 105 10.32 2.31 -21.20
CA LEU A 105 9.15 3.13 -21.48
C LEU A 105 8.45 2.67 -22.74
N ILE A 106 9.22 2.47 -23.81
CA ILE A 106 8.61 2.04 -25.07
C ILE A 106 7.96 0.67 -24.90
N TYR A 107 8.70 -0.27 -24.30
CA TYR A 107 8.18 -1.61 -24.04
C TYR A 107 6.90 -1.56 -23.23
N GLY A 108 6.87 -0.73 -22.19
CA GLY A 108 5.71 -0.65 -21.33
C GLY A 108 4.50 -0.08 -22.04
N ALA A 109 4.69 0.98 -22.82
CA ALA A 109 3.57 1.57 -23.54
C ALA A 109 2.98 0.57 -24.54
N LYS A 110 3.82 -0.16 -25.26
CA LYS A 110 3.30 -1.10 -26.25
C LYS A 110 2.57 -2.23 -25.57
N HIS A 111 3.07 -2.67 -24.42
CA HIS A 111 2.44 -3.79 -23.74
C HIS A 111 1.16 -3.36 -23.02
N ALA A 112 1.06 -2.09 -22.63
CA ALA A 112 -0.21 -1.60 -22.14
C ALA A 112 -1.28 -1.67 -23.23
N TRP A 113 -0.93 -1.29 -24.46
CA TRP A 113 -1.87 -1.42 -25.56
C TRP A 113 -2.14 -2.90 -25.87
N ARG A 114 -1.10 -3.73 -25.91
CA ARG A 114 -1.28 -5.14 -26.18
C ARG A 114 -2.19 -5.80 -25.13
N ASN A 115 -2.22 -5.24 -23.93
CA ASN A 115 -2.97 -5.82 -22.84
C ASN A 115 -4.37 -5.24 -22.70
N ALA A 116 -4.76 -4.29 -23.56
CA ALA A 116 -6.01 -3.57 -23.38
C ALA A 116 -7.16 -4.44 -23.89
N SER A 117 -7.82 -5.14 -22.97
CA SER A 117 -8.77 -6.16 -23.37
CA SER A 117 -8.81 -6.15 -23.30
C SER A 117 -9.98 -5.58 -24.10
N ARG A 118 -10.25 -4.28 -23.98
CA ARG A 118 -11.41 -3.68 -24.63
C ARG A 118 -11.11 -3.13 -26.01
N CYS A 119 -9.89 -3.33 -26.55
CA CYS A 119 -9.49 -2.69 -27.80
C CYS A 119 -9.45 -3.71 -28.92
N VAL A 120 -10.29 -3.50 -29.94
CA VAL A 120 -10.37 -4.37 -31.12
C VAL A 120 -9.24 -4.13 -32.11
N GLY A 121 -8.44 -3.07 -31.93
CA GLY A 121 -7.40 -2.68 -32.84
C GLY A 121 -6.00 -3.19 -32.56
N ARG A 122 -5.84 -4.12 -31.62
CA ARG A 122 -4.51 -4.47 -31.10
C ARG A 122 -3.66 -5.31 -32.05
N ILE A 123 -4.13 -5.71 -33.24
CA ILE A 123 -3.22 -6.38 -34.15
C ILE A 123 -2.04 -5.46 -34.50
N GLN A 124 -2.21 -4.16 -34.26
CA GLN A 124 -1.25 -3.10 -34.56
C GLN A 124 -0.30 -2.77 -33.40
N TRP A 125 -0.40 -3.49 -32.28
CA TRP A 125 0.10 -3.01 -30.99
C TRP A 125 1.60 -2.72 -31.00
N SER A 126 2.39 -3.46 -31.79
CA SER A 126 3.83 -3.23 -31.73
C SER A 126 4.26 -2.10 -32.65
N LYS A 127 3.37 -1.59 -33.48
CA LYS A 127 3.66 -0.43 -34.34
C LYS A 127 3.04 0.79 -33.67
N LEU A 128 3.77 1.32 -32.68
CA LEU A 128 3.30 2.43 -31.86
C LEU A 128 4.45 3.40 -31.70
N GLN A 129 4.22 4.66 -32.03
CA GLN A 129 5.27 5.66 -31.93
C GLN A 129 5.20 6.27 -30.54
N VAL A 130 6.28 6.20 -29.77
CA VAL A 130 6.29 6.65 -28.39
C VAL A 130 7.08 7.96 -28.29
N PHE A 131 6.40 9.04 -27.84
CA PHE A 131 7.04 10.32 -27.62
C PHE A 131 7.28 10.51 -26.12
N ASP A 132 8.55 10.57 -25.73
CA ASP A 132 8.95 10.77 -24.35
C ASP A 132 8.87 12.27 -24.02
N ALA A 133 7.87 12.63 -23.22
CA ALA A 133 7.66 14.02 -22.80
C ALA A 133 7.90 14.18 -21.30
N ARG A 134 8.75 13.34 -20.71
CA ARG A 134 8.98 13.40 -19.28
C ARG A 134 9.86 14.56 -18.84
N ASP A 135 10.38 15.37 -19.76
CA ASP A 135 11.12 16.56 -19.37
C ASP A 135 10.21 17.78 -19.29
N CYS A 136 8.93 17.62 -19.58
CA CYS A 136 7.98 18.73 -19.61
C CYS A 136 7.82 19.34 -18.22
N THR A 137 7.69 20.66 -18.16
CA THR A 137 7.49 21.32 -16.88
C THR A 137 6.31 22.27 -16.81
N THR A 138 5.74 22.72 -17.93
CA THR A 138 4.66 23.71 -17.86
C THR A 138 3.56 23.34 -18.84
N ALA A 139 2.39 23.96 -18.67
CA ALA A 139 1.28 23.69 -19.57
C ALA A 139 1.60 24.15 -20.99
N HIS A 140 2.43 25.18 -21.14
CA HIS A 140 2.86 25.57 -22.48
C HIS A 140 3.67 24.48 -23.14
N GLY A 141 4.57 23.85 -22.38
CA GLY A 141 5.31 22.71 -22.91
C GLY A 141 4.41 21.53 -23.25
N MET A 142 3.40 21.26 -22.43
CA MET A 142 2.46 20.18 -22.75
C MET A 142 1.74 20.48 -24.07
N PHE A 143 1.35 21.74 -24.28
CA PHE A 143 0.69 22.14 -25.51
C PHE A 143 1.58 21.87 -26.72
N ASN A 144 2.86 22.26 -26.61
CA ASN A 144 3.83 22.00 -27.69
C ASN A 144 3.92 20.51 -27.97
N TYR A 145 4.09 19.68 -26.93
CA TYR A 145 4.16 18.23 -27.13
C TYR A 145 2.89 17.71 -27.79
N ILE A 146 1.74 18.26 -27.42
CA ILE A 146 0.49 17.71 -27.95
C ILE A 146 0.32 18.12 -29.40
N CYS A 147 0.71 19.36 -29.75
CA CYS A 147 0.63 19.79 -31.14
C CYS A 147 1.49 18.90 -32.03
N ASN A 148 2.69 18.54 -31.57
CA ASN A 148 3.56 17.68 -32.36
C ASN A 148 2.98 16.28 -32.49
N HIS A 149 2.42 15.75 -31.40
CA HIS A 149 1.73 14.46 -31.45
C HIS A 149 0.65 14.49 -32.52
N VAL A 150 -0.25 15.49 -32.44
CA VAL A 150 -1.37 15.59 -33.37
C VAL A 150 -0.87 15.67 -34.82
N LYS A 151 0.18 16.47 -35.06
CA LYS A 151 0.67 16.62 -36.43
C LYS A 151 1.28 15.32 -36.94
N TYR A 152 2.11 14.68 -36.11
CA TYR A 152 2.72 13.41 -36.51
C TYR A 152 1.66 12.35 -36.73
N ALA A 153 0.72 12.23 -35.81
CA ALA A 153 -0.28 11.14 -35.88
C ALA A 153 -1.24 11.33 -37.05
N THR A 154 -1.63 12.58 -37.32
CA THR A 154 -2.55 12.86 -38.42
C THR A 154 -1.91 12.59 -39.78
N ASN A 155 -0.70 13.13 -40.01
CA ASN A 155 0.11 12.76 -41.18
C ASN A 155 -0.68 12.97 -42.48
N LYS A 156 -1.40 14.09 -42.55
CA LYS A 156 -2.20 14.47 -43.72
C LYS A 156 -3.22 13.38 -44.10
N GLY A 157 -3.70 12.63 -43.11
CA GLY A 157 -4.75 11.65 -43.31
C GLY A 157 -4.28 10.21 -43.28
N ASN A 158 -2.99 9.97 -43.46
CA ASN A 158 -2.42 8.63 -43.37
C ASN A 158 -2.02 8.37 -41.92
N LEU A 159 -3.03 8.06 -41.09
CA LEU A 159 -2.88 8.16 -39.65
C LEU A 159 -1.86 7.16 -39.10
N ARG A 160 -1.18 7.56 -38.03
CA ARG A 160 -0.14 6.74 -37.40
C ARG A 160 -0.38 6.72 -35.90
N SER A 161 -0.38 5.52 -35.30
CA SER A 161 -0.61 5.42 -33.87
CA SER A 161 -0.60 5.40 -33.88
C SER A 161 0.54 6.04 -33.08
N ALA A 162 0.19 6.75 -32.01
CA ALA A 162 1.22 7.39 -31.19
C ALA A 162 0.72 7.59 -29.77
N ILE A 163 1.67 7.72 -28.85
CA ILE A 163 1.40 8.06 -27.45
C ILE A 163 2.46 9.05 -27.01
N THR A 164 2.04 10.08 -26.27
CA THR A 164 2.96 11.04 -25.68
C THR A 164 2.86 10.94 -24.16
N ILE A 165 3.99 10.76 -23.50
CA ILE A 165 4.02 10.39 -22.08
C ILE A 165 4.69 11.52 -21.29
N PHE A 166 3.87 12.22 -20.50
CA PHE A 166 4.28 13.31 -19.63
C PHE A 166 4.77 12.78 -18.29
N PRO A 167 5.33 13.62 -17.43
CA PRO A 167 5.98 13.11 -16.22
C PRO A 167 5.03 12.32 -15.32
N GLN A 168 5.57 11.25 -14.76
CA GLN A 168 4.78 10.37 -13.90
C GLN A 168 4.35 11.09 -12.63
N ARG A 169 3.34 10.52 -11.99
CA ARG A 169 2.87 11.03 -10.71
C ARG A 169 3.96 10.87 -9.65
N THR A 170 4.05 11.84 -8.75
CA THR A 170 5.01 11.77 -7.66
C THR A 170 4.29 11.66 -6.33
N ASP A 171 3.82 12.78 -5.80
CA ASP A 171 3.13 12.77 -4.52
C ASP A 171 1.62 12.86 -4.65
N GLY A 172 1.09 13.00 -5.86
CA GLY A 172 -0.34 13.12 -6.07
C GLY A 172 -0.89 14.53 -6.05
N LYS A 173 -0.08 15.51 -5.68
CA LYS A 173 -0.47 16.91 -5.75
C LYS A 173 0.24 17.66 -6.87
N HIS A 174 1.07 16.97 -7.65
CA HIS A 174 1.81 17.58 -8.74
C HIS A 174 1.51 16.85 -10.05
N ASP A 175 0.28 16.39 -10.19
CA ASP A 175 -0.09 15.60 -11.35
C ASP A 175 -0.03 16.44 -12.62
N PHE A 176 0.46 15.81 -13.70
CA PHE A 176 0.19 16.29 -15.04
C PHE A 176 -1.14 15.68 -15.50
N ARG A 177 -2.03 16.53 -16.02
CA ARG A 177 -3.31 16.05 -16.52
C ARG A 177 -3.70 16.81 -17.79
N VAL A 178 -4.22 16.08 -18.76
CA VAL A 178 -5.04 16.69 -19.80
C VAL A 178 -6.47 16.61 -19.31
N TRP A 179 -7.12 17.76 -19.14
CA TRP A 179 -8.48 17.73 -18.64
C TRP A 179 -9.46 17.27 -19.72
N ASN A 180 -9.14 17.49 -21.00
CA ASN A 180 -9.99 16.99 -22.07
C ASN A 180 -10.03 15.47 -22.03
N SER A 181 -11.19 14.91 -22.41
CA SER A 181 -11.30 13.45 -22.47
C SER A 181 -10.63 12.91 -23.72
N GLN A 182 -10.72 13.63 -24.83
CA GLN A 182 -9.92 13.38 -26.02
C GLN A 182 -9.30 14.70 -26.46
N LEU A 183 -8.15 14.60 -27.13
CA LEU A 183 -7.45 15.80 -27.57
C LEU A 183 -8.37 16.66 -28.43
N ILE A 184 -9.20 16.03 -29.26
CA ILE A 184 -10.10 16.71 -30.17
C ILE A 184 -11.52 16.19 -29.92
N ARG A 185 -12.40 17.03 -29.38
CA ARG A 185 -13.84 16.78 -29.26
C ARG A 185 -14.56 18.09 -29.55
N TYR A 186 -15.87 18.00 -29.73
CA TYR A 186 -16.72 19.16 -29.99
C TYR A 186 -17.44 19.60 -28.72
N ALA A 187 -17.70 20.91 -28.63
CA ALA A 187 -18.37 21.46 -27.47
C ALA A 187 -19.85 21.05 -27.44
N GLY A 188 -20.41 21.10 -26.24
CA GLY A 188 -21.84 21.01 -26.06
C GLY A 188 -22.34 22.16 -25.23
N TYR A 189 -23.50 22.69 -25.62
CA TYR A 189 -24.05 23.88 -24.97
C TYR A 189 -25.48 23.60 -24.55
N LYS A 190 -25.80 23.92 -23.31
CA LYS A 190 -27.16 23.82 -22.82
C LYS A 190 -27.95 25.04 -23.31
N GLN A 191 -28.99 24.81 -24.09
CA GLN A 191 -29.77 25.88 -24.67
C GLN A 191 -30.83 26.38 -23.68
N PRO A 192 -31.28 27.64 -23.83
CA PRO A 192 -32.22 28.19 -22.85
C PRO A 192 -33.51 27.40 -22.72
N ASP A 193 -34.07 26.92 -23.83
CA ASP A 193 -35.30 26.13 -23.75
C ASP A 193 -35.05 24.80 -23.06
N GLY A 194 -33.87 24.23 -23.23
CA GLY A 194 -33.55 22.98 -22.56
C GLY A 194 -32.97 21.94 -23.48
N SER A 195 -32.95 22.22 -24.78
CA SER A 195 -32.25 21.36 -25.72
C SER A 195 -30.74 21.54 -25.56
N THR A 196 -29.97 20.73 -26.28
CA THR A 196 -28.52 20.80 -26.27
C THR A 196 -28.00 21.06 -27.68
N LEU A 197 -27.09 22.01 -27.79
CA LEU A 197 -26.38 22.26 -29.04
C LEU A 197 -25.00 21.63 -28.97
N GLY A 198 -24.61 20.94 -30.04
CA GLY A 198 -23.33 20.26 -30.08
C GLY A 198 -23.35 18.90 -29.41
N ASP A 199 -22.26 18.55 -28.73
CA ASP A 199 -22.12 17.21 -28.17
C ASP A 199 -22.59 17.21 -26.72
N PRO A 200 -23.69 16.53 -26.38
CA PRO A 200 -24.18 16.60 -24.99
C PRO A 200 -23.21 16.05 -23.97
N ALA A 201 -22.38 15.07 -24.34
CA ALA A 201 -21.43 14.48 -23.41
C ALA A 201 -20.40 15.49 -22.92
N ASN A 202 -20.16 16.55 -23.67
CA ASN A 202 -19.11 17.50 -23.34
C ASN A 202 -19.65 18.78 -22.70
N VAL A 203 -20.92 18.79 -22.30
CA VAL A 203 -21.53 20.01 -21.77
C VAL A 203 -20.78 20.50 -20.54
N GLN A 204 -20.50 19.58 -19.61
CA GLN A 204 -19.82 19.99 -18.38
C GLN A 204 -18.42 20.50 -18.66
N PHE A 205 -17.64 19.75 -19.45
CA PHE A 205 -16.30 20.20 -19.76
C PHE A 205 -16.31 21.54 -20.50
N THR A 206 -17.28 21.72 -21.41
CA THR A 206 -17.43 22.98 -22.11
C THR A 206 -17.68 24.14 -21.14
N GLU A 207 -18.50 23.91 -20.12
CA GLU A 207 -18.80 24.99 -19.18
C GLU A 207 -17.56 25.39 -18.39
N ILE A 208 -16.71 24.42 -18.04
CA ILE A 208 -15.46 24.73 -17.37
C ILE A 208 -14.59 25.61 -18.27
N CYS A 209 -14.46 25.24 -19.55
CA CYS A 209 -13.68 26.05 -20.48
C CYS A 209 -14.23 27.46 -20.57
N ILE A 210 -15.55 27.58 -20.74
CA ILE A 210 -16.17 28.90 -20.80
C ILE A 210 -15.87 29.66 -19.52
N GLN A 211 -16.04 29.00 -18.38
CA GLN A 211 -15.77 29.63 -17.10
C GLN A 211 -14.30 30.02 -16.95
N GLN A 212 -13.41 29.35 -17.67
CA GLN A 212 -12.01 29.71 -17.64
C GLN A 212 -11.65 30.78 -18.65
N GLY A 213 -12.62 31.30 -19.40
CA GLY A 213 -12.39 32.40 -20.31
C GLY A 213 -12.53 32.07 -21.77
N TRP A 214 -12.80 30.81 -22.12
CA TRP A 214 -13.01 30.47 -23.52
C TRP A 214 -14.21 31.20 -24.07
N LYS A 215 -14.05 31.74 -25.28
CA LYS A 215 -15.14 32.40 -26.00
C LYS A 215 -15.72 31.40 -26.98
N PRO A 216 -16.89 30.82 -26.72
CA PRO A 216 -17.40 29.78 -27.58
C PRO A 216 -18.07 30.37 -28.80
N PRO A 217 -17.87 29.78 -29.98
CA PRO A 217 -18.68 30.17 -31.15
C PRO A 217 -20.13 29.75 -31.04
N ARG A 218 -20.44 28.79 -30.18
CA ARG A 218 -21.80 28.26 -30.01
C ARG A 218 -22.36 27.68 -31.31
N GLY A 219 -21.60 26.75 -31.90
CA GLY A 219 -22.04 25.96 -33.03
C GLY A 219 -22.26 24.50 -32.65
N ARG A 220 -22.59 23.71 -33.67
CA ARG A 220 -22.81 22.28 -33.48
C ARG A 220 -21.51 21.48 -33.45
N PHE A 221 -20.44 22.02 -34.03
CA PHE A 221 -19.17 21.29 -34.12
C PHE A 221 -18.00 22.25 -33.83
N ASP A 222 -17.98 22.78 -32.60
CA ASP A 222 -16.92 23.68 -32.15
C ASP A 222 -15.81 22.85 -31.51
N VAL A 223 -14.63 22.85 -32.13
CA VAL A 223 -13.50 22.13 -31.55
C VAL A 223 -13.15 22.77 -30.22
N LEU A 224 -13.13 21.96 -29.16
CA LEU A 224 -12.85 22.49 -27.83
C LEU A 224 -11.38 22.90 -27.71
N PRO A 225 -11.08 23.87 -26.84
CA PRO A 225 -9.68 24.15 -26.51
C PRO A 225 -9.09 23.01 -25.70
N LEU A 226 -7.75 23.00 -25.65
CA LEU A 226 -7.06 22.15 -24.70
C LEU A 226 -7.03 22.82 -23.33
N LEU A 227 -7.22 22.03 -22.28
CA LEU A 227 -7.19 22.48 -20.89
C LEU A 227 -6.15 21.63 -20.19
N LEU A 228 -4.96 22.18 -20.00
CA LEU A 228 -3.76 21.42 -19.67
C LEU A 228 -3.27 21.80 -18.28
N GLN A 229 -2.95 20.79 -17.47
CA GLN A 229 -2.45 20.94 -16.12
C GLN A 229 -1.06 20.33 -16.01
N ALA A 230 -0.10 21.13 -15.58
CA ALA A 230 1.30 20.73 -15.40
C ALA A 230 1.67 20.84 -13.94
N ASN A 231 2.27 19.78 -13.41
CA ASN A 231 2.85 19.79 -12.07
C ASN A 231 1.85 20.26 -11.00
N GLY A 232 0.58 19.90 -11.17
CA GLY A 232 -0.43 20.19 -10.18
C GLY A 232 -0.96 21.61 -10.16
N ASN A 233 -0.49 22.49 -11.03
CA ASN A 233 -0.98 23.86 -11.01
C ASN A 233 -2.39 23.93 -11.63
N ASP A 234 -2.99 25.12 -11.54
CA ASP A 234 -4.27 25.34 -12.22
C ASP A 234 -4.12 25.08 -13.72
N PRO A 235 -5.13 24.53 -14.37
CA PRO A 235 -5.02 24.26 -15.81
C PRO A 235 -5.10 25.52 -16.64
N GLU A 236 -4.59 25.43 -17.87
CA GLU A 236 -4.51 26.58 -18.77
C GLU A 236 -5.09 26.22 -20.15
N LEU A 237 -5.77 27.18 -20.78
CA LEU A 237 -6.43 26.94 -22.07
C LEU A 237 -5.49 27.23 -23.26
N PHE A 238 -5.60 26.40 -24.30
CA PHE A 238 -4.85 26.58 -25.54
C PHE A 238 -5.72 26.18 -26.72
N GLN A 239 -5.66 26.96 -27.80
CA GLN A 239 -6.41 26.65 -29.01
C GLN A 239 -5.53 25.84 -29.96
N ILE A 240 -5.92 24.60 -30.23
CA ILE A 240 -5.18 23.80 -31.21
C ILE A 240 -5.22 24.52 -32.55
N PRO A 241 -4.09 24.75 -33.19
CA PRO A 241 -4.11 25.39 -34.52
C PRO A 241 -5.02 24.61 -35.45
N PRO A 242 -6.03 25.27 -36.03
CA PRO A 242 -7.05 24.51 -36.78
C PRO A 242 -6.47 23.73 -37.95
N GLU A 243 -5.34 24.18 -38.51
CA GLU A 243 -4.72 23.43 -39.60
C GLU A 243 -4.17 22.09 -39.13
N LEU A 244 -4.03 21.90 -37.83
CA LEU A 244 -3.66 20.59 -37.32
C LEU A 244 -4.86 19.69 -37.09
N VAL A 245 -6.08 20.21 -37.15
CA VAL A 245 -7.28 19.44 -36.81
C VAL A 245 -7.95 18.99 -38.11
N LEU A 246 -7.68 17.77 -38.53
CA LEU A 246 -8.23 17.24 -39.76
C LEU A 246 -9.69 16.84 -39.54
N GLU A 247 -10.58 17.34 -40.38
CA GLU A 247 -12.00 17.05 -40.28
C GLU A 247 -12.54 16.54 -41.61
N VAL A 248 -13.59 15.72 -41.53
CA VAL A 248 -14.17 15.06 -42.69
C VAL A 248 -15.64 15.47 -42.79
N PRO A 249 -16.05 16.23 -43.81
CA PRO A 249 -17.48 16.44 -44.03
C PRO A 249 -18.16 15.14 -44.45
N ILE A 250 -19.31 14.85 -43.86
CA ILE A 250 -19.99 13.57 -44.07
C ILE A 250 -21.01 13.72 -45.20
N ARG A 251 -20.83 12.94 -46.26
CA ARG A 251 -21.79 12.86 -47.35
C ARG A 251 -22.03 11.39 -47.68
N HIS A 252 -23.06 11.14 -48.50
CA HIS A 252 -23.51 9.79 -48.80
C HIS A 252 -23.32 9.47 -50.28
N PRO A 253 -22.92 8.24 -50.62
CA PRO A 253 -22.66 7.92 -52.03
C PRO A 253 -23.91 7.90 -52.92
N LYS A 254 -25.09 7.77 -52.34
CA LYS A 254 -26.32 7.77 -53.14
C LYS A 254 -27.25 8.94 -52.80
N PHE A 255 -27.38 9.28 -51.53
CA PHE A 255 -28.32 10.31 -51.08
C PHE A 255 -27.66 11.67 -51.22
N GLU A 256 -27.98 12.38 -52.30
CA GLU A 256 -27.43 13.71 -52.53
C GLU A 256 -27.76 14.66 -51.37
N TRP A 257 -28.88 14.42 -50.69
CA TRP A 257 -29.30 15.33 -49.63
C TRP A 257 -28.52 15.15 -48.34
N PHE A 258 -27.75 14.06 -48.20
CA PHE A 258 -27.09 13.80 -46.93
C PHE A 258 -26.14 14.93 -46.55
N LYS A 259 -25.44 15.49 -47.54
CA LYS A 259 -24.49 16.55 -47.24
C LYS A 259 -25.16 17.73 -46.56
N ASP A 260 -26.43 17.97 -46.88
CA ASP A 260 -27.14 19.13 -46.36
C ASP A 260 -27.52 18.99 -44.88
N LEU A 261 -27.29 17.82 -44.26
CA LEU A 261 -27.42 17.71 -42.82
C LEU A 261 -26.31 18.47 -42.09
N GLY A 262 -25.26 18.88 -42.79
CA GLY A 262 -24.16 19.61 -42.17
C GLY A 262 -23.35 18.84 -41.15
N LEU A 263 -23.30 17.52 -41.26
CA LEU A 263 -22.52 16.72 -40.33
C LEU A 263 -21.05 16.68 -40.74
N LYS A 264 -20.17 16.68 -39.74
CA LYS A 264 -18.75 16.42 -39.93
C LYS A 264 -18.23 15.67 -38.71
N TRP A 265 -17.01 15.14 -38.81
CA TRP A 265 -16.32 14.60 -37.66
C TRP A 265 -14.82 14.79 -37.88
N TYR A 266 -14.07 14.60 -36.80
CA TYR A 266 -12.62 14.75 -36.88
C TYR A 266 -11.99 13.40 -37.18
N GLY A 267 -10.76 13.44 -37.71
CA GLY A 267 -10.12 12.22 -38.16
C GLY A 267 -9.36 11.47 -37.10
N LEU A 268 -8.93 12.16 -36.04
CA LEU A 268 -7.97 11.61 -35.09
C LEU A 268 -8.66 11.28 -33.77
N PRO A 269 -8.84 10.00 -33.41
CA PRO A 269 -9.31 9.66 -32.06
C PRO A 269 -8.13 9.58 -31.11
N ALA A 270 -8.15 10.39 -30.06
CA ALA A 270 -6.95 10.57 -29.23
C ALA A 270 -7.34 10.62 -27.76
N VAL A 271 -7.36 9.45 -27.11
CA VAL A 271 -7.81 9.40 -25.71
C VAL A 271 -6.78 10.07 -24.82
N SER A 272 -7.22 11.02 -24.00
CA SER A 272 -6.28 11.76 -23.16
C SER A 272 -6.64 11.76 -21.67
N ASN A 273 -7.62 10.97 -21.23
CA ASN A 273 -8.00 11.02 -19.82
C ASN A 273 -7.67 9.74 -19.06
N MET A 274 -6.95 8.82 -19.66
CA MET A 274 -6.64 7.57 -18.99
C MET A 274 -5.25 7.64 -18.37
N LEU A 275 -4.95 6.63 -17.57
CA LEU A 275 -3.70 6.56 -16.81
C LEU A 275 -2.91 5.34 -17.28
N LEU A 276 -1.61 5.52 -17.49
CA LEU A 276 -0.74 4.45 -17.96
C LEU A 276 0.08 3.96 -16.78
N GLU A 277 -0.07 2.70 -16.42
CA GLU A 277 0.62 2.14 -15.26
C GLU A 277 1.70 1.17 -15.73
N ILE A 278 2.95 1.44 -15.35
CA ILE A 278 4.10 0.60 -15.68
C ILE A 278 4.92 0.42 -14.41
N GLY A 279 5.09 -0.83 -13.99
CA GLY A 279 5.95 -1.13 -12.85
C GLY A 279 5.64 -0.33 -11.61
N GLY A 280 4.37 -0.06 -11.35
CA GLY A 280 4.00 0.74 -10.21
C GLY A 280 4.06 2.23 -10.41
N LEU A 281 4.56 2.70 -11.55
CA LEU A 281 4.58 4.12 -11.85
C LEU A 281 3.29 4.49 -12.57
N GLU A 282 2.75 5.67 -12.24
CA GLU A 282 1.47 6.12 -12.76
C GLU A 282 1.67 7.36 -13.63
N PHE A 283 1.41 7.23 -14.92
CA PHE A 283 1.52 8.33 -15.87
C PHE A 283 0.11 8.87 -16.12
N SER A 284 -0.24 9.93 -15.39
CA SER A 284 -1.58 10.48 -15.37
C SER A 284 -1.92 11.28 -16.61
N ALA A 285 -0.92 11.64 -17.41
CA ALA A 285 -1.11 12.32 -18.69
C ALA A 285 -0.38 11.51 -19.75
N CYS A 286 -1.13 10.87 -20.61
CA CYS A 286 -0.52 9.97 -21.58
C CYS A 286 -1.39 9.87 -22.83
N PRO A 287 -1.67 10.96 -23.53
CA PRO A 287 -2.59 10.90 -24.66
C PRO A 287 -2.09 9.93 -25.72
N PHE A 288 -3.01 9.07 -26.20
CA PHE A 288 -2.72 8.11 -27.26
C PHE A 288 -3.80 8.17 -28.32
N SER A 289 -3.42 7.82 -29.55
CA SER A 289 -4.28 8.02 -30.69
C SER A 289 -4.01 6.92 -31.70
N GLY A 290 -5.05 6.55 -32.44
CA GLY A 290 -4.90 5.63 -33.55
C GLY A 290 -5.73 6.11 -34.72
N TRP A 291 -6.68 5.29 -35.16
CA TRP A 291 -7.63 5.69 -36.19
C TRP A 291 -8.97 5.03 -35.89
N TYR A 292 -10.01 5.56 -36.51
CA TYR A 292 -11.38 5.20 -36.14
C TYR A 292 -11.83 3.89 -36.77
N MET A 293 -12.65 3.16 -36.02
CA MET A 293 -13.60 2.23 -36.62
C MET A 293 -14.88 3.01 -36.88
N GLY A 294 -15.44 2.87 -38.08
CA GLY A 294 -16.56 3.73 -38.50
C GLY A 294 -17.70 3.78 -37.50
N THR A 295 -18.01 2.66 -36.85
CA THR A 295 -19.16 2.59 -35.95
C THR A 295 -19.00 3.50 -34.74
N GLU A 296 -17.77 3.79 -34.32
CA GLU A 296 -17.56 4.70 -33.20
C GLU A 296 -18.25 6.04 -33.46
N ILE A 297 -18.09 6.57 -34.68
CA ILE A 297 -18.75 7.79 -35.11
C ILE A 297 -20.18 7.51 -35.56
N GLY A 298 -20.34 6.57 -36.50
CA GLY A 298 -21.63 6.37 -37.16
C GLY A 298 -22.71 5.78 -36.27
N VAL A 299 -22.32 4.99 -35.28
CA VAL A 299 -23.30 4.37 -34.40
C VAL A 299 -23.37 5.12 -33.07
N ARG A 300 -22.25 5.21 -32.36
CA ARG A 300 -22.26 5.78 -31.01
C ARG A 300 -22.30 7.31 -31.02
N ASP A 301 -21.30 7.96 -31.64
CA ASP A 301 -21.24 9.41 -31.60
C ASP A 301 -22.48 10.04 -32.22
N TYR A 302 -22.92 9.52 -33.36
CA TYR A 302 -24.05 10.10 -34.08
C TYR A 302 -25.40 9.63 -33.57
N CYS A 303 -25.53 8.36 -33.13
CA CYS A 303 -26.86 7.82 -32.90
C CYS A 303 -27.19 7.44 -31.46
N ASP A 304 -26.25 7.51 -30.51
CA ASP A 304 -26.64 7.38 -29.11
C ASP A 304 -27.68 8.44 -28.80
N ASN A 305 -28.69 8.07 -27.99
CA ASN A 305 -29.73 9.03 -27.63
C ASN A 305 -29.17 10.23 -26.87
N SER A 306 -28.14 10.02 -26.05
CA SER A 306 -27.57 11.11 -25.28
C SER A 306 -26.37 11.77 -25.98
N ARG A 307 -26.20 11.53 -27.29
CA ARG A 307 -25.13 12.18 -28.03
C ARG A 307 -25.75 13.04 -29.12
N TYR A 308 -25.25 12.95 -30.37
CA TYR A 308 -25.82 13.81 -31.40
C TYR A 308 -27.20 13.35 -31.85
N ASN A 309 -27.58 12.10 -31.57
CA ASN A 309 -28.97 11.64 -31.66
C ASN A 309 -29.61 12.02 -33.00
N ILE A 310 -28.98 11.62 -34.12
CA ILE A 310 -29.44 12.10 -35.43
C ILE A 310 -30.42 11.17 -36.14
N LEU A 311 -30.77 10.02 -35.54
CA LEU A 311 -31.59 9.03 -36.26
C LEU A 311 -32.89 9.62 -36.78
N GLU A 312 -33.58 10.40 -35.93
CA GLU A 312 -34.86 10.98 -36.36
C GLU A 312 -34.69 11.84 -37.61
N GLU A 313 -33.63 12.65 -37.68
CA GLU A 313 -33.44 13.56 -38.80
C GLU A 313 -33.12 12.80 -40.09
N VAL A 314 -32.27 11.78 -40.00
CA VAL A 314 -31.93 11.00 -41.19
C VAL A 314 -33.14 10.22 -41.68
N ALA A 315 -33.87 9.57 -40.77
CA ALA A 315 -35.03 8.80 -41.17
C ALA A 315 -36.06 9.67 -41.88
N LYS A 316 -36.25 10.91 -41.42
CA LYS A 316 -37.15 11.84 -42.08
C LYS A 316 -36.80 12.00 -43.56
N LYS A 317 -35.56 12.43 -43.83
CA LYS A 317 -35.14 12.64 -45.21
C LYS A 317 -35.22 11.36 -46.03
N MET A 318 -35.15 10.21 -45.37
CA MET A 318 -35.28 8.91 -46.04
C MET A 318 -36.72 8.54 -46.31
N ASN A 319 -37.68 9.30 -45.78
CA ASN A 319 -39.11 9.03 -45.99
C ASN A 319 -39.49 7.64 -45.46
N LEU A 320 -39.00 7.33 -44.26
CA LEU A 320 -39.32 6.05 -43.64
C LEU A 320 -40.54 6.19 -42.73
N ASP A 321 -41.25 5.08 -42.56
CA ASP A 321 -42.36 5.05 -41.60
C ASP A 321 -41.79 5.02 -40.20
N MET A 322 -42.02 6.08 -39.43
CA MET A 322 -41.50 6.17 -38.07
C MET A 322 -42.59 6.03 -37.00
N ARG A 323 -43.76 5.51 -37.38
CA ARG A 323 -44.86 5.36 -36.43
C ARG A 323 -44.56 4.30 -35.37
N LYS A 324 -43.99 3.19 -35.78
CA LYS A 324 -43.83 2.00 -34.94
C LYS A 324 -42.39 1.52 -34.97
N THR A 325 -41.94 0.89 -33.89
CA THR A 325 -40.57 0.39 -33.87
C THR A 325 -40.36 -0.70 -34.91
N SER A 326 -41.41 -1.47 -35.24
CA SER A 326 -41.26 -2.68 -36.02
C SER A 326 -41.02 -2.42 -37.51
N SER A 327 -41.18 -1.19 -38.01
CA SER A 327 -40.70 -0.91 -39.35
C SER A 327 -39.18 -0.91 -39.43
N LEU A 328 -38.51 -0.92 -38.27
CA LEU A 328 -37.06 -0.91 -38.18
C LEU A 328 -36.47 0.34 -38.83
N TRP A 329 -37.18 1.46 -38.72
CA TRP A 329 -36.70 2.68 -39.35
C TRP A 329 -35.37 3.13 -38.73
N LYS A 330 -35.17 2.90 -37.43
CA LYS A 330 -33.91 3.26 -36.82
C LYS A 330 -32.77 2.42 -37.38
N ASP A 331 -33.00 1.11 -37.55
CA ASP A 331 -31.98 0.21 -38.06
C ASP A 331 -31.56 0.58 -39.48
N GLN A 332 -32.54 1.00 -40.28
CA GLN A 332 -32.30 1.30 -41.68
C GLN A 332 -31.53 2.61 -41.83
N ALA A 333 -31.96 3.65 -41.10
CA ALA A 333 -31.18 4.88 -41.08
C ALA A 333 -29.80 4.64 -40.51
N LEU A 334 -29.69 3.77 -39.51
CA LEU A 334 -28.38 3.54 -38.89
C LEU A 334 -27.38 3.03 -39.92
N VAL A 335 -27.79 2.08 -40.76
CA VAL A 335 -26.90 1.54 -41.79
C VAL A 335 -26.46 2.65 -42.75
N GLU A 336 -27.42 3.44 -43.24
CA GLU A 336 -27.08 4.50 -44.20
C GLU A 336 -26.08 5.49 -43.61
N ILE A 337 -26.23 5.82 -42.33
CA ILE A 337 -25.33 6.77 -41.70
C ILE A 337 -23.91 6.23 -41.66
N ASN A 338 -23.77 4.95 -41.35
CA ASN A 338 -22.45 4.34 -41.30
C ASN A 338 -21.86 4.14 -42.68
N ILE A 339 -22.70 3.90 -43.70
CA ILE A 339 -22.22 3.92 -45.07
C ILE A 339 -21.60 5.27 -45.40
N ALA A 340 -22.31 6.36 -45.08
CA ALA A 340 -21.83 7.70 -45.37
C ALA A 340 -20.51 8.01 -44.66
N VAL A 341 -20.41 7.66 -43.37
CA VAL A 341 -19.19 7.95 -42.62
C VAL A 341 -18.00 7.30 -43.30
N LEU A 342 -18.09 6.01 -43.60
CA LEU A 342 -17.00 5.30 -44.25
C LEU A 342 -16.70 5.89 -45.62
N TYR A 343 -17.75 6.09 -46.43
CA TYR A 343 -17.55 6.66 -47.76
C TYR A 343 -16.86 8.02 -47.70
N SER A 344 -17.13 8.82 -46.66
CA SER A 344 -16.59 10.17 -46.61
C SER A 344 -15.13 10.16 -46.23
N PHE A 345 -14.79 9.42 -45.16
CA PHE A 345 -13.40 9.24 -44.79
C PHE A 345 -12.59 8.68 -45.95
N GLN A 346 -13.07 7.59 -46.57
CA GLN A 346 -12.38 7.00 -47.69
C GLN A 346 -12.24 7.98 -48.84
N SER A 347 -13.29 8.76 -49.12
CA SER A 347 -13.22 9.73 -50.22
C SER A 347 -12.11 10.74 -50.00
N ASP A 348 -11.88 11.13 -48.75
CA ASP A 348 -10.87 12.11 -48.41
C ASP A 348 -9.53 11.49 -48.04
N LYS A 349 -9.38 10.18 -48.25
CA LYS A 349 -8.14 9.48 -47.93
C LYS A 349 -7.72 9.74 -46.48
N VAL A 350 -8.66 9.60 -45.56
CA VAL A 350 -8.40 9.61 -44.14
C VAL A 350 -8.58 8.19 -43.62
N THR A 351 -7.56 7.66 -42.94
CA THR A 351 -7.61 6.28 -42.48
C THR A 351 -8.86 6.01 -41.67
N ILE A 352 -9.53 4.90 -42.00
CA ILE A 352 -10.68 4.43 -41.23
C ILE A 352 -10.81 2.94 -41.53
N VAL A 353 -11.40 2.20 -40.60
CA VAL A 353 -11.64 0.77 -40.79
C VAL A 353 -13.10 0.45 -40.46
N ASP A 354 -13.73 -0.37 -41.31
CA ASP A 354 -15.10 -0.75 -41.02
C ASP A 354 -15.14 -1.87 -39.99
N HIS A 355 -16.32 -2.11 -39.41
CA HIS A 355 -16.42 -3.11 -38.36
C HIS A 355 -16.22 -4.55 -38.87
N HIS A 356 -16.44 -4.81 -40.17
CA HIS A 356 -16.17 -6.15 -40.69
C HIS A 356 -14.68 -6.42 -40.76
N SER A 357 -13.91 -5.48 -41.32
CA SER A 357 -12.46 -5.64 -41.43
CA SER A 357 -12.46 -5.65 -41.42
C SER A 357 -11.81 -5.68 -40.05
N ALA A 358 -12.20 -4.76 -39.17
CA ALA A 358 -11.58 -4.68 -37.85
C ALA A 358 -11.79 -5.96 -37.06
N THR A 359 -13.03 -6.48 -37.04
CA THR A 359 -13.29 -7.67 -36.24
C THR A 359 -12.56 -8.87 -36.81
N GLU A 360 -12.49 -8.96 -38.16
CA GLU A 360 -11.74 -10.03 -38.79
C GLU A 360 -10.26 -9.96 -38.40
N SER A 361 -9.66 -8.77 -38.48
CA SER A 361 -8.29 -8.59 -38.00
C SER A 361 -8.15 -9.01 -36.54
N PHE A 362 -9.15 -8.72 -35.71
CA PHE A 362 -9.00 -9.07 -34.29
C PHE A 362 -8.95 -10.58 -34.09
N ILE A 363 -9.77 -11.34 -34.85
CA ILE A 363 -9.73 -12.80 -34.76
C ILE A 363 -8.34 -13.31 -35.12
N LYS A 364 -7.78 -12.79 -36.22
CA LYS A 364 -6.41 -13.11 -36.61
C LYS A 364 -5.42 -12.73 -35.50
N HIS A 365 -5.61 -11.56 -34.89
CA HIS A 365 -4.77 -11.17 -33.76
C HIS A 365 -4.87 -12.16 -32.61
N MET A 366 -6.11 -12.57 -32.27
CA MET A 366 -6.30 -13.55 -31.20
C MET A 366 -5.52 -14.83 -31.48
N GLU A 367 -5.65 -15.36 -32.71
CA GLU A 367 -4.92 -16.57 -33.07
C GLU A 367 -3.42 -16.38 -32.93
N ASN A 368 -2.91 -15.25 -33.43
CA ASN A 368 -1.49 -14.92 -33.27
C ASN A 368 -1.09 -14.92 -31.80
N GLU A 369 -1.88 -14.25 -30.96
CA GLU A 369 -1.52 -14.14 -29.55
C GLU A 369 -1.57 -15.49 -28.85
N TYR A 370 -2.59 -16.32 -29.14
CA TYR A 370 -2.61 -17.64 -28.51
C TYR A 370 -1.41 -18.46 -28.98
N ARG A 371 -1.03 -18.30 -30.25
CA ARG A 371 0.06 -19.11 -30.80
C ARG A 371 1.40 -18.73 -30.18
N CYS A 372 1.69 -17.43 -30.05
CA CYS A 372 2.99 -17.03 -29.52
CA CYS A 372 2.99 -17.04 -29.51
C CYS A 372 2.98 -16.77 -28.01
N ARG A 373 1.88 -16.26 -27.47
CA ARG A 373 1.86 -15.80 -26.08
C ARG A 373 1.08 -16.73 -25.16
N GLY A 374 0.30 -17.66 -25.71
CA GLY A 374 -0.57 -18.47 -24.89
C GLY A 374 -1.82 -17.80 -24.37
N GLY A 375 -2.23 -16.68 -24.97
CA GLY A 375 -3.51 -16.10 -24.62
C GLY A 375 -3.65 -14.67 -25.08
N CYS A 376 -4.89 -14.19 -25.01
CA CYS A 376 -5.18 -12.80 -25.34
C CYS A 376 -6.38 -12.34 -24.52
N PRO A 377 -6.18 -11.48 -23.52
CA PRO A 377 -7.33 -10.95 -22.75
C PRO A 377 -8.24 -10.14 -23.64
N ALA A 378 -9.54 -10.40 -23.54
CA ALA A 378 -10.47 -9.76 -24.47
C ALA A 378 -11.85 -9.65 -23.84
N ASP A 379 -12.44 -8.47 -23.97
CA ASP A 379 -13.70 -8.11 -23.34
C ASP A 379 -14.77 -8.15 -24.43
N TRP A 380 -15.48 -9.28 -24.52
CA TRP A 380 -16.49 -9.48 -25.56
C TRP A 380 -17.48 -8.31 -25.62
N VAL A 381 -17.90 -7.84 -24.45
CA VAL A 381 -18.88 -6.76 -24.37
C VAL A 381 -18.41 -5.50 -25.09
N TRP A 382 -17.10 -5.24 -25.10
CA TRP A 382 -16.55 -4.07 -25.78
C TRP A 382 -16.07 -4.37 -27.20
N ILE A 383 -15.65 -5.61 -27.48
CA ILE A 383 -15.08 -5.97 -28.77
C ILE A 383 -16.17 -6.10 -29.85
N VAL A 384 -17.32 -6.68 -29.51
CA VAL A 384 -18.38 -6.84 -30.51
C VAL A 384 -18.91 -5.47 -30.88
N PRO A 385 -19.00 -5.13 -32.16
CA PRO A 385 -19.40 -3.78 -32.57
C PRO A 385 -20.84 -3.47 -32.18
N PRO A 386 -21.17 -2.19 -32.02
CA PRO A 386 -22.52 -1.81 -31.58
C PRO A 386 -23.60 -1.88 -32.65
N MET A 387 -23.29 -2.34 -33.86
CA MET A 387 -24.31 -2.68 -34.85
C MET A 387 -23.90 -3.99 -35.53
N SER A 388 -24.91 -4.70 -36.05
CA SER A 388 -24.71 -5.91 -36.86
C SER A 388 -23.82 -6.94 -36.16
N GLY A 389 -23.97 -7.07 -34.85
CA GLY A 389 -23.08 -7.91 -34.07
C GLY A 389 -22.83 -9.31 -34.62
N SER A 390 -23.89 -10.10 -34.81
CA SER A 390 -23.66 -11.50 -35.12
C SER A 390 -23.22 -11.75 -36.56
N ILE A 391 -23.21 -10.74 -37.42
CA ILE A 391 -22.64 -10.97 -38.75
C ILE A 391 -21.18 -10.54 -38.74
N THR A 392 -20.62 -10.23 -37.56
CA THR A 392 -19.16 -10.09 -37.45
C THR A 392 -18.58 -11.31 -36.75
N PRO A 393 -17.33 -11.70 -37.03
CA PRO A 393 -16.84 -12.99 -36.50
C PRO A 393 -16.65 -12.98 -35.00
N VAL A 394 -16.44 -11.82 -34.38
CA VAL A 394 -16.13 -11.81 -32.95
C VAL A 394 -17.35 -12.18 -32.13
N PHE A 395 -18.56 -11.93 -32.64
CA PHE A 395 -19.78 -12.32 -31.92
C PHE A 395 -19.76 -13.80 -31.57
N HIS A 396 -19.26 -14.63 -32.48
CA HIS A 396 -19.25 -16.08 -32.32
C HIS A 396 -17.98 -16.61 -31.64
N GLN A 397 -17.11 -15.71 -31.19
CA GLN A 397 -15.83 -16.07 -30.58
C GLN A 397 -15.91 -15.96 -29.06
N GLU A 398 -15.71 -17.07 -28.35
CA GLU A 398 -15.59 -16.97 -26.90
C GLU A 398 -14.27 -16.28 -26.55
N MET A 399 -14.30 -15.49 -25.47
CA MET A 399 -13.14 -14.72 -25.05
C MET A 399 -12.99 -14.81 -23.53
N LEU A 400 -11.74 -14.83 -23.07
CA LEU A 400 -11.43 -14.75 -21.66
C LEU A 400 -10.95 -13.35 -21.34
N ASN A 401 -11.46 -12.76 -20.27
CA ASN A 401 -11.04 -11.42 -19.85
C ASN A 401 -10.29 -11.50 -18.52
N TYR A 402 -9.10 -10.89 -18.49
CA TYR A 402 -8.24 -10.82 -17.31
C TYR A 402 -7.34 -9.60 -17.47
N ARG A 403 -6.77 -9.15 -16.34
CA ARG A 403 -6.04 -7.88 -16.30
C ARG A 403 -4.54 -8.17 -16.18
N LEU A 404 -3.77 -7.80 -17.21
CA LEU A 404 -2.32 -7.90 -17.21
C LEU A 404 -1.71 -6.50 -17.09
N THR A 405 -0.50 -6.44 -16.57
CA THR A 405 0.26 -5.19 -16.46
CA THR A 405 0.24 -5.19 -16.50
C THR A 405 1.53 -5.27 -17.30
N PRO A 406 1.99 -4.14 -17.88
CA PRO A 406 1.48 -2.76 -17.88
C PRO A 406 0.06 -2.60 -18.43
N SER A 407 -0.64 -1.54 -18.04
CA SER A 407 -2.02 -1.39 -18.45
C SER A 407 -2.39 0.08 -18.56
N PHE A 408 -3.50 0.33 -19.24
CA PHE A 408 -4.20 1.60 -19.21
C PHE A 408 -5.37 1.50 -18.24
N GLU A 409 -5.51 2.49 -17.38
CA GLU A 409 -6.53 2.48 -16.33
C GLU A 409 -7.37 3.73 -16.42
N TYR A 410 -8.62 3.64 -15.94
CA TYR A 410 -9.41 4.85 -15.74
C TYR A 410 -8.90 5.64 -14.54
N GLN A 411 -9.23 6.93 -14.50
CA GLN A 411 -8.87 7.79 -13.39
C GLN A 411 -9.96 8.84 -13.24
N PRO A 412 -10.09 9.43 -12.05
CA PRO A 412 -11.16 10.42 -11.84
C PRO A 412 -10.94 11.66 -12.70
N ASP A 413 -12.04 12.29 -13.08
CA ASP A 413 -11.97 13.58 -13.74
C ASP A 413 -11.27 14.58 -12.82
N PRO A 414 -10.30 15.35 -13.33
CA PRO A 414 -9.52 16.22 -12.43
C PRO A 414 -10.32 17.35 -11.80
N TRP A 415 -11.45 17.77 -12.39
CA TRP A 415 -12.21 18.82 -11.73
C TRP A 415 -12.90 18.34 -10.45
N ASN A 416 -13.12 17.03 -10.31
CA ASN A 416 -13.67 16.51 -9.07
C ASN A 416 -12.66 16.49 -7.94
N THR A 417 -11.37 16.65 -8.24
CA THR A 417 -10.32 16.52 -7.24
C THR A 417 -9.41 17.73 -7.11
N HIS A 418 -9.31 18.57 -8.12
CA HIS A 418 -8.30 19.64 -8.10
C HIS A 418 -8.69 20.76 -7.12
N VAL A 419 -7.72 21.16 -6.31
CA VAL A 419 -7.88 22.31 -5.42
C VAL A 419 -7.29 23.52 -6.12
N TRP A 420 -8.14 24.45 -6.53
CA TRP A 420 -7.70 25.57 -7.34
C TRP A 420 -6.81 26.52 -6.55
N LYS A 421 -5.87 27.15 -7.24
CA LYS A 421 -4.95 28.09 -6.60
C LYS A 421 -5.42 29.54 -6.79
N ARG B 3 -24.82 -6.36 2.47
CA ARG B 3 -24.00 -6.04 1.30
C ARG B 3 -24.88 -5.71 0.08
N PHE B 4 -24.42 -4.77 -0.73
CA PHE B 4 -25.17 -4.26 -1.88
C PHE B 4 -24.23 -4.17 -3.08
N LEU B 5 -24.80 -4.31 -4.28
CA LEU B 5 -24.06 -4.04 -5.52
C LEU B 5 -24.91 -3.12 -6.39
N LYS B 6 -24.26 -2.11 -6.97
CA LYS B 6 -24.95 -1.12 -7.77
C LYS B 6 -24.73 -1.37 -9.26
N VAL B 7 -25.81 -1.23 -10.03
CA VAL B 7 -25.71 -1.20 -11.49
C VAL B 7 -26.25 0.14 -11.96
N LYS B 8 -25.65 0.63 -13.04
CA LYS B 8 -25.93 1.94 -13.60
C LYS B 8 -26.35 1.79 -15.05
N ASN B 9 -27.32 2.59 -15.47
CA ASN B 9 -27.65 2.74 -16.88
C ASN B 9 -26.94 4.00 -17.39
N TRP B 10 -26.04 3.84 -18.35
CA TRP B 10 -25.21 4.95 -18.80
C TRP B 10 -25.92 5.91 -19.74
N GLU B 11 -27.09 5.53 -20.24
CA GLU B 11 -27.92 6.42 -21.05
C GLU B 11 -28.83 7.29 -20.16
N THR B 12 -29.42 6.72 -19.12
CA THR B 12 -30.39 7.40 -18.27
C THR B 12 -29.82 7.83 -16.93
N GLU B 13 -28.66 7.30 -16.53
CA GLU B 13 -27.99 7.53 -15.25
C GLU B 13 -28.77 6.94 -14.06
N VAL B 14 -29.84 6.18 -14.32
CA VAL B 14 -30.54 5.45 -13.27
C VAL B 14 -29.62 4.41 -12.64
N VAL B 15 -29.61 4.36 -11.31
CA VAL B 15 -28.83 3.39 -10.56
C VAL B 15 -29.77 2.48 -9.79
N LEU B 16 -29.48 1.17 -9.81
CA LEU B 16 -30.27 0.15 -9.13
C LEU B 16 -29.37 -0.64 -8.20
N THR B 17 -29.94 -1.09 -7.08
CA THR B 17 -29.17 -1.71 -6.01
C THR B 17 -29.56 -3.18 -5.91
N ASP B 18 -28.58 -4.06 -6.09
CA ASP B 18 -28.86 -5.50 -6.11
C ASP B 18 -28.51 -6.09 -4.76
N THR B 19 -29.51 -6.67 -4.10
CA THR B 19 -29.29 -7.52 -2.95
C THR B 19 -29.58 -8.98 -3.24
N LEU B 20 -30.36 -9.27 -4.29
CA LEU B 20 -30.77 -10.64 -4.55
C LEU B 20 -29.59 -11.56 -4.83
N HIS B 21 -28.47 -11.02 -5.31
CA HIS B 21 -27.32 -11.88 -5.62
C HIS B 21 -26.82 -12.63 -4.40
N LEU B 22 -27.10 -12.14 -3.19
CA LEU B 22 -26.67 -12.85 -1.99
C LEU B 22 -27.31 -14.22 -1.87
N LYS B 23 -28.40 -14.47 -2.60
CA LYS B 23 -29.13 -15.73 -2.55
C LYS B 23 -28.59 -16.77 -3.51
N SER B 24 -27.59 -16.45 -4.33
CA SER B 24 -27.09 -17.44 -5.26
C SER B 24 -26.09 -18.36 -4.57
N THR B 25 -26.04 -19.62 -5.01
CA THR B 25 -25.05 -20.57 -4.50
C THR B 25 -24.50 -21.48 -5.58
N LEU B 26 -24.82 -21.25 -6.84
CA LEU B 26 -24.30 -22.04 -7.95
C LEU B 26 -23.32 -21.19 -8.75
N GLU B 27 -22.33 -21.85 -9.37
CA GLU B 27 -21.18 -21.16 -9.93
C GLU B 27 -21.50 -20.48 -11.26
N THR B 28 -20.89 -19.31 -11.49
CA THR B 28 -20.99 -18.62 -12.77
C THR B 28 -19.99 -19.13 -13.77
N GLY B 29 -18.85 -19.64 -13.30
CA GLY B 29 -17.74 -19.99 -14.15
C GLY B 29 -16.60 -19.00 -14.07
N CYS B 30 -16.87 -17.76 -13.65
CA CYS B 30 -15.79 -16.80 -13.48
C CYS B 30 -15.01 -17.09 -12.21
N THR B 31 -13.81 -16.54 -12.14
CA THR B 31 -13.06 -16.49 -10.90
C THR B 31 -12.84 -15.02 -10.56
N GLU B 32 -12.17 -14.78 -9.44
CA GLU B 32 -11.84 -13.42 -9.06
C GLU B 32 -10.86 -12.77 -10.03
N TYR B 33 -10.10 -13.56 -10.79
CA TYR B 33 -9.09 -13.02 -11.69
C TYR B 33 -9.38 -13.29 -13.15
N ILE B 34 -10.42 -14.04 -13.49
CA ILE B 34 -10.78 -14.25 -14.89
C ILE B 34 -12.29 -14.13 -15.03
N CYS B 35 -12.75 -13.48 -16.11
CA CYS B 35 -14.17 -13.43 -16.45
C CYS B 35 -14.43 -14.33 -17.65
N MET B 36 -15.41 -15.22 -17.51
CA MET B 36 -15.83 -16.12 -18.57
C MET B 36 -17.23 -15.79 -19.05
N GLY B 37 -17.58 -14.52 -18.99
CA GLY B 37 -18.92 -14.07 -19.32
C GLY B 37 -19.34 -14.35 -20.74
N SER B 38 -18.38 -14.55 -21.66
CA SER B 38 -18.73 -14.85 -23.05
C SER B 38 -18.61 -16.33 -23.37
N ILE B 39 -18.38 -17.17 -22.38
CA ILE B 39 -18.27 -18.61 -22.59
C ILE B 39 -19.68 -19.18 -22.61
N MET B 40 -20.01 -19.92 -23.68
CA MET B 40 -21.40 -20.38 -23.83
C MET B 40 -21.77 -21.43 -22.78
N HIS B 41 -20.90 -22.41 -22.54
CA HIS B 41 -21.12 -23.47 -21.54
C HIS B 41 -19.92 -23.51 -20.60
N PRO B 42 -19.85 -22.60 -19.62
CA PRO B 42 -18.78 -22.72 -18.62
C PRO B 42 -19.04 -23.90 -17.69
N SER B 43 -17.95 -24.57 -17.31
CA SER B 43 -18.05 -25.77 -16.48
C SER B 43 -17.90 -25.44 -15.00
N ASP B 51 -25.29 -39.39 -12.66
CA ASP B 51 -25.48 -38.05 -12.11
C ASP B 51 -26.83 -37.92 -11.44
N VAL B 52 -26.99 -38.54 -10.26
CA VAL B 52 -28.23 -38.48 -9.50
C VAL B 52 -27.90 -38.15 -8.05
N ALA B 53 -28.58 -37.16 -7.50
CA ALA B 53 -28.26 -36.66 -6.17
C ALA B 53 -28.53 -37.72 -5.11
N THR B 54 -27.62 -37.81 -4.13
CA THR B 54 -27.82 -38.68 -2.99
C THR B 54 -28.89 -38.10 -2.06
N LYS B 55 -29.29 -38.91 -1.07
CA LYS B 55 -30.18 -38.40 -0.04
C LYS B 55 -29.60 -37.16 0.63
N ASP B 56 -28.33 -37.23 1.04
CA ASP B 56 -27.71 -36.13 1.75
C ASP B 56 -27.64 -34.87 0.91
N GLN B 57 -27.34 -35.01 -0.39
CA GLN B 57 -27.35 -33.84 -1.26
C GLN B 57 -28.76 -33.28 -1.42
N LEU B 58 -29.78 -34.14 -1.42
CA LEU B 58 -31.11 -33.71 -1.80
C LEU B 58 -31.82 -32.93 -0.68
N PHE B 59 -31.64 -33.35 0.58
CA PHE B 59 -32.30 -32.73 1.72
C PHE B 59 -32.16 -31.21 1.69
N PRO B 60 -30.94 -30.65 1.73
CA PRO B 60 -30.84 -29.18 1.78
C PRO B 60 -31.36 -28.50 0.54
N LEU B 61 -31.23 -29.10 -0.64
CA LEU B 61 -31.81 -28.48 -1.82
C LEU B 61 -33.32 -28.39 -1.70
N ALA B 62 -33.96 -29.45 -1.18
CA ALA B 62 -35.41 -29.45 -1.10
C ALA B 62 -35.88 -28.43 -0.07
N LYS B 63 -35.24 -28.41 1.10
CA LYS B 63 -35.60 -27.44 2.13
C LYS B 63 -35.55 -26.02 1.58
N GLU B 64 -34.45 -25.67 0.90
CA GLU B 64 -34.30 -24.31 0.38
C GLU B 64 -35.46 -23.95 -0.53
N PHE B 65 -35.86 -24.88 -1.40
CA PHE B 65 -36.98 -24.62 -2.30
C PHE B 65 -38.29 -24.47 -1.54
N ILE B 66 -38.60 -25.42 -0.65
CA ILE B 66 -39.85 -25.33 0.09
C ILE B 66 -39.89 -24.06 0.94
N ASP B 67 -38.75 -23.70 1.53
CA ASP B 67 -38.66 -22.46 2.29
C ASP B 67 -39.02 -21.27 1.41
N GLN B 68 -38.43 -21.20 0.22
CA GLN B 68 -38.71 -20.06 -0.64
C GLN B 68 -40.14 -20.09 -1.16
N TYR B 69 -40.71 -21.28 -1.35
CA TYR B 69 -42.10 -21.35 -1.78
C TYR B 69 -43.02 -20.79 -0.71
N TYR B 70 -42.81 -21.20 0.54
CA TYR B 70 -43.70 -20.73 1.59
C TYR B 70 -43.46 -19.27 1.90
N SER B 71 -42.23 -18.79 1.72
CA SER B 71 -42.00 -17.37 1.84
C SER B 71 -42.79 -16.59 0.80
N SER B 72 -42.77 -17.07 -0.46
CA SER B 72 -43.46 -16.35 -1.53
C SER B 72 -44.96 -16.22 -1.28
N ILE B 73 -45.58 -17.20 -0.60
CA ILE B 73 -47.01 -17.15 -0.33
C ILE B 73 -47.30 -16.64 1.08
N LYS B 74 -46.34 -15.97 1.72
CA LYS B 74 -46.53 -15.35 3.03
C LYS B 74 -47.04 -16.36 4.06
N ARG B 75 -46.35 -17.51 4.13
CA ARG B 75 -46.62 -18.48 5.17
C ARG B 75 -45.34 -19.14 5.66
N PHE B 76 -44.22 -18.42 5.62
CA PHE B 76 -42.98 -18.93 6.15
C PHE B 76 -43.14 -19.13 7.66
N GLY B 77 -42.71 -20.30 8.15
CA GLY B 77 -42.88 -20.62 9.55
C GLY B 77 -44.23 -21.18 9.94
N SER B 78 -45.19 -21.24 9.02
CA SER B 78 -46.53 -21.70 9.37
C SER B 78 -46.53 -23.19 9.66
N LYS B 79 -47.65 -23.67 10.23
CA LYS B 79 -47.80 -25.11 10.46
C LYS B 79 -47.76 -25.86 9.14
N ALA B 80 -48.47 -25.35 8.13
CA ALA B 80 -48.43 -25.94 6.80
C ALA B 80 -47.01 -26.01 6.26
N HIS B 81 -46.23 -24.95 6.46
CA HIS B 81 -44.83 -24.95 6.05
C HIS B 81 -44.06 -26.07 6.75
N MET B 82 -44.20 -26.18 8.08
CA MET B 82 -43.42 -27.17 8.82
C MET B 82 -43.86 -28.60 8.51
N GLU B 83 -45.16 -28.81 8.31
CA GLU B 83 -45.60 -30.17 7.97
C GLU B 83 -45.16 -30.55 6.57
N ARG B 84 -45.06 -29.58 5.67
CA ARG B 84 -44.57 -29.89 4.32
C ARG B 84 -43.11 -30.30 4.35
N LEU B 85 -42.26 -29.55 5.06
CA LEU B 85 -40.86 -29.94 5.25
C LEU B 85 -40.75 -31.33 5.85
N GLU B 86 -41.53 -31.57 6.90
CA GLU B 86 -41.66 -32.90 7.49
C GLU B 86 -41.95 -33.94 6.42
N GLU B 87 -43.00 -33.71 5.65
CA GLU B 87 -43.44 -34.67 4.64
C GLU B 87 -42.35 -34.91 3.60
N VAL B 88 -41.68 -33.83 3.14
CA VAL B 88 -40.64 -33.96 2.12
C VAL B 88 -39.49 -34.81 2.62
N ASN B 89 -39.04 -34.56 3.86
CA ASN B 89 -37.91 -35.28 4.42
C ASN B 89 -38.21 -36.76 4.58
N LYS B 90 -39.45 -37.10 4.96
CA LYS B 90 -39.84 -38.51 5.03
C LYS B 90 -39.69 -39.17 3.68
N GLU B 91 -40.17 -38.50 2.63
CA GLU B 91 -40.13 -39.08 1.28
C GLU B 91 -38.70 -39.32 0.83
N ILE B 92 -37.83 -38.33 1.01
CA ILE B 92 -36.42 -38.52 0.69
C ILE B 92 -35.84 -39.68 1.47
N ASP B 93 -36.05 -39.69 2.79
CA ASP B 93 -35.53 -40.77 3.64
C ASP B 93 -35.97 -42.14 3.15
N THR B 94 -37.25 -42.29 2.80
CA THR B 94 -37.79 -43.60 2.48
C THR B 94 -37.66 -43.99 1.01
N THR B 95 -37.64 -43.03 0.09
CA THR B 95 -37.64 -43.33 -1.34
C THR B 95 -36.44 -42.78 -2.09
N SER B 96 -35.60 -41.97 -1.45
CA SER B 96 -34.45 -41.29 -2.01
C SER B 96 -34.83 -40.16 -2.95
N THR B 97 -36.11 -39.81 -3.03
CA THR B 97 -36.57 -38.68 -3.83
C THR B 97 -37.86 -38.16 -3.20
N TYR B 98 -38.51 -37.20 -3.86
CA TYR B 98 -39.81 -36.73 -3.39
C TYR B 98 -40.59 -36.17 -4.57
N GLN B 99 -41.88 -35.95 -4.34
CA GLN B 99 -42.81 -35.46 -5.36
C GLN B 99 -43.30 -34.07 -5.01
N LEU B 100 -43.26 -33.16 -5.98
CA LEU B 100 -43.80 -31.81 -5.80
C LEU B 100 -45.33 -31.81 -5.82
N LYS B 101 -45.93 -31.00 -4.94
CA LYS B 101 -47.33 -30.63 -5.10
C LYS B 101 -47.51 -29.83 -6.39
N ASP B 102 -48.73 -29.86 -6.93
CA ASP B 102 -49.02 -29.13 -8.16
C ASP B 102 -48.70 -27.65 -8.01
N THR B 103 -49.00 -27.07 -6.85
CA THR B 103 -48.72 -25.66 -6.63
C THR B 103 -47.23 -25.36 -6.69
N GLU B 104 -46.42 -26.23 -6.08
CA GLU B 104 -44.97 -26.05 -6.10
C GLU B 104 -44.42 -26.23 -7.51
N LEU B 105 -44.98 -27.18 -8.26
CA LEU B 105 -44.55 -27.39 -9.64
C LEU B 105 -44.80 -26.14 -10.47
N ILE B 106 -45.99 -25.56 -10.35
CA ILE B 106 -46.30 -24.34 -11.09
C ILE B 106 -45.34 -23.22 -10.69
N TYR B 107 -45.19 -23.01 -9.38
CA TYR B 107 -44.30 -21.99 -8.85
C TYR B 107 -42.87 -22.21 -9.32
N GLY B 108 -42.41 -23.46 -9.30
CA GLY B 108 -41.05 -23.74 -9.69
C GLY B 108 -40.80 -23.46 -11.15
N ALA B 109 -41.77 -23.84 -12.00
CA ALA B 109 -41.61 -23.63 -13.44
C ALA B 109 -41.56 -22.15 -13.76
N LYS B 110 -42.51 -21.37 -13.21
CA LYS B 110 -42.50 -19.92 -13.42
C LYS B 110 -41.20 -19.31 -12.95
N HIS B 111 -40.66 -19.80 -11.84
CA HIS B 111 -39.48 -19.14 -11.29
C HIS B 111 -38.22 -19.54 -12.03
N ALA B 112 -38.18 -20.73 -12.62
CA ALA B 112 -37.07 -21.04 -13.51
C ALA B 112 -37.04 -20.08 -14.69
N TRP B 113 -38.23 -19.71 -15.19
CA TRP B 113 -38.28 -18.69 -16.23
C TRP B 113 -37.80 -17.34 -15.69
N ARG B 114 -38.35 -16.92 -14.54
CA ARG B 114 -37.98 -15.65 -13.92
C ARG B 114 -36.48 -15.54 -13.72
N ASN B 115 -35.83 -16.67 -13.46
CA ASN B 115 -34.41 -16.75 -13.16
C ASN B 115 -33.54 -16.96 -14.38
N ALA B 116 -34.11 -17.06 -15.58
CA ALA B 116 -33.32 -17.38 -16.77
C ALA B 116 -32.55 -16.14 -17.22
N SER B 117 -31.27 -16.04 -16.85
CA SER B 117 -30.57 -14.79 -17.07
CA SER B 117 -30.47 -14.84 -17.07
C SER B 117 -30.38 -14.47 -18.54
N ARG B 118 -30.51 -15.45 -19.44
CA ARG B 118 -30.30 -15.19 -20.87
C ARG B 118 -31.60 -14.87 -21.61
N CYS B 119 -32.72 -14.71 -20.92
CA CYS B 119 -34.01 -14.52 -21.59
C CYS B 119 -34.47 -13.08 -21.44
N VAL B 120 -34.61 -12.39 -22.58
CA VAL B 120 -35.07 -11.00 -22.62
C VAL B 120 -36.58 -10.87 -22.50
N GLY B 121 -37.32 -11.97 -22.60
CA GLY B 121 -38.77 -11.89 -22.55
C GLY B 121 -39.42 -12.12 -21.20
N ARG B 122 -38.65 -11.97 -20.13
CA ARG B 122 -39.13 -12.35 -18.79
C ARG B 122 -40.17 -11.40 -18.21
N ILE B 123 -40.51 -10.27 -18.85
CA ILE B 123 -41.61 -9.48 -18.32
C ILE B 123 -42.89 -10.32 -18.24
N GLN B 124 -42.98 -11.39 -19.04
CA GLN B 124 -44.13 -12.29 -19.11
C GLN B 124 -44.07 -13.46 -18.13
N TRP B 125 -43.03 -13.52 -17.28
CA TRP B 125 -42.73 -14.75 -16.54
C TRP B 125 -43.91 -15.29 -15.74
N SER B 126 -44.74 -14.40 -15.19
CA SER B 126 -45.80 -14.91 -14.31
C SER B 126 -47.01 -15.40 -15.08
N LYS B 127 -47.07 -15.19 -16.40
CA LYS B 127 -48.18 -15.66 -17.22
C LYS B 127 -47.60 -16.83 -18.04
N LEU B 128 -47.63 -18.00 -17.43
CA LEU B 128 -47.09 -19.22 -18.02
C LEU B 128 -48.07 -20.33 -17.72
N GLN B 129 -48.51 -21.03 -18.75
CA GLN B 129 -49.43 -22.13 -18.56
C GLN B 129 -48.60 -23.40 -18.35
N VAL B 130 -48.81 -24.06 -17.23
CA VAL B 130 -48.03 -25.23 -16.84
C VAL B 130 -48.90 -26.47 -17.04
N PHE B 131 -48.44 -27.38 -17.89
CA PHE B 131 -49.13 -28.64 -18.14
C PHE B 131 -48.37 -29.72 -17.39
N ASP B 132 -49.02 -30.30 -16.37
CA ASP B 132 -48.42 -31.34 -15.55
C ASP B 132 -48.52 -32.66 -16.28
N ALA B 133 -47.40 -33.18 -16.76
CA ALA B 133 -47.40 -34.46 -17.46
C ALA B 133 -46.63 -35.52 -16.68
N ARG B 134 -46.61 -35.41 -15.35
CA ARG B 134 -45.86 -36.33 -14.54
C ARG B 134 -46.48 -37.73 -14.45
N ASP B 135 -47.70 -37.94 -14.95
CA ASP B 135 -48.28 -39.28 -14.99
C ASP B 135 -47.96 -40.05 -16.27
N CYS B 136 -47.25 -39.43 -17.22
CA CYS B 136 -46.94 -40.05 -18.50
C CYS B 136 -46.00 -41.25 -18.32
N THR B 137 -46.21 -42.30 -19.12
CA THR B 137 -45.32 -43.46 -19.06
C THR B 137 -44.74 -43.91 -20.37
N THR B 138 -45.23 -43.44 -21.52
CA THR B 138 -44.79 -43.98 -22.78
C THR B 138 -44.58 -42.84 -23.79
N ALA B 139 -43.85 -43.15 -24.86
CA ALA B 139 -43.62 -42.14 -25.88
C ALA B 139 -44.91 -41.72 -26.58
N HIS B 140 -45.85 -42.66 -26.73
CA HIS B 140 -47.16 -42.29 -27.26
C HIS B 140 -47.84 -41.27 -26.38
N GLY B 141 -47.77 -41.45 -25.06
CA GLY B 141 -48.30 -40.45 -24.15
C GLY B 141 -47.62 -39.10 -24.30
N MET B 142 -46.29 -39.09 -24.47
CA MET B 142 -45.57 -37.82 -24.64
C MET B 142 -46.03 -37.08 -25.88
N PHE B 143 -46.20 -37.82 -26.99
CA PHE B 143 -46.69 -37.22 -28.22
C PHE B 143 -48.05 -36.55 -28.00
N ASN B 144 -48.94 -37.22 -27.27
CA ASN B 144 -50.25 -36.66 -26.98
C ASN B 144 -50.14 -35.37 -26.17
N TYR B 145 -49.36 -35.41 -25.08
CA TYR B 145 -49.12 -34.20 -24.30
C TYR B 145 -48.53 -33.09 -25.15
N ILE B 146 -47.57 -33.40 -26.03
CA ILE B 146 -46.90 -32.36 -26.81
C ILE B 146 -47.85 -31.79 -27.86
N CYS B 147 -48.66 -32.65 -28.51
CA CYS B 147 -49.67 -32.14 -29.43
C CYS B 147 -50.59 -31.13 -28.75
N ASN B 148 -51.06 -31.46 -27.54
CA ASN B 148 -51.96 -30.54 -26.83
C ASN B 148 -51.25 -29.24 -26.45
N HIS B 149 -50.00 -29.32 -26.05
CA HIS B 149 -49.18 -28.13 -25.81
C HIS B 149 -49.12 -27.27 -27.06
N VAL B 150 -48.75 -27.86 -28.19
CA VAL B 150 -48.61 -27.09 -29.43
C VAL B 150 -49.92 -26.40 -29.76
N LYS B 151 -51.04 -27.13 -29.66
CA LYS B 151 -52.34 -26.56 -30.01
C LYS B 151 -52.70 -25.41 -29.08
N TYR B 152 -52.50 -25.62 -27.77
CA TYR B 152 -52.84 -24.57 -26.81
C TYR B 152 -51.94 -23.35 -27.01
N ALA B 153 -50.65 -23.59 -27.16
CA ALA B 153 -49.71 -22.47 -27.27
C ALA B 153 -49.91 -21.71 -28.57
N THR B 154 -50.20 -22.41 -29.67
CA THR B 154 -50.32 -21.75 -30.96
C THR B 154 -51.56 -20.87 -31.02
N ASN B 155 -52.72 -21.41 -30.60
CA ASN B 155 -53.93 -20.59 -30.41
C ASN B 155 -54.23 -19.74 -31.65
N LYS B 156 -54.09 -20.37 -32.83
CA LYS B 156 -54.47 -19.75 -34.10
C LYS B 156 -53.68 -18.47 -34.40
N GLY B 157 -52.47 -18.36 -33.84
CA GLY B 157 -51.61 -17.21 -34.03
C GLY B 157 -51.51 -16.31 -32.82
N ASN B 158 -52.46 -16.38 -31.90
CA ASN B 158 -52.42 -15.54 -30.69
C ASN B 158 -51.69 -16.34 -29.63
N LEU B 159 -50.35 -16.29 -29.71
CA LEU B 159 -49.52 -17.26 -28.99
C LEU B 159 -49.57 -17.03 -27.48
N ARG B 160 -49.53 -18.15 -26.74
CA ARG B 160 -49.59 -18.17 -25.29
C ARG B 160 -48.41 -18.99 -24.76
N SER B 161 -47.69 -18.47 -23.77
CA SER B 161 -46.56 -19.19 -23.22
C SER B 161 -47.03 -20.43 -22.47
N ALA B 162 -46.28 -21.52 -22.59
CA ALA B 162 -46.67 -22.77 -21.94
C ALA B 162 -45.43 -23.64 -21.76
N ILE B 163 -45.51 -24.54 -20.78
CA ILE B 163 -44.50 -25.57 -20.52
C ILE B 163 -45.24 -26.87 -20.20
N THR B 164 -44.67 -27.99 -20.62
CA THR B 164 -45.19 -29.32 -20.29
C THR B 164 -44.09 -30.10 -19.58
N ILE B 165 -44.39 -30.61 -18.38
CA ILE B 165 -43.38 -31.19 -17.51
C ILE B 165 -43.61 -32.69 -17.36
N PHE B 166 -42.66 -33.46 -17.85
CA PHE B 166 -42.70 -34.92 -17.83
C PHE B 166 -42.07 -35.43 -16.54
N PRO B 167 -42.14 -36.74 -16.27
CA PRO B 167 -41.63 -37.23 -14.97
C PRO B 167 -40.15 -36.94 -14.77
N GLN B 168 -39.79 -36.69 -13.51
CA GLN B 168 -38.44 -36.33 -13.12
C GLN B 168 -37.51 -37.53 -13.20
N ARG B 169 -36.21 -37.23 -13.27
CA ARG B 169 -35.18 -38.26 -13.25
C ARG B 169 -35.28 -39.06 -11.96
N THR B 170 -34.96 -40.35 -12.05
CA THR B 170 -34.96 -41.20 -10.88
C THR B 170 -33.53 -41.70 -10.67
N ASP B 171 -33.16 -42.81 -11.29
CA ASP B 171 -31.81 -43.33 -11.18
C ASP B 171 -30.91 -42.87 -12.31
N GLY B 172 -31.40 -41.99 -13.18
CA GLY B 172 -30.67 -41.61 -14.37
C GLY B 172 -30.73 -42.62 -15.51
N LYS B 173 -31.25 -43.82 -15.26
CA LYS B 173 -31.39 -44.85 -16.30
C LYS B 173 -32.79 -44.90 -16.89
N HIS B 174 -33.69 -44.02 -16.47
CA HIS B 174 -35.07 -44.04 -16.93
C HIS B 174 -35.53 -42.66 -17.32
N ASP B 175 -34.63 -41.87 -17.91
CA ASP B 175 -34.95 -40.48 -18.23
C ASP B 175 -36.03 -40.38 -19.30
N PHE B 176 -36.92 -39.40 -19.13
CA PHE B 176 -37.74 -38.90 -20.21
C PHE B 176 -36.96 -37.80 -20.94
N ARG B 177 -36.93 -37.88 -22.27
CA ARG B 177 -36.22 -36.90 -23.09
C ARG B 177 -37.02 -36.68 -24.36
N VAL B 178 -37.14 -35.41 -24.75
CA VAL B 178 -37.44 -35.08 -26.14
C VAL B 178 -36.10 -34.95 -26.86
N TRP B 179 -35.87 -35.78 -27.88
CA TRP B 179 -34.57 -35.73 -28.55
C TRP B 179 -34.43 -34.49 -29.43
N ASN B 180 -35.55 -33.95 -29.93
CA ASN B 180 -35.53 -32.70 -30.68
C ASN B 180 -35.00 -31.55 -29.83
N SER B 181 -34.34 -30.61 -30.49
CA SER B 181 -33.88 -29.44 -29.76
C SER B 181 -35.01 -28.43 -29.58
N GLN B 182 -35.87 -28.29 -30.59
CA GLN B 182 -37.17 -27.62 -30.42
C GLN B 182 -38.27 -28.53 -30.95
N LEU B 183 -39.51 -28.25 -30.55
CA LEU B 183 -40.63 -29.09 -30.96
C LEU B 183 -40.85 -29.02 -32.47
N ILE B 184 -40.68 -27.84 -33.04
CA ILE B 184 -40.81 -27.59 -34.46
C ILE B 184 -39.48 -27.04 -34.95
N ARG B 185 -38.81 -27.78 -35.84
CA ARG B 185 -37.62 -27.31 -36.55
C ARG B 185 -37.61 -27.95 -37.93
N TYR B 186 -36.83 -27.34 -38.83
CA TYR B 186 -36.71 -27.83 -40.18
C TYR B 186 -35.52 -28.78 -40.30
N ALA B 187 -35.67 -29.78 -41.17
CA ALA B 187 -34.60 -30.73 -41.39
C ALA B 187 -33.46 -30.11 -42.18
N GLY B 188 -32.30 -30.74 -42.08
CA GLY B 188 -31.17 -30.39 -42.92
C GLY B 188 -30.58 -31.66 -43.50
N TYR B 189 -30.24 -31.59 -44.79
CA TYR B 189 -29.67 -32.71 -45.52
C TYR B 189 -28.36 -32.28 -46.17
N LYS B 190 -27.27 -32.92 -45.80
CA LYS B 190 -26.01 -32.71 -46.50
C LYS B 190 -26.04 -33.43 -47.85
N GLN B 191 -25.73 -32.69 -48.93
CA GLN B 191 -25.72 -33.23 -50.27
C GLN B 191 -24.39 -33.89 -50.59
N PRO B 192 -24.35 -34.79 -51.58
CA PRO B 192 -23.06 -35.38 -51.97
C PRO B 192 -22.02 -34.33 -52.37
N ASP B 193 -22.46 -33.20 -52.93
CA ASP B 193 -21.52 -32.22 -53.45
C ASP B 193 -21.01 -31.26 -52.38
N GLY B 194 -21.27 -31.54 -51.11
CA GLY B 194 -20.87 -30.68 -50.03
C GLY B 194 -21.88 -29.62 -49.63
N SER B 195 -22.89 -29.36 -50.45
CA SER B 195 -23.87 -28.36 -50.07
C SER B 195 -24.86 -28.94 -49.06
N THR B 196 -25.72 -28.06 -48.54
CA THR B 196 -26.70 -28.46 -47.55
C THR B 196 -28.08 -27.98 -47.98
N LEU B 197 -29.06 -28.86 -47.88
CA LEU B 197 -30.46 -28.52 -48.13
C LEU B 197 -31.15 -28.37 -46.78
N GLY B 198 -31.94 -27.31 -46.63
CA GLY B 198 -32.61 -27.09 -45.36
C GLY B 198 -31.68 -26.47 -44.34
N ASP B 199 -31.95 -26.75 -43.06
CA ASP B 199 -31.26 -26.09 -41.97
C ASP B 199 -29.96 -26.83 -41.62
N PRO B 200 -28.78 -26.26 -41.89
CA PRO B 200 -27.54 -26.98 -41.56
C PRO B 200 -27.40 -27.35 -40.09
N ALA B 201 -28.00 -26.58 -39.19
CA ALA B 201 -27.88 -26.87 -37.76
C ALA B 201 -28.51 -28.20 -37.38
N ASN B 202 -29.43 -28.72 -38.18
CA ASN B 202 -30.19 -29.90 -37.82
C ASN B 202 -29.75 -31.14 -38.60
N VAL B 203 -28.60 -31.08 -39.26
CA VAL B 203 -28.17 -32.18 -40.12
C VAL B 203 -28.01 -33.46 -39.30
N GLN B 204 -27.37 -33.36 -38.12
CA GLN B 204 -27.10 -34.54 -37.33
C GLN B 204 -28.40 -35.18 -36.84
N PHE B 205 -29.31 -34.35 -36.33
CA PHE B 205 -30.56 -34.90 -35.82
C PHE B 205 -31.44 -35.41 -36.95
N THR B 206 -31.38 -34.77 -38.11
CA THR B 206 -32.07 -35.30 -39.28
C THR B 206 -31.57 -36.69 -39.62
N GLU B 207 -30.24 -36.89 -39.60
CA GLU B 207 -29.68 -38.22 -39.87
C GLU B 207 -30.18 -39.25 -38.86
N ILE B 208 -30.28 -38.87 -37.57
CA ILE B 208 -30.76 -39.82 -36.58
C ILE B 208 -32.19 -40.22 -36.90
N CYS B 209 -33.03 -39.24 -37.24
CA CYS B 209 -34.42 -39.54 -37.59
C CYS B 209 -34.50 -40.51 -38.76
N ILE B 210 -33.76 -40.23 -39.83
CA ILE B 210 -33.76 -41.10 -41.00
C ILE B 210 -33.37 -42.52 -40.61
N GLN B 211 -32.34 -42.64 -39.78
CA GLN B 211 -31.89 -43.95 -39.33
C GLN B 211 -32.97 -44.69 -38.55
N GLN B 212 -33.79 -43.97 -37.81
CA GLN B 212 -34.88 -44.57 -37.05
C GLN B 212 -36.09 -44.90 -37.92
N GLY B 213 -36.05 -44.62 -39.22
CA GLY B 213 -37.13 -44.96 -40.11
C GLY B 213 -37.87 -43.80 -40.73
N TRP B 214 -37.52 -42.56 -40.43
CA TRP B 214 -38.20 -41.43 -41.04
C TRP B 214 -37.94 -41.37 -42.54
N LYS B 215 -39.01 -41.20 -43.31
CA LYS B 215 -38.91 -41.03 -44.76
C LYS B 215 -38.89 -39.54 -45.06
N PRO B 216 -37.76 -38.95 -45.40
CA PRO B 216 -37.68 -37.49 -45.53
C PRO B 216 -38.20 -37.02 -46.87
N PRO B 217 -38.89 -35.88 -46.91
CA PRO B 217 -39.29 -35.31 -48.21
C PRO B 217 -38.10 -34.69 -48.96
N ARG B 218 -37.00 -34.41 -48.27
CA ARG B 218 -35.81 -33.80 -48.87
C ARG B 218 -36.13 -32.45 -49.50
N GLY B 219 -36.85 -31.60 -48.76
CA GLY B 219 -37.08 -30.23 -49.13
C GLY B 219 -36.32 -29.26 -48.24
N ARG B 220 -36.51 -27.97 -48.52
CA ARG B 220 -35.80 -26.93 -47.79
C ARG B 220 -36.40 -26.64 -46.42
N PHE B 221 -37.66 -26.96 -46.21
CA PHE B 221 -38.35 -26.61 -44.98
C PHE B 221 -39.24 -27.78 -44.55
N ASP B 222 -38.62 -28.96 -44.35
CA ASP B 222 -39.37 -30.11 -43.86
C ASP B 222 -39.47 -30.02 -42.35
N VAL B 223 -40.70 -29.99 -41.82
CA VAL B 223 -40.86 -30.07 -40.37
C VAL B 223 -40.41 -31.44 -39.91
N LEU B 224 -39.50 -31.47 -38.94
CA LEU B 224 -38.94 -32.73 -38.48
C LEU B 224 -39.97 -33.53 -37.68
N PRO B 225 -39.83 -34.85 -37.62
CA PRO B 225 -40.68 -35.64 -36.73
C PRO B 225 -40.22 -35.49 -35.29
N LEU B 226 -41.13 -35.79 -34.37
CA LEU B 226 -40.78 -35.82 -32.95
C LEU B 226 -40.12 -37.14 -32.62
N LEU B 227 -39.03 -37.08 -31.85
CA LEU B 227 -38.26 -38.25 -31.44
C LEU B 227 -38.29 -38.28 -29.92
N LEU B 228 -39.12 -39.15 -29.36
CA LEU B 228 -39.57 -39.06 -27.98
C LEU B 228 -39.13 -40.30 -27.21
N GLN B 229 -38.61 -40.08 -25.99
CA GLN B 229 -38.04 -41.12 -25.15
C GLN B 229 -38.71 -41.06 -23.79
N ALA B 230 -39.33 -42.18 -23.39
CA ALA B 230 -40.04 -42.28 -22.12
C ALA B 230 -39.37 -43.35 -21.27
N ASN B 231 -39.16 -43.03 -20.00
CA ASN B 231 -38.72 -44.00 -19.00
C ASN B 231 -37.40 -44.68 -19.38
N GLY B 232 -36.55 -43.98 -20.12
CA GLY B 232 -35.27 -44.54 -20.52
C GLY B 232 -35.31 -45.57 -21.63
N ASN B 233 -36.47 -45.78 -22.26
CA ASN B 233 -36.52 -46.72 -23.37
C ASN B 233 -35.96 -46.08 -24.65
N ASP B 234 -35.84 -46.88 -25.71
CA ASP B 234 -35.41 -46.33 -26.98
C ASP B 234 -36.42 -45.29 -27.48
N PRO B 235 -35.97 -44.21 -28.09
CA PRO B 235 -36.90 -43.17 -28.54
C PRO B 235 -37.69 -43.63 -29.76
N GLU B 236 -38.86 -43.03 -29.93
CA GLU B 236 -39.80 -43.42 -30.99
C GLU B 236 -40.23 -42.20 -31.80
N LEU B 237 -40.44 -42.41 -33.11
CA LEU B 237 -40.79 -41.34 -34.04
C LEU B 237 -42.28 -41.07 -34.07
N PHE B 238 -42.64 -39.80 -34.19
CA PHE B 238 -44.04 -39.36 -34.33
C PHE B 238 -44.09 -38.14 -35.23
N GLN B 239 -45.08 -38.09 -36.12
CA GLN B 239 -45.28 -36.95 -37.00
C GLN B 239 -46.29 -35.99 -36.37
N ILE B 240 -45.87 -34.75 -36.13
CA ILE B 240 -46.83 -33.76 -35.63
C ILE B 240 -47.90 -33.55 -36.69
N PRO B 241 -49.17 -33.57 -36.33
CA PRO B 241 -50.23 -33.30 -37.32
C PRO B 241 -50.00 -31.96 -37.99
N PRO B 242 -49.94 -31.94 -39.33
CA PRO B 242 -49.55 -30.70 -40.03
C PRO B 242 -50.43 -29.50 -39.70
N GLU B 243 -51.72 -29.72 -39.43
CA GLU B 243 -52.61 -28.61 -39.09
C GLU B 243 -52.32 -28.02 -37.71
N LEU B 244 -51.46 -28.64 -36.90
CA LEU B 244 -51.02 -28.00 -35.66
C LEU B 244 -49.75 -27.17 -35.84
N VAL B 245 -49.14 -27.20 -37.02
CA VAL B 245 -47.86 -26.50 -37.24
C VAL B 245 -48.16 -25.21 -38.00
N LEU B 246 -48.20 -24.10 -37.28
CA LEU B 246 -48.44 -22.81 -37.91
C LEU B 246 -47.14 -22.25 -38.49
N GLU B 247 -47.18 -21.83 -39.75
CA GLU B 247 -46.03 -21.27 -40.45
C GLU B 247 -46.41 -19.96 -41.13
N VAL B 248 -45.40 -19.14 -41.38
CA VAL B 248 -45.55 -17.81 -41.97
C VAL B 248 -44.69 -17.71 -43.22
N PRO B 249 -45.26 -17.58 -44.42
CA PRO B 249 -44.44 -17.28 -45.59
C PRO B 249 -43.87 -15.87 -45.49
N ILE B 250 -42.58 -15.73 -45.74
CA ILE B 250 -41.90 -14.44 -45.57
C ILE B 250 -42.00 -13.65 -46.86
N ARG B 251 -42.58 -12.45 -46.77
CA ARG B 251 -42.61 -11.50 -47.87
C ARG B 251 -42.17 -10.15 -47.33
N HIS B 252 -41.96 -9.21 -48.25
CA HIS B 252 -41.44 -7.90 -47.86
C HIS B 252 -42.43 -6.81 -48.25
N PRO B 253 -42.60 -5.77 -47.43
CA PRO B 253 -43.62 -4.77 -47.75
C PRO B 253 -43.30 -3.91 -48.96
N LYS B 254 -42.03 -3.81 -49.39
CA LYS B 254 -41.67 -3.01 -50.55
C LYS B 254 -41.11 -3.83 -51.71
N PHE B 255 -40.30 -4.84 -51.43
CA PHE B 255 -39.64 -5.65 -52.46
C PHE B 255 -40.58 -6.79 -52.84
N GLU B 256 -41.19 -6.69 -54.02
CA GLU B 256 -42.12 -7.73 -54.46
C GLU B 256 -41.39 -9.04 -54.75
N TRP B 257 -40.09 -8.99 -55.02
CA TRP B 257 -39.33 -10.19 -55.33
C TRP B 257 -38.99 -11.01 -54.10
N PHE B 258 -39.14 -10.44 -52.90
CA PHE B 258 -38.72 -11.15 -51.70
C PHE B 258 -39.49 -12.45 -51.53
N LYS B 259 -40.80 -12.44 -51.83
CA LYS B 259 -41.57 -13.68 -51.70
C LYS B 259 -41.02 -14.77 -52.60
N ASP B 260 -40.37 -14.42 -53.70
CA ASP B 260 -39.82 -15.41 -54.62
C ASP B 260 -38.62 -16.15 -54.05
N LEU B 261 -38.03 -15.66 -52.95
CA LEU B 261 -36.99 -16.43 -52.29
C LEU B 261 -37.50 -17.74 -51.69
N GLY B 262 -38.82 -17.90 -51.56
CA GLY B 262 -39.37 -19.12 -51.01
C GLY B 262 -39.17 -19.31 -49.52
N LEU B 263 -38.97 -18.23 -48.78
CA LEU B 263 -38.66 -18.35 -47.36
C LEU B 263 -39.94 -18.43 -46.54
N LYS B 264 -39.85 -19.19 -45.45
CA LYS B 264 -40.91 -19.30 -44.47
C LYS B 264 -40.27 -19.66 -43.15
N TRP B 265 -41.02 -19.49 -42.07
CA TRP B 265 -40.60 -19.98 -40.76
C TRP B 265 -41.84 -20.42 -40.00
N TYR B 266 -41.62 -21.10 -38.89
CA TYR B 266 -42.72 -21.55 -38.04
C TYR B 266 -42.99 -20.52 -36.94
N GLY B 267 -44.23 -20.48 -36.47
CA GLY B 267 -44.62 -19.44 -35.55
C GLY B 267 -44.25 -19.70 -34.10
N LEU B 268 -44.07 -20.96 -33.71
CA LEU B 268 -43.96 -21.32 -32.30
C LEU B 268 -42.56 -21.72 -31.90
N PRO B 269 -41.81 -20.89 -31.17
CA PRO B 269 -40.49 -21.30 -30.64
C PRO B 269 -40.67 -22.09 -29.35
N ALA B 270 -40.23 -23.35 -29.36
CA ALA B 270 -40.56 -24.32 -28.31
C ALA B 270 -39.31 -25.14 -27.99
N VAL B 271 -38.52 -24.67 -27.02
CA VAL B 271 -37.27 -25.33 -26.65
C VAL B 271 -37.56 -26.61 -25.89
N SER B 272 -36.95 -27.71 -26.32
CA SER B 272 -37.29 -29.01 -25.79
C SER B 272 -36.09 -29.82 -25.30
N ASN B 273 -34.86 -29.27 -25.33
CA ASN B 273 -33.72 -30.07 -24.90
C ASN B 273 -33.08 -29.58 -23.60
N MET B 274 -33.73 -28.72 -22.85
CA MET B 274 -33.14 -28.25 -21.61
C MET B 274 -33.70 -29.02 -20.42
N LEU B 275 -33.05 -28.82 -19.27
CA LEU B 275 -33.43 -29.51 -18.05
C LEU B 275 -33.92 -28.49 -17.04
N LEU B 276 -35.03 -28.81 -16.40
CA LEU B 276 -35.67 -27.96 -15.41
C LEU B 276 -35.36 -28.51 -14.03
N GLU B 277 -34.69 -27.72 -13.20
CA GLU B 277 -34.29 -28.12 -11.87
C GLU B 277 -35.12 -27.36 -10.86
N ILE B 278 -35.87 -28.10 -10.02
CA ILE B 278 -36.70 -27.52 -8.96
C ILE B 278 -36.44 -28.30 -7.67
N GLY B 279 -35.92 -27.62 -6.67
CA GLY B 279 -35.71 -28.23 -5.36
C GLY B 279 -34.82 -29.46 -5.39
N GLY B 280 -33.81 -29.45 -6.25
CA GLY B 280 -32.97 -30.61 -6.43
C GLY B 280 -33.53 -31.67 -7.35
N LEU B 281 -34.82 -31.63 -7.68
CA LEU B 281 -35.37 -32.58 -8.64
C LEU B 281 -35.06 -32.13 -10.06
N GLU B 282 -34.87 -33.11 -10.94
CA GLU B 282 -34.44 -32.85 -12.32
C GLU B 282 -35.52 -33.33 -13.30
N PHE B 283 -36.09 -32.39 -14.04
CA PHE B 283 -37.09 -32.67 -15.08
C PHE B 283 -36.39 -32.58 -16.42
N SER B 284 -35.93 -33.72 -16.92
CA SER B 284 -35.13 -33.78 -18.14
C SER B 284 -35.95 -33.60 -19.42
N ALA B 285 -37.28 -33.75 -19.36
CA ALA B 285 -38.15 -33.46 -20.49
C ALA B 285 -39.16 -32.40 -20.03
N CYS B 286 -38.99 -31.17 -20.53
CA CYS B 286 -39.81 -30.05 -20.06
C CYS B 286 -40.00 -29.00 -21.16
N PRO B 287 -40.54 -29.37 -22.32
CA PRO B 287 -40.57 -28.41 -23.43
C PRO B 287 -41.41 -27.18 -23.09
N PHE B 288 -40.89 -26.01 -23.47
CA PHE B 288 -41.52 -24.73 -23.15
C PHE B 288 -41.50 -23.83 -24.37
N SER B 289 -42.47 -22.93 -24.45
CA SER B 289 -42.68 -22.17 -25.66
C SER B 289 -43.16 -20.78 -25.31
N GLY B 290 -42.78 -19.81 -26.13
CA GLY B 290 -43.30 -18.45 -26.01
C GLY B 290 -43.68 -17.95 -27.38
N TRP B 291 -43.11 -16.81 -27.76
CA TRP B 291 -43.24 -16.30 -29.11
C TRP B 291 -41.91 -15.67 -29.47
N TYR B 292 -41.71 -15.42 -30.76
CA TYR B 292 -40.43 -15.01 -31.28
C TYR B 292 -40.16 -13.53 -31.11
N MET B 293 -38.89 -13.22 -30.85
CA MET B 293 -38.34 -11.92 -31.21
C MET B 293 -37.84 -12.02 -32.65
N GLY B 294 -38.18 -11.03 -33.47
CA GLY B 294 -37.88 -11.10 -34.91
C GLY B 294 -36.44 -11.43 -35.25
N THR B 295 -35.48 -10.94 -34.44
CA THR B 295 -34.08 -11.13 -34.81
C THR B 295 -33.64 -12.58 -34.67
N GLU B 296 -34.33 -13.38 -33.86
CA GLU B 296 -33.96 -14.79 -33.78
C GLU B 296 -34.02 -15.44 -35.16
N ILE B 297 -35.09 -15.16 -35.91
CA ILE B 297 -35.28 -15.70 -37.25
C ILE B 297 -34.47 -14.90 -38.26
N GLY B 298 -34.67 -13.58 -38.26
CA GLY B 298 -34.15 -12.74 -39.34
C GLY B 298 -32.66 -12.48 -39.28
N VAL B 299 -32.05 -12.54 -38.11
CA VAL B 299 -30.60 -12.37 -37.97
C VAL B 299 -29.88 -13.70 -37.86
N ARG B 300 -30.29 -14.54 -36.90
CA ARG B 300 -29.56 -15.78 -36.63
C ARG B 300 -29.98 -16.91 -37.56
N ASP B 301 -31.26 -17.31 -37.55
CA ASP B 301 -31.69 -18.45 -38.36
C ASP B 301 -31.42 -18.20 -39.84
N TYR B 302 -31.67 -16.97 -40.31
CA TYR B 302 -31.51 -16.69 -41.73
C TYR B 302 -30.10 -16.26 -42.14
N CYS B 303 -29.34 -15.58 -41.28
CA CYS B 303 -28.12 -14.93 -41.74
C CYS B 303 -26.84 -15.41 -41.09
N ASP B 304 -26.91 -16.24 -40.05
CA ASP B 304 -25.70 -16.93 -39.60
C ASP B 304 -25.09 -17.67 -40.79
N ASN B 305 -23.77 -17.56 -40.92
CA ASN B 305 -23.07 -18.23 -42.01
C ASN B 305 -23.32 -19.74 -42.02
N SER B 306 -23.47 -20.34 -40.84
CA SER B 306 -23.69 -21.77 -40.73
C SER B 306 -25.17 -22.14 -40.65
N ARG B 307 -26.09 -21.21 -40.89
CA ARG B 307 -27.52 -21.51 -40.89
C ARG B 307 -28.05 -21.38 -42.31
N TYR B 308 -29.17 -20.69 -42.56
CA TYR B 308 -29.66 -20.60 -43.93
C TYR B 308 -28.82 -19.66 -44.78
N ASN B 309 -28.11 -18.72 -44.15
CA ASN B 309 -27.05 -17.95 -44.82
C ASN B 309 -27.55 -17.29 -46.11
N ILE B 310 -28.57 -16.43 -45.99
CA ILE B 310 -29.23 -15.87 -47.16
C ILE B 310 -28.73 -14.48 -47.52
N LEU B 311 -27.73 -13.95 -46.81
CA LEU B 311 -27.31 -12.57 -47.06
C LEU B 311 -26.94 -12.37 -48.52
N GLU B 312 -26.13 -13.26 -49.07
CA GLU B 312 -25.67 -13.10 -50.46
C GLU B 312 -26.83 -12.98 -51.42
N GLU B 313 -27.80 -13.90 -51.32
CA GLU B 313 -28.89 -13.91 -52.29
C GLU B 313 -29.74 -12.65 -52.17
N VAL B 314 -29.97 -12.18 -50.94
CA VAL B 314 -30.80 -11.00 -50.75
C VAL B 314 -30.10 -9.77 -51.29
N ALA B 315 -28.79 -9.64 -51.02
CA ALA B 315 -28.07 -8.47 -51.48
C ALA B 315 -27.97 -8.44 -53.00
N LYS B 316 -27.82 -9.60 -53.64
CA LYS B 316 -27.85 -9.65 -55.10
C LYS B 316 -29.16 -9.05 -55.63
N LYS B 317 -30.29 -9.61 -55.19
CA LYS B 317 -31.59 -9.08 -55.57
C LYS B 317 -31.75 -7.61 -55.21
N MET B 318 -31.02 -7.11 -54.21
CA MET B 318 -31.06 -5.69 -53.90
C MET B 318 -30.14 -4.87 -54.79
N ASN B 319 -29.37 -5.51 -55.66
CA ASN B 319 -28.40 -4.84 -56.53
C ASN B 319 -27.35 -4.06 -55.72
N LEU B 320 -26.92 -4.63 -54.60
CA LEU B 320 -25.90 -4.00 -53.78
C LEU B 320 -24.50 -4.29 -54.32
N ASP B 321 -23.56 -3.39 -54.02
CA ASP B 321 -22.17 -3.61 -54.37
C ASP B 321 -21.54 -4.51 -53.33
N MET B 322 -21.23 -5.74 -53.70
CA MET B 322 -20.70 -6.73 -52.78
C MET B 322 -19.20 -6.93 -52.92
N ARG B 323 -18.51 -6.06 -53.65
CA ARG B 323 -17.07 -6.19 -53.85
C ARG B 323 -16.26 -5.74 -52.63
N LYS B 324 -16.76 -4.78 -51.86
CA LYS B 324 -16.05 -4.29 -50.68
C LYS B 324 -16.94 -4.45 -49.45
N THR B 325 -16.33 -4.73 -48.30
CA THR B 325 -17.13 -4.86 -47.08
C THR B 325 -17.65 -3.51 -46.61
N SER B 326 -16.89 -2.43 -46.84
CA SER B 326 -17.23 -1.10 -46.34
C SER B 326 -18.41 -0.48 -47.07
N SER B 327 -18.92 -1.11 -48.13
CA SER B 327 -20.22 -0.70 -48.63
C SER B 327 -21.34 -1.07 -47.66
N LEU B 328 -21.05 -1.89 -46.65
CA LEU B 328 -22.02 -2.37 -45.65
C LEU B 328 -23.21 -3.06 -46.31
N TRP B 329 -22.94 -3.77 -47.41
CA TRP B 329 -24.01 -4.50 -48.09
C TRP B 329 -24.62 -5.56 -47.18
N LYS B 330 -23.81 -6.26 -46.39
CA LYS B 330 -24.40 -7.22 -45.45
C LYS B 330 -25.34 -6.54 -44.48
N ASP B 331 -24.90 -5.41 -43.90
CA ASP B 331 -25.72 -4.69 -42.93
C ASP B 331 -27.04 -4.24 -43.57
N GLN B 332 -26.96 -3.73 -44.80
CA GLN B 332 -28.15 -3.27 -45.51
C GLN B 332 -29.13 -4.39 -45.77
N ALA B 333 -28.63 -5.54 -46.25
CA ALA B 333 -29.50 -6.67 -46.52
C ALA B 333 -30.08 -7.26 -45.24
N LEU B 334 -29.27 -7.32 -44.17
CA LEU B 334 -29.74 -7.81 -42.88
C LEU B 334 -31.00 -7.05 -42.41
N VAL B 335 -30.99 -5.72 -42.51
CA VAL B 335 -32.14 -4.94 -42.03
C VAL B 335 -33.39 -5.29 -42.82
N GLU B 336 -33.27 -5.33 -44.15
CA GLU B 336 -34.44 -5.63 -44.98
C GLU B 336 -35.00 -7.01 -44.66
N ILE B 337 -34.14 -7.99 -44.41
CA ILE B 337 -34.62 -9.32 -44.06
C ILE B 337 -35.42 -9.29 -42.77
N ASN B 338 -34.96 -8.48 -41.82
CA ASN B 338 -35.65 -8.41 -40.53
C ASN B 338 -36.94 -7.62 -40.64
N ILE B 339 -36.98 -6.60 -41.50
CA ILE B 339 -38.26 -5.94 -41.81
C ILE B 339 -39.25 -6.94 -42.36
N ALA B 340 -38.80 -7.81 -43.28
CA ALA B 340 -39.68 -8.77 -43.92
C ALA B 340 -40.26 -9.74 -42.90
N VAL B 341 -39.41 -10.28 -42.03
CA VAL B 341 -39.87 -11.20 -40.99
C VAL B 341 -40.98 -10.58 -40.17
N LEU B 342 -40.74 -9.37 -39.64
CA LEU B 342 -41.75 -8.72 -38.80
C LEU B 342 -43.03 -8.46 -39.58
N TYR B 343 -42.91 -7.90 -40.79
CA TYR B 343 -44.08 -7.60 -41.60
C TYR B 343 -44.89 -8.85 -41.88
N SER B 344 -44.21 -9.98 -42.12
CA SER B 344 -44.89 -11.21 -42.49
C SER B 344 -45.70 -11.75 -41.31
N PHE B 345 -45.09 -11.80 -40.13
CA PHE B 345 -45.82 -12.31 -38.96
C PHE B 345 -46.99 -11.41 -38.61
N GLN B 346 -46.77 -10.08 -38.63
CA GLN B 346 -47.84 -9.16 -38.26
C GLN B 346 -48.99 -9.24 -39.25
N SER B 347 -48.67 -9.36 -40.55
CA SER B 347 -49.72 -9.48 -41.56
C SER B 347 -50.57 -10.72 -41.33
N ASP B 348 -49.95 -11.83 -40.93
CA ASP B 348 -50.69 -13.06 -40.67
C ASP B 348 -51.20 -13.15 -39.23
N LYS B 349 -51.08 -12.06 -38.46
CA LYS B 349 -51.57 -11.99 -37.07
C LYS B 349 -51.02 -13.15 -36.24
N VAL B 350 -49.72 -13.39 -36.39
CA VAL B 350 -48.99 -14.33 -35.56
C VAL B 350 -48.12 -13.51 -34.63
N THR B 351 -48.22 -13.78 -33.33
CA THR B 351 -47.50 -12.99 -32.33
C THR B 351 -45.99 -12.99 -32.60
N ILE B 352 -45.42 -11.79 -32.57
CA ILE B 352 -43.99 -11.61 -32.68
C ILE B 352 -43.68 -10.27 -32.04
N VAL B 353 -42.42 -10.07 -31.62
CA VAL B 353 -41.98 -8.84 -31.00
C VAL B 353 -40.66 -8.42 -31.65
N ASP B 354 -40.53 -7.14 -31.97
CA ASP B 354 -39.26 -6.67 -32.52
C ASP B 354 -38.27 -6.39 -31.40
N HIS B 355 -37.00 -6.26 -31.77
CA HIS B 355 -35.98 -6.15 -30.74
C HIS B 355 -36.08 -4.83 -29.98
N HIS B 356 -36.58 -3.76 -30.60
CA HIS B 356 -36.72 -2.52 -29.87
C HIS B 356 -37.77 -2.64 -28.78
N SER B 357 -38.98 -3.09 -29.14
CA SER B 357 -40.02 -3.28 -28.15
C SER B 357 -39.57 -4.25 -27.06
N ALA B 358 -38.98 -5.37 -27.45
CA ALA B 358 -38.62 -6.41 -26.49
C ALA B 358 -37.59 -5.92 -25.49
N THR B 359 -36.60 -5.14 -25.95
CA THR B 359 -35.56 -4.68 -25.02
C THR B 359 -36.09 -3.58 -24.12
N GLU B 360 -36.99 -2.73 -24.62
CA GLU B 360 -37.62 -1.72 -23.77
C GLU B 360 -38.39 -2.38 -22.63
N SER B 361 -39.22 -3.36 -22.99
CA SER B 361 -39.95 -4.11 -21.97
C SER B 361 -39.00 -4.72 -20.94
N PHE B 362 -37.91 -5.32 -21.41
CA PHE B 362 -36.99 -5.93 -20.47
C PHE B 362 -36.44 -4.92 -19.48
N ILE B 363 -36.12 -3.70 -19.94
CA ILE B 363 -35.63 -2.67 -19.02
C ILE B 363 -36.67 -2.38 -17.95
N LYS B 364 -37.94 -2.22 -18.36
CA LYS B 364 -38.99 -1.98 -17.37
C LYS B 364 -39.13 -3.18 -16.44
N HIS B 365 -39.05 -4.40 -16.98
CA HIS B 365 -39.09 -5.59 -16.13
C HIS B 365 -37.92 -5.59 -15.15
N MET B 366 -36.71 -5.29 -15.64
CA MET B 366 -35.55 -5.21 -14.76
C MET B 366 -35.79 -4.23 -13.62
N GLU B 367 -36.19 -3.00 -13.93
CA GLU B 367 -36.46 -2.01 -12.88
C GLU B 367 -37.42 -2.58 -11.83
N ASN B 368 -38.52 -3.16 -12.29
CA ASN B 368 -39.55 -3.69 -11.41
C ASN B 368 -38.98 -4.78 -10.51
N GLU B 369 -38.24 -5.72 -11.11
CA GLU B 369 -37.62 -6.79 -10.34
C GLU B 369 -36.68 -6.25 -9.26
N TYR B 370 -35.88 -5.23 -9.58
CA TYR B 370 -35.01 -4.67 -8.56
C TYR B 370 -35.83 -4.05 -7.43
N ARG B 371 -36.97 -3.44 -7.78
CA ARG B 371 -37.83 -2.83 -6.77
C ARG B 371 -38.50 -3.90 -5.88
N CYS B 372 -39.10 -4.91 -6.48
CA CYS B 372 -39.91 -5.83 -5.67
C CYS B 372 -39.14 -7.05 -5.18
N ARG B 373 -38.04 -7.41 -5.84
CA ARG B 373 -37.31 -8.62 -5.54
C ARG B 373 -35.87 -8.38 -5.08
N GLY B 374 -35.33 -7.19 -5.33
CA GLY B 374 -33.95 -6.91 -4.96
C GLY B 374 -32.94 -7.18 -6.05
N GLY B 375 -33.38 -7.61 -7.23
CA GLY B 375 -32.48 -7.71 -8.36
C GLY B 375 -33.10 -8.53 -9.48
N CYS B 376 -32.28 -8.76 -10.50
CA CYS B 376 -32.69 -9.49 -11.69
C CYS B 376 -31.43 -9.94 -12.40
N PRO B 377 -31.05 -11.20 -12.27
CA PRO B 377 -29.84 -11.68 -12.94
C PRO B 377 -30.02 -11.62 -14.46
N ALA B 378 -29.00 -11.15 -15.15
CA ALA B 378 -29.13 -10.91 -16.58
C ALA B 378 -27.79 -11.06 -17.26
N ASP B 379 -27.80 -11.75 -18.39
CA ASP B 379 -26.61 -12.06 -19.16
C ASP B 379 -26.55 -11.07 -20.31
N TRP B 380 -25.76 -10.00 -20.14
CA TRP B 380 -25.70 -8.94 -21.16
C TRP B 380 -25.37 -9.50 -22.53
N VAL B 381 -24.42 -10.43 -22.60
CA VAL B 381 -23.98 -11.05 -23.84
C VAL B 381 -25.14 -11.67 -24.62
N TRP B 382 -26.13 -12.22 -23.92
CA TRP B 382 -27.31 -12.79 -24.56
C TRP B 382 -28.48 -11.81 -24.66
N ILE B 383 -28.63 -10.89 -23.70
CA ILE B 383 -29.78 -9.98 -23.69
C ILE B 383 -29.68 -8.98 -24.84
N VAL B 384 -28.48 -8.50 -25.15
CA VAL B 384 -28.34 -7.52 -26.24
C VAL B 384 -28.61 -8.20 -27.58
N PRO B 385 -29.52 -7.68 -28.40
CA PRO B 385 -29.88 -8.35 -29.66
C PRO B 385 -28.71 -8.44 -30.62
N PRO B 386 -28.73 -9.40 -31.56
CA PRO B 386 -27.60 -9.60 -32.47
C PRO B 386 -27.48 -8.60 -33.60
N MET B 387 -28.33 -7.58 -33.66
CA MET B 387 -28.14 -6.47 -34.59
C MET B 387 -28.52 -5.18 -33.87
N SER B 388 -27.97 -4.07 -34.34
CA SER B 388 -28.35 -2.74 -33.87
C SER B 388 -28.18 -2.59 -32.36
N GLY B 389 -27.16 -3.23 -31.83
CA GLY B 389 -26.98 -3.34 -30.39
C GLY B 389 -27.16 -2.05 -29.61
N SER B 390 -26.38 -1.00 -29.92
CA SER B 390 -26.40 0.17 -29.05
C SER B 390 -27.61 1.07 -29.27
N ILE B 391 -28.41 0.86 -30.32
CA ILE B 391 -29.64 1.64 -30.40
C ILE B 391 -30.75 0.98 -29.60
N THR B 392 -30.46 -0.14 -28.93
CA THR B 392 -31.47 -0.66 -28.00
C THR B 392 -31.06 -0.29 -26.58
N PRO B 393 -32.02 -0.13 -25.67
CA PRO B 393 -31.68 0.37 -24.33
C PRO B 393 -30.84 -0.61 -23.51
N VAL B 394 -30.95 -1.92 -23.74
CA VAL B 394 -30.20 -2.88 -22.93
C VAL B 394 -28.69 -2.73 -23.12
N PHE B 395 -28.25 -2.25 -24.29
CA PHE B 395 -26.82 -2.07 -24.54
C PHE B 395 -26.19 -1.20 -23.46
N HIS B 396 -26.92 -0.19 -23.02
CA HIS B 396 -26.42 0.82 -22.10
C HIS B 396 -26.69 0.49 -20.65
N GLN B 397 -27.29 -0.67 -20.39
CA GLN B 397 -27.70 -1.11 -19.07
C GLN B 397 -26.65 -2.02 -18.47
N GLU B 398 -26.04 -1.60 -17.35
CA GLU B 398 -25.22 -2.53 -16.60
C GLU B 398 -26.12 -3.63 -16.03
N MET B 399 -25.59 -4.86 -15.98
CA MET B 399 -26.33 -6.03 -15.52
C MET B 399 -25.41 -6.89 -14.66
N LEU B 400 -26.01 -7.58 -13.70
CA LEU B 400 -25.31 -8.55 -12.89
C LEU B 400 -25.83 -9.93 -13.24
N ASN B 401 -24.92 -10.89 -13.40
CA ASN B 401 -25.28 -12.25 -13.79
C ASN B 401 -24.92 -13.19 -12.64
N TYR B 402 -25.91 -13.95 -12.20
CA TYR B 402 -25.72 -14.95 -11.16
C TYR B 402 -26.82 -16.00 -11.34
N ARG B 403 -26.62 -17.17 -10.71
CA ARG B 403 -27.47 -18.33 -10.94
C ARG B 403 -28.38 -18.52 -9.72
N LEU B 404 -29.68 -18.34 -9.93
CA LEU B 404 -30.68 -18.67 -8.93
C LEU B 404 -31.41 -19.95 -9.34
N THR B 405 -31.89 -20.68 -8.36
CA THR B 405 -32.70 -21.86 -8.58
C THR B 405 -34.11 -21.65 -8.05
N PRO B 406 -35.15 -22.25 -8.67
CA PRO B 406 -35.17 -23.18 -9.81
C PRO B 406 -34.59 -22.60 -11.07
N SER B 407 -34.09 -23.46 -11.93
CA SER B 407 -33.40 -22.96 -13.11
C SER B 407 -33.66 -23.88 -14.28
N PHE B 408 -33.44 -23.33 -15.47
CA PHE B 408 -33.28 -24.11 -16.69
C PHE B 408 -31.79 -24.33 -16.94
N GLU B 409 -31.43 -25.56 -17.21
CA GLU B 409 -30.04 -25.94 -17.39
C GLU B 409 -29.88 -26.68 -18.71
N TYR B 410 -28.69 -26.54 -19.28
CA TYR B 410 -28.26 -27.37 -20.39
C TYR B 410 -28.04 -28.81 -19.91
N GLN B 411 -28.14 -29.74 -20.86
CA GLN B 411 -27.88 -31.15 -20.58
C GLN B 411 -27.32 -31.77 -21.85
N PRO B 412 -26.61 -32.89 -21.73
CA PRO B 412 -26.02 -33.50 -22.93
C PRO B 412 -27.09 -33.94 -23.91
N ASP B 413 -26.72 -33.94 -25.19
CA ASP B 413 -27.60 -34.52 -26.19
C ASP B 413 -27.84 -35.99 -25.90
N PRO B 414 -29.07 -36.47 -26.08
CA PRO B 414 -29.40 -37.83 -25.63
C PRO B 414 -28.66 -38.92 -26.39
N TRP B 415 -28.41 -38.72 -27.68
CA TRP B 415 -27.73 -39.74 -28.46
C TRP B 415 -26.27 -39.91 -28.06
N ASN B 416 -25.69 -39.00 -27.27
CA ASN B 416 -24.34 -39.20 -26.77
C ASN B 416 -24.28 -40.05 -25.51
N THR B 417 -25.40 -40.21 -24.81
CA THR B 417 -25.42 -40.94 -23.55
C THR B 417 -26.37 -42.13 -23.55
N HIS B 418 -27.34 -42.19 -24.46
CA HIS B 418 -28.32 -43.27 -24.41
C HIS B 418 -27.69 -44.58 -24.83
N VAL B 419 -27.91 -45.62 -24.04
CA VAL B 419 -27.48 -46.95 -24.41
C VAL B 419 -28.69 -47.68 -24.98
N TRP B 420 -28.59 -48.04 -26.26
CA TRP B 420 -29.72 -48.59 -26.99
C TRP B 420 -30.04 -50.01 -26.53
N LYS B 421 -31.34 -50.30 -26.48
CA LYS B 421 -31.83 -51.57 -25.96
C LYS B 421 -32.24 -52.57 -27.03
N LEU B 422 -32.48 -52.13 -28.26
CA LEU B 422 -33.00 -53.02 -29.30
C LEU B 422 -31.93 -53.94 -29.86
N VAL B 423 -32.32 -55.21 -30.06
CA VAL B 423 -31.53 -56.33 -30.59
C VAL B 423 -30.12 -56.47 -30.02
N PRO C 2 5.98 26.99 24.40
CA PRO C 2 5.33 27.37 25.66
C PRO C 2 6.26 28.18 26.53
N ARG C 3 5.71 28.89 27.52
CA ARG C 3 6.56 29.70 28.39
C ARG C 3 7.39 28.85 29.36
N PHE C 4 7.10 27.56 29.49
CA PHE C 4 7.81 26.71 30.44
C PHE C 4 7.85 25.27 29.91
N LEU C 5 8.98 24.59 30.12
CA LEU C 5 9.12 23.17 29.85
C LEU C 5 9.75 22.52 31.07
N LYS C 6 9.21 21.39 31.52
CA LYS C 6 9.71 20.72 32.71
C LYS C 6 10.60 19.55 32.32
N VAL C 7 11.68 19.37 33.08
CA VAL C 7 12.52 18.17 33.00
C VAL C 7 12.50 17.52 34.38
N LYS C 8 12.54 16.20 34.38
CA LYS C 8 12.43 15.41 35.59
C LYS C 8 13.64 14.50 35.73
N ASN C 9 14.12 14.34 36.95
CA ASN C 9 15.11 13.31 37.25
C ASN C 9 14.36 12.12 37.83
N TRP C 10 14.46 10.98 37.16
CA TRP C 10 13.67 9.81 37.53
C TRP C 10 14.28 9.05 38.70
N GLU C 11 15.51 9.37 39.09
CA GLU C 11 16.09 8.78 40.29
C GLU C 11 15.70 9.56 41.55
N THR C 12 15.71 10.89 41.48
CA THR C 12 15.46 11.75 42.64
C THR C 12 14.09 12.39 42.64
N GLU C 13 13.35 12.34 41.53
CA GLU C 13 12.06 12.99 41.34
C GLU C 13 12.13 14.51 41.34
N VAL C 14 13.33 15.10 41.31
CA VAL C 14 13.46 16.55 41.18
C VAL C 14 12.96 16.99 39.81
N VAL C 15 12.16 18.06 39.80
CA VAL C 15 11.68 18.64 38.56
C VAL C 15 12.22 20.06 38.42
N LEU C 16 12.72 20.39 37.24
CA LEU C 16 13.27 21.70 36.93
C LEU C 16 12.49 22.31 35.78
N THR C 17 12.41 23.64 35.76
CA THR C 17 11.57 24.34 34.79
C THR C 17 12.43 25.18 33.87
N ASP C 18 12.36 24.91 32.58
CA ASP C 18 13.23 25.57 31.61
C ASP C 18 12.47 26.70 30.93
N THR C 19 12.97 27.93 31.11
CA THR C 19 12.55 29.09 30.34
C THR C 19 13.60 29.55 29.36
N LEU C 20 14.87 29.17 29.57
CA LEU C 20 15.96 29.67 28.74
C LEU C 20 15.82 29.23 27.29
N HIS C 21 15.13 28.10 27.03
CA HIS C 21 14.97 27.62 25.66
C HIS C 21 14.25 28.64 24.78
N LEU C 22 13.47 29.55 25.37
CA LEU C 22 12.80 30.58 24.58
C LEU C 22 13.77 31.54 23.90
N LYS C 23 15.04 31.52 24.29
CA LYS C 23 16.05 32.37 23.69
C LYS C 23 16.85 31.67 22.59
N SER C 24 16.53 30.42 22.26
CA SER C 24 17.35 29.69 21.30
C SER C 24 17.11 30.21 19.88
N THR C 25 18.03 29.85 18.97
CA THR C 25 17.99 30.45 17.63
C THR C 25 18.26 29.49 16.48
N LEU C 26 19.43 28.87 16.39
CA LEU C 26 19.65 28.02 15.23
C LEU C 26 18.98 26.67 15.43
N GLU C 27 18.96 25.88 14.35
CA GLU C 27 18.29 24.61 14.32
C GLU C 27 18.89 23.61 15.30
N THR C 28 18.05 22.66 15.73
CA THR C 28 18.55 21.44 16.37
C THR C 28 18.81 20.35 15.36
N GLY C 29 18.13 20.40 14.22
CA GLY C 29 18.09 19.30 13.31
C GLY C 29 16.80 18.50 13.36
N CYS C 30 16.09 18.53 14.49
CA CYS C 30 14.84 17.79 14.60
C CYS C 30 13.70 18.54 13.93
N THR C 31 12.66 17.81 13.58
CA THR C 31 11.40 18.42 13.20
C THR C 31 10.35 18.03 14.23
N GLU C 32 9.13 18.51 14.02
CA GLU C 32 8.05 18.15 14.92
C GLU C 32 7.69 16.68 14.82
N TYR C 33 8.06 16.00 13.72
CA TYR C 33 7.73 14.59 13.55
C TYR C 33 8.93 13.67 13.49
N ILE C 34 10.16 14.19 13.51
CA ILE C 34 11.34 13.32 13.56
C ILE C 34 12.33 13.88 14.56
N CYS C 35 12.92 13.00 15.38
CA CYS C 35 13.99 13.39 16.28
C CYS C 35 15.30 12.88 15.72
N MET C 36 16.27 13.78 15.61
CA MET C 36 17.61 13.45 15.12
C MET C 36 18.64 13.62 16.22
N GLY C 37 18.23 13.39 17.46
CA GLY C 37 19.09 13.62 18.59
C GLY C 37 20.35 12.77 18.63
N SER C 38 20.42 11.68 17.86
CA SER C 38 21.64 10.88 17.82
C SER C 38 22.44 11.11 16.53
N ILE C 39 22.06 12.09 15.71
CA ILE C 39 22.84 12.42 14.52
C ILE C 39 24.03 13.28 14.95
N MET C 40 25.24 12.89 14.55
CA MET C 40 26.41 13.61 15.04
C MET C 40 26.51 15.01 14.42
N HIS C 41 26.37 15.12 13.11
CA HIS C 41 26.42 16.42 12.41
C HIS C 41 25.14 16.60 11.62
N PRO C 42 24.07 17.13 12.22
CA PRO C 42 22.81 17.31 11.48
C PRO C 42 22.95 18.26 10.29
N ASP C 51 30.89 31.79 1.97
CA ASP C 51 29.81 32.10 2.90
C ASP C 51 30.30 32.92 4.10
N VAL C 52 30.30 34.24 3.94
CA VAL C 52 30.53 35.14 5.06
C VAL C 52 29.29 36.01 5.23
N ALA C 53 28.96 36.33 6.47
CA ALA C 53 27.75 37.10 6.74
C ALA C 53 27.79 38.45 6.02
N THR C 54 26.64 38.85 5.49
CA THR C 54 26.51 40.16 4.89
C THR C 54 26.31 41.22 5.97
N LYS C 55 26.39 42.50 5.55
CA LYS C 55 26.08 43.60 6.45
C LYS C 55 24.73 43.39 7.13
N ASP C 56 23.69 43.15 6.33
CA ASP C 56 22.34 43.04 6.86
C ASP C 56 22.18 41.82 7.75
N GLN C 57 22.90 40.73 7.46
CA GLN C 57 22.87 39.59 8.35
C GLN C 57 23.57 39.88 9.67
N LEU C 58 24.64 40.70 9.62
CA LEU C 58 25.50 40.85 10.79
C LEU C 58 24.87 41.76 11.83
N PHE C 59 24.21 42.86 11.40
CA PHE C 59 23.60 43.83 12.30
C PHE C 59 22.81 43.17 13.43
N PRO C 60 21.78 42.36 13.14
CA PRO C 60 20.98 41.82 14.26
C PRO C 60 21.73 40.81 15.11
N LEU C 61 22.69 40.07 14.53
CA LEU C 61 23.48 39.17 15.37
C LEU C 61 24.32 39.96 16.35
N ALA C 62 24.91 41.08 15.89
CA ALA C 62 25.74 41.89 16.78
C ALA C 62 24.91 42.50 17.89
N LYS C 63 23.76 43.09 17.53
CA LYS C 63 22.92 43.73 18.53
C LYS C 63 22.52 42.74 19.61
N GLU C 64 22.08 41.55 19.21
CA GLU C 64 21.65 40.55 20.19
C GLU C 64 22.77 40.26 21.19
N PHE C 65 24.01 40.12 20.69
CA PHE C 65 25.13 39.82 21.57
C PHE C 65 25.45 41.00 22.49
N ILE C 66 25.54 42.21 21.94
CA ILE C 66 25.86 43.36 22.78
C ILE C 66 24.77 43.57 23.82
N ASP C 67 23.50 43.36 23.45
CA ASP C 67 22.41 43.44 24.42
C ASP C 67 22.63 42.43 25.54
N GLN C 68 22.96 41.19 25.15
CA GLN C 68 23.21 40.13 26.12
C GLN C 68 24.39 40.49 27.02
N TYR C 69 25.46 41.01 26.44
CA TYR C 69 26.62 41.39 27.25
C TYR C 69 26.25 42.49 28.24
N TYR C 70 25.57 43.54 27.78
CA TYR C 70 25.29 44.63 28.69
C TYR C 70 24.24 44.24 29.72
N SER C 71 23.38 43.28 29.39
CA SER C 71 22.48 42.76 30.39
C SER C 71 23.24 41.99 31.46
N SER C 72 24.25 41.20 31.06
CA SER C 72 24.99 40.40 32.03
C SER C 72 25.70 41.27 33.06
N ILE C 73 26.17 42.45 32.68
CA ILE C 73 26.86 43.34 33.59
C ILE C 73 25.92 44.40 34.19
N LYS C 74 24.62 44.20 34.10
CA LYS C 74 23.63 45.13 34.67
C LYS C 74 23.87 46.56 34.19
N ARG C 75 24.02 46.70 32.87
CA ARG C 75 24.12 48.02 32.25
C ARG C 75 23.22 48.12 31.03
N PHE C 76 22.16 47.31 30.97
CA PHE C 76 21.25 47.35 29.84
C PHE C 76 20.53 48.70 29.81
N GLY C 77 20.50 49.32 28.64
CA GLY C 77 19.88 50.62 28.50
C GLY C 77 20.76 51.78 28.90
N SER C 78 21.98 51.53 29.37
CA SER C 78 22.84 52.59 29.84
C SER C 78 23.44 53.38 28.66
N LYS C 79 24.07 54.50 29.01
CA LYS C 79 24.74 55.32 28.00
C LYS C 79 25.85 54.54 27.31
N ALA C 80 26.66 53.81 28.09
CA ALA C 80 27.70 52.96 27.51
C ALA C 80 27.09 51.91 26.58
N HIS C 81 25.97 51.32 26.97
CA HIS C 81 25.34 50.32 26.13
C HIS C 81 24.91 50.92 24.79
N MET C 82 24.25 52.09 24.83
CA MET C 82 23.75 52.71 23.61
C MET C 82 24.89 53.16 22.69
N GLU C 83 25.95 53.74 23.27
CA GLU C 83 27.07 54.18 22.45
C GLU C 83 27.80 53.00 21.83
N ARG C 84 27.91 51.88 22.56
CA ARG C 84 28.52 50.69 22.00
C ARG C 84 27.74 50.19 20.79
N LEU C 85 26.41 50.14 20.91
CA LEU C 85 25.56 49.73 19.78
C LEU C 85 25.80 50.63 18.57
N GLU C 86 25.84 51.94 18.79
CA GLU C 86 26.10 52.88 17.71
C GLU C 86 27.50 52.65 17.11
N GLU C 87 28.50 52.47 17.97
CA GLU C 87 29.84 52.20 17.48
C GLU C 87 29.90 50.93 16.65
N VAL C 88 29.23 49.85 17.11
CA VAL C 88 29.26 48.57 16.39
C VAL C 88 28.62 48.72 15.02
N ASN C 89 27.44 49.37 14.97
CA ASN C 89 26.74 49.55 13.70
C ASN C 89 27.56 50.38 12.71
N LYS C 90 28.30 51.37 13.21
CA LYS C 90 29.16 52.17 12.32
C LYS C 90 30.22 51.32 11.66
N GLU C 91 30.90 50.48 12.45
CA GLU C 91 31.92 49.59 11.90
C GLU C 91 31.34 48.67 10.84
N ILE C 92 30.17 48.09 11.14
CA ILE C 92 29.54 47.21 10.16
C ILE C 92 29.22 47.96 8.88
N ASP C 93 28.66 49.16 8.99
CA ASP C 93 28.31 49.94 7.81
C ASP C 93 29.55 50.30 6.99
N THR C 94 30.65 50.62 7.65
CA THR C 94 31.85 51.08 6.93
C THR C 94 32.79 49.96 6.54
N THR C 95 32.91 48.89 7.33
CA THR C 95 33.91 47.85 7.12
C THR C 95 33.31 46.47 6.86
N SER C 96 31.99 46.33 6.94
CA SER C 96 31.26 45.07 6.79
C SER C 96 31.52 44.09 7.92
N THR C 97 32.19 44.52 8.99
CA THR C 97 32.47 43.66 10.14
C THR C 97 32.68 44.58 11.34
N TYR C 98 33.01 43.99 12.48
CA TYR C 98 33.33 44.81 13.65
C TYR C 98 34.28 44.07 14.56
N GLN C 99 34.90 44.81 15.47
CA GLN C 99 35.88 44.26 16.41
C GLN C 99 35.33 44.25 17.82
N LEU C 100 35.43 43.10 18.50
CA LEU C 100 35.01 42.97 19.89
C LEU C 100 36.00 43.67 20.84
N LYS C 101 35.46 44.34 21.86
CA LYS C 101 36.26 44.74 23.01
C LYS C 101 36.77 43.51 23.73
N ASP C 102 37.87 43.68 24.47
CA ASP C 102 38.48 42.54 25.16
C ASP C 102 37.51 41.95 26.17
N THR C 103 36.75 42.80 26.85
CA THR C 103 35.79 42.30 27.82
C THR C 103 34.73 41.45 27.15
N GLU C 104 34.27 41.88 25.97
CA GLU C 104 33.26 41.13 25.23
C GLU C 104 33.82 39.81 24.74
N LEU C 105 35.09 39.82 24.31
CA LEU C 105 35.72 38.58 23.87
C LEU C 105 35.77 37.56 25.00
N ILE C 106 36.19 38.00 26.19
CA ILE C 106 36.25 37.10 27.34
C ILE C 106 34.87 36.55 27.66
N TYR C 107 33.87 37.44 27.74
CA TYR C 107 32.50 37.03 28.02
C TYR C 107 31.98 36.07 26.97
N GLY C 108 32.28 36.36 25.69
CA GLY C 108 31.77 35.50 24.63
C GLY C 108 32.41 34.13 24.65
N ALA C 109 33.71 34.06 24.92
CA ALA C 109 34.39 32.77 24.96
C ALA C 109 33.87 31.92 26.11
N LYS C 110 33.73 32.52 27.29
CA LYS C 110 33.19 31.80 28.44
C LYS C 110 31.77 31.32 28.17
N HIS C 111 30.96 32.13 27.49
CA HIS C 111 29.57 31.71 27.28
C HIS C 111 29.44 30.68 26.18
N ALA C 112 30.35 30.64 25.22
CA ALA C 112 30.31 29.54 24.28
C ALA C 112 30.57 28.22 24.99
N TRP C 113 31.42 28.23 26.01
CA TRP C 113 31.62 27.04 26.82
C TRP C 113 30.37 26.73 27.64
N ARG C 114 29.80 27.76 28.28
CA ARG C 114 28.59 27.62 29.07
C ARG C 114 27.46 27.01 28.25
N ASN C 115 27.42 27.30 26.96
CA ASN C 115 26.36 26.90 26.06
C ASN C 115 26.65 25.60 25.32
N ALA C 116 27.80 24.96 25.54
CA ALA C 116 28.19 23.77 24.79
C ALA C 116 27.42 22.56 25.31
N SER C 117 26.30 22.24 24.63
CA SER C 117 25.39 21.26 25.20
CA SER C 117 25.36 21.22 25.11
C SER C 117 26.01 19.87 25.30
N ARG C 118 27.12 19.59 24.60
CA ARG C 118 27.73 18.26 24.66
C ARG C 118 28.84 18.14 25.68
N CYS C 119 29.06 19.15 26.52
CA CYS C 119 30.19 19.19 27.45
C CYS C 119 29.70 18.97 28.88
N VAL C 120 30.16 17.87 29.48
CA VAL C 120 29.82 17.56 30.87
C VAL C 120 30.64 18.33 31.88
N GLY C 121 31.67 19.07 31.45
CA GLY C 121 32.56 19.74 32.37
C GLY C 121 32.26 21.20 32.64
N ARG C 122 31.04 21.64 32.36
CA ARG C 122 30.71 23.06 32.35
C ARG C 122 30.56 23.67 33.74
N ILE C 123 30.60 22.89 34.82
CA ILE C 123 30.60 23.51 36.13
C ILE C 123 31.76 24.51 36.24
N GLN C 124 32.80 24.33 35.43
CA GLN C 124 34.03 25.13 35.43
C GLN C 124 33.98 26.32 34.49
N TRP C 125 32.83 26.58 33.84
CA TRP C 125 32.80 27.47 32.67
C TRP C 125 33.32 28.88 33.00
N SER C 126 33.02 29.39 34.18
CA SER C 126 33.40 30.78 34.38
C SER C 126 34.87 30.93 34.75
N LYS C 127 35.58 29.83 34.95
CA LYS C 127 37.02 29.85 35.22
C LYS C 127 37.72 29.39 33.93
N LEU C 128 37.89 30.34 33.02
CA LEU C 128 38.51 30.10 31.72
C LEU C 128 39.51 31.21 31.48
N GLN C 129 40.75 30.86 31.23
CA GLN C 129 41.77 31.85 30.92
C GLN C 129 41.72 32.11 29.42
N VAL C 130 41.42 33.35 29.04
CA VAL C 130 41.23 33.71 27.64
C VAL C 130 42.49 34.45 27.18
N PHE C 131 43.13 33.94 26.14
CA PHE C 131 44.32 34.54 25.54
C PHE C 131 43.92 35.20 24.23
N ASP C 132 44.06 36.52 24.17
CA ASP C 132 43.65 37.29 23.00
C ASP C 132 44.80 37.27 22.01
N ALA C 133 44.64 36.51 20.93
CA ALA C 133 45.67 36.43 19.90
C ALA C 133 45.24 37.12 18.61
N ARG C 134 44.36 38.11 18.72
CA ARG C 134 43.82 38.73 17.51
C ARG C 134 44.81 39.64 16.79
N ASP C 135 45.99 39.91 17.36
CA ASP C 135 47.01 40.67 16.65
C ASP C 135 47.95 39.77 15.82
N CYS C 136 47.78 38.46 15.88
CA CYS C 136 48.66 37.52 15.19
C CYS C 136 48.54 37.66 13.67
N THR C 137 49.66 37.53 12.95
CA THR C 137 49.64 37.63 11.50
C THR C 137 50.27 36.47 10.75
N THR C 138 51.08 35.64 11.39
CA THR C 138 51.79 34.58 10.67
C THR C 138 51.71 33.26 11.44
N ALA C 139 52.05 32.18 10.73
CA ALA C 139 52.05 30.87 11.36
C ALA C 139 53.06 30.77 12.49
N HIS C 140 54.22 31.45 12.36
CA HIS C 140 55.19 31.48 13.46
C HIS C 140 54.60 32.12 14.71
N GLY C 141 53.90 33.25 14.54
CA GLY C 141 53.19 33.84 15.67
C GLY C 141 52.18 32.88 16.29
N MET C 142 51.45 32.13 15.45
CA MET C 142 50.48 31.16 15.98
C MET C 142 51.17 30.12 16.84
N PHE C 143 52.31 29.62 16.36
CA PHE C 143 53.12 28.66 17.13
C PHE C 143 53.48 29.23 18.48
N ASN C 144 53.98 30.48 18.50
CA ASN C 144 54.34 31.12 19.76
C ASN C 144 53.15 31.18 20.70
N TYR C 145 52.01 31.69 20.21
CA TYR C 145 50.80 31.73 21.03
C TYR C 145 50.42 30.35 21.54
N ILE C 146 50.56 29.32 20.71
CA ILE C 146 50.10 27.98 21.11
C ILE C 146 51.05 27.37 22.14
N CYS C 147 52.36 27.56 21.97
CA CYS C 147 53.30 27.12 23.01
C CYS C 147 52.98 27.76 24.35
N ASN C 148 52.70 29.06 24.36
CA ASN C 148 52.40 29.74 25.62
C ASN C 148 51.10 29.18 26.24
N HIS C 149 50.08 28.95 25.42
CA HIS C 149 48.86 28.29 25.89
C HIS C 149 49.16 26.92 26.51
N VAL C 150 49.93 26.10 25.81
CA VAL C 150 50.20 24.76 26.32
C VAL C 150 50.94 24.82 27.65
N LYS C 151 51.92 25.73 27.75
CA LYS C 151 52.68 25.85 28.99
C LYS C 151 51.79 26.32 30.13
N TYR C 152 50.95 27.33 29.87
CA TYR C 152 50.09 27.87 30.92
C TYR C 152 49.07 26.85 31.37
N ALA C 153 48.47 26.15 30.41
CA ALA C 153 47.40 25.20 30.70
C ALA C 153 47.94 23.96 31.39
N THR C 154 49.14 23.51 31.01
CA THR C 154 49.68 22.28 31.58
C THR C 154 50.07 22.48 33.03
N ASN C 155 50.78 23.59 33.33
CA ASN C 155 51.02 24.02 34.71
C ASN C 155 51.60 22.90 35.56
N LYS C 156 52.54 22.14 34.97
CA LYS C 156 53.25 21.04 35.64
C LYS C 156 52.30 19.93 36.15
N GLY C 157 51.14 19.78 35.52
CA GLY C 157 50.16 18.77 35.89
C GLY C 157 48.94 19.34 36.59
N ASN C 158 49.06 20.54 37.16
CA ASN C 158 47.92 21.17 37.81
C ASN C 158 47.17 21.96 36.73
N LEU C 159 46.40 21.21 35.93
CA LEU C 159 45.89 21.75 34.66
C LEU C 159 44.88 22.87 34.88
N ARG C 160 44.91 23.85 33.97
CA ARG C 160 44.07 25.04 34.01
C ARG C 160 43.41 25.22 32.66
N SER C 161 42.10 25.49 32.63
CA SER C 161 41.40 25.65 31.36
CA SER C 161 41.38 25.66 31.36
C SER C 161 41.78 26.97 30.70
N ALA C 162 41.89 26.94 29.37
CA ALA C 162 42.32 28.12 28.64
C ALA C 162 41.87 27.98 27.19
N ILE C 163 41.78 29.13 26.53
CA ILE C 163 41.47 29.21 25.11
C ILE C 163 42.34 30.33 24.54
N THR C 164 42.80 30.15 23.30
CA THR C 164 43.56 31.17 22.59
C THR C 164 42.80 31.48 21.30
N ILE C 165 42.49 32.76 21.09
CA ILE C 165 41.57 33.17 20.03
C ILE C 165 42.33 33.97 18.98
N PHE C 166 42.37 33.44 17.77
CA PHE C 166 43.09 34.02 16.65
C PHE C 166 42.16 34.93 15.86
N PRO C 167 42.67 35.70 14.90
CA PRO C 167 41.81 36.67 14.21
C PRO C 167 40.61 36.02 13.53
N GLN C 168 39.50 36.75 13.54
CA GLN C 168 38.24 36.28 13.00
C GLN C 168 38.29 36.23 11.47
N ARG C 169 37.35 35.46 10.92
CA ARG C 169 37.17 35.38 9.49
C ARG C 169 36.81 36.73 8.91
N THR C 170 37.28 37.00 7.70
CA THR C 170 36.96 38.25 7.00
C THR C 170 36.19 37.90 5.73
N ASP C 171 36.87 37.61 4.63
CA ASP C 171 36.19 37.22 3.40
C ASP C 171 36.10 35.71 3.20
N GLY C 172 36.54 34.93 4.18
CA GLY C 172 36.62 33.48 4.01
C GLY C 172 37.83 32.99 3.25
N LYS C 173 38.61 33.89 2.66
CA LYS C 173 39.81 33.54 1.92
C LYS C 173 41.08 33.83 2.71
N HIS C 174 40.96 34.29 3.95
CA HIS C 174 42.12 34.59 4.79
C HIS C 174 41.95 33.98 6.17
N ASP C 175 41.39 32.77 6.23
CA ASP C 175 41.09 32.15 7.51
C ASP C 175 42.37 31.79 8.26
N PHE C 176 42.33 31.94 9.59
CA PHE C 176 43.29 31.28 10.45
C PHE C 176 42.73 29.91 10.83
N ARG C 177 43.57 28.88 10.77
CA ARG C 177 43.18 27.53 11.12
C ARG C 177 44.37 26.82 11.77
N VAL C 178 44.09 26.10 12.84
CA VAL C 178 44.97 25.01 13.26
C VAL C 178 44.47 23.77 12.52
N TRP C 179 45.35 23.14 11.74
CA TRP C 179 44.87 21.99 10.98
C TRP C 179 44.73 20.74 11.86
N ASN C 180 45.52 20.63 12.92
CA ASN C 180 45.36 19.56 13.90
C ASN C 180 43.94 19.56 14.48
N SER C 181 43.46 18.37 14.83
CA SER C 181 42.15 18.31 15.49
C SER C 181 42.28 18.63 16.98
N GLN C 182 43.36 18.17 17.62
CA GLN C 182 43.78 18.66 18.93
C GLN C 182 45.23 19.11 18.86
N LEU C 183 45.62 19.94 19.84
CA LEU C 183 47.00 20.46 19.85
C LEU C 183 48.02 19.34 20.00
N ILE C 184 47.69 18.34 20.83
CA ILE C 184 48.55 17.19 21.07
C ILE C 184 47.75 15.96 20.73
N ARG C 185 48.21 15.19 19.74
CA ARG C 185 47.67 13.88 19.37
C ARG C 185 48.82 13.03 18.85
N TYR C 186 48.57 11.72 18.77
CA TYR C 186 49.58 10.78 18.29
C TYR C 186 49.36 10.47 16.82
N ALA C 187 50.46 10.27 16.10
CA ALA C 187 50.36 9.94 14.68
C ALA C 187 49.78 8.54 14.50
N GLY C 188 49.33 8.27 13.29
CA GLY C 188 48.94 6.94 12.87
C GLY C 188 49.54 6.63 11.50
N TYR C 189 49.97 5.37 11.31
CA TYR C 189 50.63 4.96 10.07
C TYR C 189 50.01 3.67 9.56
N LYS C 190 49.43 3.72 8.36
CA LYS C 190 48.98 2.50 7.71
C LYS C 190 50.17 1.70 7.18
N GLN C 191 50.22 0.40 7.51
CA GLN C 191 51.26 -0.50 7.05
C GLN C 191 50.84 -1.21 5.77
N PRO C 192 51.79 -1.68 4.97
CA PRO C 192 51.43 -2.44 3.76
C PRO C 192 50.55 -3.64 4.04
N ASP C 193 50.70 -4.27 5.21
CA ASP C 193 49.94 -5.48 5.49
C ASP C 193 48.54 -5.21 6.00
N GLY C 194 48.11 -3.95 5.97
CA GLY C 194 46.80 -3.57 6.45
C GLY C 194 46.74 -3.19 7.92
N SER C 195 47.76 -3.50 8.70
CA SER C 195 47.74 -3.10 10.10
C SER C 195 47.98 -1.60 10.21
N THR C 196 47.72 -1.07 11.40
CA THR C 196 47.93 0.35 11.68
C THR C 196 48.83 0.47 12.89
N LEU C 197 49.81 1.36 12.81
CA LEU C 197 50.71 1.68 13.92
C LEU C 197 50.33 3.05 14.45
N GLY C 198 50.26 3.17 15.77
CA GLY C 198 49.79 4.39 16.40
C GLY C 198 48.28 4.52 16.34
N ASP C 199 47.82 5.78 16.28
CA ASP C 199 46.40 6.08 16.37
C ASP C 199 45.74 6.01 14.99
N PRO C 200 44.88 5.01 14.73
CA PRO C 200 44.25 4.93 13.40
C PRO C 200 43.37 6.11 13.04
N ALA C 201 42.84 6.83 14.04
CA ALA C 201 42.03 8.02 13.77
C ALA C 201 42.83 9.14 13.11
N ASN C 202 44.16 9.15 13.23
CA ASN C 202 44.96 10.27 12.77
C ASN C 202 45.75 9.96 11.51
N VAL C 203 45.41 8.86 10.83
CA VAL C 203 46.18 8.42 9.66
C VAL C 203 46.17 9.50 8.58
N GLN C 204 45.00 10.03 8.26
CA GLN C 204 44.89 11.00 7.18
C GLN C 204 45.73 12.25 7.47
N PHE C 205 45.61 12.79 8.68
CA PHE C 205 46.37 13.98 9.05
C PHE C 205 47.86 13.68 9.11
N THR C 206 48.24 12.49 9.57
CA THR C 206 49.63 12.09 9.57
C THR C 206 50.21 12.10 8.15
N GLU C 207 49.44 11.61 7.18
CA GLU C 207 49.91 11.62 5.80
C GLU C 207 50.12 13.06 5.31
N ILE C 208 49.19 13.96 5.63
CA ILE C 208 49.34 15.35 5.23
C ILE C 208 50.63 15.93 5.78
N CYS C 209 50.88 15.71 7.07
CA CYS C 209 52.11 16.19 7.70
C CYS C 209 53.34 15.67 6.97
N ILE C 210 53.39 14.36 6.73
CA ILE C 210 54.52 13.76 6.05
C ILE C 210 54.71 14.39 4.68
N GLN C 211 53.60 14.60 3.96
CA GLN C 211 53.68 15.20 2.64
C GLN C 211 54.23 16.62 2.70
N GLN C 212 53.95 17.33 3.78
CA GLN C 212 54.48 18.68 3.98
C GLN C 212 55.91 18.68 4.47
N GLY C 213 56.53 17.51 4.62
CA GLY C 213 57.94 17.43 4.98
C GLY C 213 58.24 16.89 6.37
N TRP C 214 57.23 16.55 7.16
CA TRP C 214 57.49 15.97 8.48
C TRP C 214 58.21 14.64 8.34
N LYS C 215 59.26 14.44 9.15
CA LYS C 215 60.00 13.19 9.14
C LYS C 215 59.50 12.35 10.29
N PRO C 216 58.73 11.29 10.05
CA PRO C 216 58.05 10.58 11.14
C PRO C 216 58.97 9.58 11.82
N PRO C 217 58.94 9.52 13.14
CA PRO C 217 59.64 8.43 13.84
C PRO C 217 59.05 7.06 13.56
N ARG C 218 57.79 6.98 13.12
CA ARG C 218 57.09 5.73 12.86
C ARG C 218 57.09 4.84 14.11
N GLY C 219 56.58 5.40 15.20
CA GLY C 219 56.36 4.68 16.44
C GLY C 219 54.90 4.67 16.83
N ARG C 220 54.58 4.13 18.00
CA ARG C 220 53.19 3.98 18.39
C ARG C 220 52.57 5.22 19.02
N PHE C 221 53.39 6.13 19.55
CA PHE C 221 52.90 7.31 20.25
C PHE C 221 53.78 8.51 19.87
N ASP C 222 53.82 8.81 18.58
CA ASP C 222 54.56 9.97 18.09
C ASP C 222 53.69 11.20 18.23
N VAL C 223 54.13 12.18 19.02
CA VAL C 223 53.40 13.44 19.09
C VAL C 223 53.47 14.12 17.73
N LEU C 224 52.32 14.47 17.18
CA LEU C 224 52.30 15.04 15.84
C LEU C 224 52.82 16.47 15.85
N PRO C 225 53.28 16.97 14.71
CA PRO C 225 53.67 18.38 14.61
C PRO C 225 52.43 19.26 14.49
N LEU C 226 52.61 20.54 14.79
CA LEU C 226 51.55 21.50 14.56
C LEU C 226 51.58 21.93 13.09
N LEU C 227 50.39 22.02 12.49
CA LEU C 227 50.20 22.46 11.11
C LEU C 227 49.33 23.70 11.16
N LEU C 228 49.92 24.86 10.92
CA LEU C 228 49.30 26.13 11.30
C LEU C 228 49.12 27.00 10.07
N GLN C 229 47.93 27.59 9.93
CA GLN C 229 47.57 28.41 8.79
C GLN C 229 47.14 29.78 9.28
N ALA C 230 47.84 30.81 8.80
CA ALA C 230 47.60 32.20 9.12
C ALA C 230 47.15 32.94 7.87
N ASN C 231 46.07 33.71 8.00
CA ASN C 231 45.67 34.65 6.96
C ASN C 231 45.41 33.97 5.62
N GLY C 232 44.95 32.72 5.65
CA GLY C 232 44.63 32.01 4.43
C GLY C 232 45.81 31.50 3.63
N ASN C 233 47.03 31.64 4.12
CA ASN C 233 48.20 31.11 3.42
C ASN C 233 48.29 29.60 3.62
N ASP C 234 49.22 28.97 2.90
CA ASP C 234 49.45 27.54 3.09
C ASP C 234 49.91 27.29 4.52
N PRO C 235 49.50 26.19 5.13
CA PRO C 235 49.89 25.94 6.53
C PRO C 235 51.34 25.51 6.62
N GLU C 236 51.92 25.71 7.81
CA GLU C 236 53.33 25.45 8.03
C GLU C 236 53.53 24.54 9.23
N LEU C 237 54.55 23.69 9.17
CA LEU C 237 54.82 22.71 10.21
C LEU C 237 55.69 23.29 11.33
N PHE C 238 55.39 22.91 12.57
CA PHE C 238 56.17 23.28 13.74
C PHE C 238 56.17 22.14 14.74
N GLN C 239 57.34 21.88 15.35
CA GLN C 239 57.45 20.88 16.40
C GLN C 239 57.22 21.51 17.77
N ILE C 240 56.19 21.04 18.48
CA ILE C 240 56.04 21.50 19.87
C ILE C 240 57.27 21.08 20.67
N PRO C 241 57.88 21.97 21.45
CA PRO C 241 59.01 21.57 22.30
C PRO C 241 58.61 20.44 23.23
N PRO C 242 59.38 19.34 23.22
CA PRO C 242 58.94 18.13 23.94
C PRO C 242 58.75 18.35 25.41
N GLU C 243 59.53 19.27 26.00
CA GLU C 243 59.40 19.56 27.42
C GLU C 243 58.07 20.22 27.75
N LEU C 244 57.34 20.73 26.76
CA LEU C 244 56.01 21.26 27.00
C LEU C 244 54.90 20.19 26.89
N VAL C 245 55.22 18.97 26.48
CA VAL C 245 54.20 17.96 26.23
C VAL C 245 54.18 16.99 27.41
N LEU C 246 53.23 17.15 28.31
CA LEU C 246 53.15 16.28 29.48
C LEU C 246 52.45 14.97 29.12
N GLU C 247 53.09 13.84 29.43
CA GLU C 247 52.53 12.52 29.17
C GLU C 247 52.57 11.65 30.43
N VAL C 248 51.67 10.68 30.48
CA VAL C 248 51.50 9.79 31.63
C VAL C 248 51.64 8.34 31.15
N PRO C 249 52.65 7.61 31.61
CA PRO C 249 52.70 6.17 31.31
C PRO C 249 51.63 5.43 32.09
N ILE C 250 50.90 4.54 31.42
CA ILE C 250 49.75 3.90 32.04
C ILE C 250 50.18 2.59 32.68
N ARG C 251 49.98 2.49 33.99
CA ARG C 251 50.22 1.26 34.74
C ARG C 251 48.96 0.97 35.55
N HIS C 252 48.91 -0.22 36.15
CA HIS C 252 47.72 -0.63 36.88
C HIS C 252 48.07 -0.87 38.34
N PRO C 253 47.19 -0.49 39.28
CA PRO C 253 47.53 -0.61 40.70
C PRO C 253 47.65 -2.05 41.18
N LYS C 254 47.07 -3.02 40.47
CA LYS C 254 47.14 -4.41 40.88
C LYS C 254 47.85 -5.32 39.88
N PHE C 255 47.70 -5.08 38.57
CA PHE C 255 48.30 -5.92 37.53
C PHE C 255 49.70 -5.41 37.20
N GLU C 256 50.71 -6.13 37.70
CA GLU C 256 52.11 -5.79 37.45
C GLU C 256 52.39 -5.67 35.97
N TRP C 257 51.77 -6.53 35.16
CA TRP C 257 52.06 -6.66 33.74
C TRP C 257 51.48 -5.53 32.92
N PHE C 258 50.57 -4.74 33.48
CA PHE C 258 49.90 -3.73 32.68
C PHE C 258 50.90 -2.75 32.07
N LYS C 259 51.88 -2.33 32.86
CA LYS C 259 52.88 -1.38 32.34
C LYS C 259 53.61 -1.94 31.12
N ASP C 260 53.69 -3.27 31.00
CA ASP C 260 54.37 -3.89 29.87
C ASP C 260 53.61 -3.73 28.55
N LEU C 261 52.34 -3.34 28.60
CA LEU C 261 51.64 -3.02 27.36
C LEU C 261 52.23 -1.80 26.65
N GLY C 262 53.09 -1.02 27.30
CA GLY C 262 53.70 0.14 26.68
C GLY C 262 52.76 1.30 26.42
N LEU C 263 51.65 1.40 27.15
CA LEU C 263 50.66 2.43 26.89
C LEU C 263 51.03 3.74 27.58
N LYS C 264 50.76 4.84 26.89
CA LYS C 264 50.82 6.15 27.51
C LYS C 264 49.76 7.03 26.86
N TRP C 265 49.53 8.18 27.49
CA TRP C 265 48.69 9.21 26.89
C TRP C 265 49.20 10.59 27.32
N TYR C 266 48.69 11.61 26.66
CA TYR C 266 49.08 12.98 26.98
C TYR C 266 48.10 13.58 27.99
N GLY C 267 48.57 14.55 28.76
CA GLY C 267 47.75 15.05 29.85
C GLY C 267 46.75 16.10 29.45
N LEU C 268 46.99 16.80 28.35
CA LEU C 268 46.25 18.02 28.01
C LEU C 268 45.31 17.81 26.83
N PRO C 269 44.01 17.71 27.06
CA PRO C 269 43.06 17.64 25.92
C PRO C 269 42.76 19.05 25.43
N ALA C 270 43.04 19.31 24.15
CA ALA C 270 43.04 20.68 23.62
C ALA C 270 42.45 20.66 22.21
N VAL C 271 41.14 20.88 22.12
CA VAL C 271 40.45 20.81 20.83
C VAL C 271 40.81 22.01 19.99
N SER C 272 41.21 21.78 18.75
CA SER C 272 41.72 22.87 17.94
C SER C 272 41.05 22.99 16.58
N ASN C 273 40.01 22.21 16.29
CA ASN C 273 39.41 22.25 14.95
C ASN C 273 38.00 22.83 14.95
N MET C 274 37.55 23.44 16.04
CA MET C 274 36.21 23.98 16.07
C MET C 274 36.21 25.49 15.81
N LEU C 275 35.01 26.03 15.66
CA LEU C 275 34.84 27.44 15.32
C LEU C 275 34.02 28.11 16.42
N LEU C 276 34.48 29.27 16.83
CA LEU C 276 33.85 30.04 17.90
C LEU C 276 33.07 31.18 17.29
N GLU C 277 31.75 31.18 17.49
CA GLU C 277 30.90 32.23 16.97
C GLU C 277 30.44 33.12 18.12
N ILE C 278 30.73 34.42 18.01
CA ILE C 278 30.35 35.42 18.99
C ILE C 278 29.76 36.61 18.23
N GLY C 279 28.47 36.87 18.45
CA GLY C 279 27.83 38.04 17.88
C GLY C 279 27.93 38.14 16.37
N GLY C 280 27.81 37.01 15.68
CA GLY C 280 27.95 36.97 14.24
C GLY C 280 29.37 36.82 13.74
N LEU C 281 30.37 37.13 14.57
CA LEU C 281 31.77 36.98 14.17
C LEU C 281 32.21 35.53 14.32
N GLU C 282 33.09 35.09 13.42
CA GLU C 282 33.53 33.69 13.35
C GLU C 282 35.02 33.59 13.62
N PHE C 283 35.39 32.92 14.71
CA PHE C 283 36.79 32.67 15.06
C PHE C 283 37.14 31.23 14.70
N SER C 284 37.67 31.07 13.49
CA SER C 284 37.98 29.77 12.90
C SER C 284 39.19 29.08 13.54
N ALA C 285 40.02 29.79 14.29
CA ALA C 285 41.13 29.20 15.01
C ALA C 285 41.01 29.63 16.47
N CYS C 286 40.61 28.70 17.34
CA CYS C 286 40.31 29.06 18.72
C CYS C 286 40.60 27.90 19.66
N PRO C 287 41.83 27.35 19.68
CA PRO C 287 42.05 26.14 20.46
C PRO C 287 41.78 26.37 21.95
N PHE C 288 41.14 25.38 22.57
CA PHE C 288 40.75 25.45 23.97
C PHE C 288 41.05 24.12 24.63
N SER C 289 41.27 24.15 25.94
CA SER C 289 41.80 22.98 26.60
C SER C 289 41.25 22.96 28.01
N GLY C 290 41.05 21.76 28.55
CA GLY C 290 40.68 21.64 29.94
C GLY C 290 41.49 20.55 30.59
N TRP C 291 40.82 19.53 31.11
CA TRP C 291 41.46 18.32 31.58
C TRP C 291 40.53 17.15 31.28
N TYR C 292 41.10 15.95 31.27
CA TYR C 292 40.40 14.74 30.83
C TYR C 292 39.43 14.19 31.86
N MET C 293 38.32 13.66 31.37
CA MET C 293 37.57 12.63 32.07
C MET C 293 38.14 11.28 31.66
N GLY C 294 38.33 10.40 32.64
CA GLY C 294 39.06 9.16 32.39
C GLY C 294 38.54 8.36 31.20
N THR C 295 37.22 8.34 31.00
CA THR C 295 36.64 7.46 30.00
C THR C 295 36.99 7.91 28.59
N GLU C 296 37.28 9.19 28.39
CA GLU C 296 37.70 9.62 27.05
C GLU C 296 38.89 8.79 26.58
N ILE C 297 39.86 8.58 27.47
CA ILE C 297 41.05 7.79 27.16
C ILE C 297 40.75 6.30 27.27
N GLY C 298 40.29 5.87 28.44
CA GLY C 298 40.24 4.44 28.76
C GLY C 298 39.15 3.68 28.01
N VAL C 299 38.06 4.35 27.65
CA VAL C 299 36.98 3.71 26.89
C VAL C 299 37.11 3.98 25.38
N ARG C 300 37.18 5.25 24.99
CA ARG C 300 37.14 5.57 23.57
C ARG C 300 38.51 5.46 22.92
N ASP C 301 39.49 6.28 23.36
CA ASP C 301 40.82 6.27 22.76
C ASP C 301 41.43 4.86 22.76
N TYR C 302 41.29 4.12 23.86
CA TYR C 302 41.93 2.81 23.97
C TYR C 302 41.10 1.63 23.47
N CYS C 303 39.77 1.68 23.54
CA CYS C 303 38.98 0.48 23.28
C CYS C 303 37.99 0.57 22.14
N ASP C 304 37.78 1.76 21.56
CA ASP C 304 37.08 1.83 20.29
C ASP C 304 37.77 0.91 19.28
N ASN C 305 36.97 0.10 18.59
CA ASN C 305 37.50 -0.83 17.60
C ASN C 305 38.36 -0.12 16.56
N SER C 306 38.01 1.10 16.20
CA SER C 306 38.76 1.84 15.19
C SER C 306 39.87 2.71 15.79
N ARG C 307 40.13 2.59 17.09
CA ARG C 307 41.22 3.34 17.71
C ARG C 307 42.34 2.39 18.09
N TYR C 308 42.92 2.55 19.30
CA TYR C 308 44.03 1.67 19.66
C TYR C 308 43.57 0.24 19.92
N ASN C 309 42.29 0.04 20.21
CA ASN C 309 41.64 -1.28 20.16
C ASN C 309 42.39 -2.33 20.99
N ILE C 310 42.51 -2.07 22.29
CA ILE C 310 43.38 -2.90 23.15
C ILE C 310 42.61 -3.93 23.96
N LEU C 311 41.28 -4.02 23.80
CA LEU C 311 40.51 -4.95 24.62
C LEU C 311 41.06 -6.37 24.55
N GLU C 312 41.31 -6.89 23.35
CA GLU C 312 41.70 -8.29 23.22
C GLU C 312 43.07 -8.56 23.85
N GLU C 313 44.02 -7.62 23.72
CA GLU C 313 45.32 -7.87 24.35
C GLU C 313 45.22 -7.82 25.87
N VAL C 314 44.45 -6.87 26.40
CA VAL C 314 44.27 -6.77 27.85
C VAL C 314 43.56 -8.01 28.39
N ALA C 315 42.53 -8.47 27.68
CA ALA C 315 41.80 -9.64 28.13
C ALA C 315 42.68 -10.89 28.09
N LYS C 316 43.49 -11.04 27.04
CA LYS C 316 44.46 -12.13 27.00
C LYS C 316 45.30 -12.13 28.27
N LYS C 317 45.94 -11.00 28.59
CA LYS C 317 46.76 -10.93 29.79
C LYS C 317 45.95 -11.18 31.05
N MET C 318 44.64 -10.90 31.05
CA MET C 318 43.80 -11.20 32.20
C MET C 318 43.37 -12.66 32.26
N ASN C 319 43.72 -13.46 31.25
CA ASN C 319 43.33 -14.87 31.16
CA ASN C 319 43.33 -14.87 31.17
C ASN C 319 41.80 -15.02 31.16
N LEU C 320 41.12 -14.11 30.49
CA LEU C 320 39.67 -14.19 30.38
C LEU C 320 39.27 -15.19 29.30
N ASP C 321 38.07 -15.77 29.46
CA ASP C 321 37.51 -16.64 28.43
C ASP C 321 36.89 -15.76 27.35
N MET C 322 37.50 -15.78 26.17
CA MET C 322 37.11 -14.90 25.08
C MET C 322 36.34 -15.62 23.98
N ARG C 323 35.90 -16.85 24.24
CA ARG C 323 35.21 -17.64 23.24
C ARG C 323 33.72 -17.30 23.12
N LYS C 324 33.12 -16.65 24.12
CA LYS C 324 31.73 -16.22 24.02
C LYS C 324 31.58 -14.80 24.56
N THR C 325 30.63 -14.06 23.99
CA THR C 325 30.42 -12.70 24.48
C THR C 325 29.82 -12.69 25.88
N SER C 326 29.01 -13.69 26.22
CA SER C 326 28.28 -13.70 27.48
C SER C 326 29.18 -13.88 28.69
N SER C 327 30.47 -14.18 28.48
CA SER C 327 31.39 -14.10 29.61
C SER C 327 31.66 -12.65 30.01
N LEU C 328 31.22 -11.68 29.21
CA LEU C 328 31.48 -10.24 29.42
C LEU C 328 32.97 -9.94 29.60
N TRP C 329 33.80 -10.65 28.84
CA TRP C 329 35.24 -10.41 28.94
C TRP C 329 35.60 -8.99 28.49
N LYS C 330 34.92 -8.48 27.45
CA LYS C 330 35.17 -7.10 27.04
C LYS C 330 34.84 -6.12 28.15
N ASP C 331 33.68 -6.31 28.78
CA ASP C 331 33.27 -5.43 29.87
C ASP C 331 34.29 -5.48 31.01
N GLN C 332 34.74 -6.68 31.36
CA GLN C 332 35.66 -6.85 32.48
C GLN C 332 36.99 -6.15 32.21
N ALA C 333 37.53 -6.34 31.01
CA ALA C 333 38.80 -5.69 30.66
C ALA C 333 38.62 -4.17 30.55
N LEU C 334 37.47 -3.71 30.02
CA LEU C 334 37.24 -2.28 29.90
C LEU C 334 37.38 -1.59 31.26
N VAL C 335 36.81 -2.18 32.31
CA VAL C 335 36.87 -1.54 33.62
C VAL C 335 38.31 -1.46 34.11
N GLU C 336 39.06 -2.56 34.00
CA GLU C 336 40.44 -2.56 34.47
C GLU C 336 41.27 -1.49 33.76
N ILE C 337 41.07 -1.33 32.45
CA ILE C 337 41.79 -0.32 31.69
C ILE C 337 41.49 1.06 32.24
N ASN C 338 40.23 1.31 32.58
CA ASN C 338 39.86 2.63 33.05
C ASN C 338 40.34 2.87 34.48
N ILE C 339 40.42 1.81 35.29
CA ILE C 339 41.10 1.92 36.59
C ILE C 339 42.54 2.35 36.38
N ALA C 340 43.20 1.79 35.37
CA ALA C 340 44.63 2.06 35.16
C ALA C 340 44.85 3.50 34.73
N VAL C 341 44.01 4.00 33.84
CA VAL C 341 44.11 5.39 33.38
C VAL C 341 44.01 6.34 34.57
N LEU C 342 43.01 6.15 35.43
CA LEU C 342 42.83 7.07 36.56
C LEU C 342 43.97 6.94 37.57
N TYR C 343 44.34 5.70 37.91
CA TYR C 343 45.44 5.49 38.84
C TYR C 343 46.73 6.15 38.34
N SER C 344 46.97 6.07 37.04
CA SER C 344 48.22 6.56 36.48
C SER C 344 48.29 8.07 36.53
N PHE C 345 47.20 8.74 36.14
CA PHE C 345 47.17 10.19 36.18
C PHE C 345 47.28 10.70 37.62
N GLN C 346 46.51 10.10 38.54
CA GLN C 346 46.54 10.53 39.93
C GLN C 346 47.92 10.32 40.55
N SER C 347 48.58 9.21 40.23
CA SER C 347 49.91 8.97 40.78
C SER C 347 50.91 10.03 40.30
N ASP C 348 50.81 10.45 39.04
CA ASP C 348 51.70 11.46 38.51
C ASP C 348 51.22 12.89 38.77
N LYS C 349 50.15 13.03 39.57
CA LYS C 349 49.58 14.33 39.93
C LYS C 349 49.24 15.16 38.70
N VAL C 350 48.63 14.52 37.72
CA VAL C 350 48.10 15.18 36.54
C VAL C 350 46.58 15.19 36.68
N THR C 351 46.00 16.39 36.62
CA THR C 351 44.55 16.55 36.80
C THR C 351 43.76 15.63 35.88
N ILE C 352 42.82 14.90 36.48
CA ILE C 352 41.89 14.05 35.75
C ILE C 352 40.65 13.92 36.61
N VAL C 353 39.53 13.57 35.97
CA VAL C 353 38.26 13.40 36.69
C VAL C 353 37.62 12.09 36.22
N ASP C 354 37.13 11.29 37.17
CA ASP C 354 36.46 10.07 36.78
C ASP C 354 35.01 10.38 36.42
N HIS C 355 34.40 9.44 35.68
CA HIS C 355 33.06 9.72 35.16
C HIS C 355 32.02 9.84 36.26
N HIS C 356 32.21 9.19 37.41
CA HIS C 356 31.26 9.37 38.51
C HIS C 356 31.35 10.79 39.06
N SER C 357 32.57 11.25 39.39
CA SER C 357 32.71 12.61 39.89
CA SER C 357 32.73 12.62 39.88
C SER C 357 32.21 13.64 38.88
N ALA C 358 32.55 13.45 37.60
CA ALA C 358 32.21 14.47 36.61
C ALA C 358 30.70 14.58 36.45
N THR C 359 29.99 13.44 36.42
CA THR C 359 28.56 13.50 36.16
C THR C 359 27.80 14.05 37.35
N GLU C 360 28.23 13.70 38.58
CA GLU C 360 27.64 14.32 39.76
C GLU C 360 27.82 15.83 39.72
N SER C 361 29.04 16.29 39.44
CA SER C 361 29.24 17.73 39.34
C SER C 361 28.35 18.34 38.26
N PHE C 362 28.16 17.62 37.15
CA PHE C 362 27.32 18.19 36.10
C PHE C 362 25.88 18.38 36.57
N ILE C 363 25.34 17.41 37.34
CA ILE C 363 23.97 17.56 37.85
C ILE C 363 23.86 18.80 38.74
N LYS C 364 24.81 18.99 39.65
CA LYS C 364 24.79 20.19 40.48
C LYS C 364 24.90 21.45 39.61
N HIS C 365 25.77 21.42 38.60
CA HIS C 365 25.87 22.55 37.69
C HIS C 365 24.54 22.81 37.00
N MET C 366 23.95 21.75 36.44
CA MET C 366 22.67 21.87 35.74
C MET C 366 21.60 22.48 36.63
N GLU C 367 21.49 21.99 37.86
CA GLU C 367 20.51 22.54 38.78
C GLU C 367 20.79 24.01 39.09
N ASN C 368 22.06 24.36 39.28
CA ASN C 368 22.39 25.75 39.55
C ASN C 368 22.02 26.64 38.37
N GLU C 369 22.31 26.18 37.15
CA GLU C 369 21.95 26.92 35.95
C GLU C 369 20.43 27.11 35.81
N TYR C 370 19.65 26.09 36.16
CA TYR C 370 18.19 26.26 36.09
C TYR C 370 17.72 27.34 37.05
N ARG C 371 18.34 27.41 38.24
CA ARG C 371 17.92 28.41 39.21
C ARG C 371 18.37 29.81 38.78
N CYS C 372 19.63 29.99 38.43
CA CYS C 372 20.11 31.33 38.16
C CYS C 372 19.90 31.79 36.72
N ARG C 373 19.77 30.86 35.75
CA ARG C 373 19.72 31.23 34.35
C ARG C 373 18.43 30.82 33.64
N GLY C 374 17.62 29.94 34.22
CA GLY C 374 16.42 29.49 33.55
C GLY C 374 16.59 28.23 32.71
N GLY C 375 17.77 27.64 32.71
CA GLY C 375 17.93 26.36 32.06
C GLY C 375 19.38 26.08 31.76
N CYS C 376 19.59 24.96 31.09
CA CYS C 376 20.93 24.52 30.74
C CYS C 376 20.82 23.54 29.59
N PRO C 377 21.08 23.97 28.36
CA PRO C 377 20.98 23.05 27.23
C PRO C 377 21.97 21.90 27.39
N ALA C 378 21.50 20.68 27.19
CA ALA C 378 22.34 19.51 27.44
C ALA C 378 21.97 18.39 26.47
N ASP C 379 23.00 17.73 25.93
CA ASP C 379 22.85 16.67 24.94
C ASP C 379 23.06 15.33 25.64
N TRP C 380 21.95 14.69 26.02
CA TRP C 380 22.02 13.46 26.81
C TRP C 380 22.91 12.41 26.16
N VAL C 381 22.82 12.29 24.82
CA VAL C 381 23.59 11.30 24.07
C VAL C 381 25.08 11.46 24.30
N TRP C 382 25.56 12.71 24.45
CA TRP C 382 26.97 12.99 24.71
C TRP C 382 27.29 13.11 26.20
N ILE C 383 26.37 13.62 27.03
CA ILE C 383 26.66 13.80 28.46
C ILE C 383 26.82 12.47 29.18
N VAL C 384 26.04 11.46 28.79
CA VAL C 384 26.13 10.16 29.49
C VAL C 384 27.43 9.47 29.09
N PRO C 385 28.23 9.00 30.03
CA PRO C 385 29.55 8.41 29.69
C PRO C 385 29.43 7.12 28.92
N PRO C 386 30.46 6.75 28.16
CA PRO C 386 30.39 5.56 27.30
C PRO C 386 30.55 4.23 28.01
N MET C 387 30.61 4.21 29.34
CA MET C 387 30.54 2.96 30.10
C MET C 387 29.74 3.25 31.36
N SER C 388 29.14 2.18 31.91
CA SER C 388 28.45 2.26 33.21
C SER C 388 27.39 3.35 33.22
N GLY C 389 26.76 3.57 32.07
CA GLY C 389 25.79 4.62 31.88
C GLY C 389 24.82 4.84 33.03
N SER C 390 24.04 3.82 33.40
CA SER C 390 22.94 4.07 34.31
C SER C 390 23.38 4.15 35.76
N ILE C 391 24.62 3.76 36.11
CA ILE C 391 25.05 4.00 37.47
C ILE C 391 25.62 5.41 37.65
N THR C 392 25.62 6.23 36.60
CA THR C 392 25.91 7.64 36.81
C THR C 392 24.61 8.43 36.85
N PRO C 393 24.58 9.56 37.58
CA PRO C 393 23.29 10.25 37.78
C PRO C 393 22.71 10.87 36.51
N VAL C 394 23.54 11.25 35.53
CA VAL C 394 23.03 11.90 34.33
C VAL C 394 22.11 10.99 33.53
N PHE C 395 22.32 9.66 33.60
CA PHE C 395 21.48 8.72 32.87
C PHE C 395 20.01 8.92 33.18
N HIS C 396 19.71 9.22 34.46
CA HIS C 396 18.37 9.32 34.98
C HIS C 396 17.81 10.74 34.91
N GLN C 397 18.57 11.67 34.34
CA GLN C 397 18.22 13.07 34.27
C GLN C 397 17.67 13.39 32.90
N GLU C 398 16.42 13.85 32.84
CA GLU C 398 15.92 14.40 31.59
C GLU C 398 16.65 15.73 31.29
N MET C 399 16.87 15.98 30.02
CA MET C 399 17.61 17.15 29.54
C MET C 399 16.93 17.68 28.30
N LEU C 400 17.07 18.99 28.09
CA LEU C 400 16.58 19.65 26.89
C LEU C 400 17.78 20.16 26.09
N ASN C 401 17.77 19.92 24.79
CA ASN C 401 18.87 20.34 23.94
C ASN C 401 18.38 21.46 23.03
N TYR C 402 19.15 22.56 23.01
CA TYR C 402 18.86 23.67 22.12
C TYR C 402 20.15 24.46 21.97
N ARG C 403 20.19 25.30 20.94
CA ARG C 403 21.42 25.99 20.59
C ARG C 403 21.32 27.45 21.02
N LEU C 404 22.23 27.87 21.89
CA LEU C 404 22.38 29.25 22.28
C LEU C 404 23.72 29.77 21.73
N THR C 405 23.75 31.05 21.42
CA THR C 405 24.99 31.71 21.02
CA THR C 405 24.99 31.73 21.01
C THR C 405 25.44 32.72 22.08
N PRO C 406 26.76 32.95 22.25
CA PRO C 406 27.95 32.41 21.56
C PRO C 406 28.04 30.89 21.63
N SER C 407 28.62 30.30 20.60
CA SER C 407 28.62 28.84 20.49
C SER C 407 29.94 28.37 19.91
N PHE C 408 30.27 27.13 20.20
CA PHE C 408 31.31 26.41 19.48
C PHE C 408 30.66 25.57 18.38
N GLU C 409 31.20 25.65 17.18
CA GLU C 409 30.61 25.00 16.03
C GLU C 409 31.64 24.11 15.34
N TYR C 410 31.14 23.06 14.70
CA TYR C 410 31.95 22.28 13.76
C TYR C 410 32.20 23.09 12.50
N GLN C 411 33.28 22.76 11.82
CA GLN C 411 33.63 23.38 10.55
C GLN C 411 34.34 22.33 9.73
N PRO C 412 34.36 22.47 8.40
CA PRO C 412 34.97 21.42 7.58
C PRO C 412 36.47 21.35 7.82
N ASP C 413 37.02 20.16 7.56
CA ASP C 413 38.45 19.98 7.63
C ASP C 413 39.13 20.90 6.64
N PRO C 414 40.21 21.57 7.02
CA PRO C 414 40.79 22.60 6.15
C PRO C 414 41.32 22.05 4.85
N TRP C 415 41.84 20.82 4.84
CA TRP C 415 42.37 20.27 3.61
C TRP C 415 41.26 19.99 2.59
N ASN C 416 40.00 19.88 3.02
CA ASN C 416 38.93 19.71 2.04
C ASN C 416 38.60 21.00 1.30
N THR C 417 38.96 22.16 1.84
CA THR C 417 38.56 23.42 1.24
C THR C 417 39.70 24.37 0.90
N HIS C 418 40.93 24.09 1.35
CA HIS C 418 42.01 25.05 1.17
C HIS C 418 42.46 25.13 -0.28
N VAL C 419 42.67 26.35 -0.76
CA VAL C 419 43.21 26.59 -2.09
C VAL C 419 44.73 26.73 -1.95
N TRP C 420 45.46 25.71 -2.39
CA TRP C 420 46.92 25.70 -2.23
C TRP C 420 47.58 26.71 -3.17
N LYS C 421 48.53 27.47 -2.61
CA LYS C 421 49.18 28.57 -3.32
C LYS C 421 50.48 28.14 -4.01
N LEU C 422 51.24 27.23 -3.42
CA LEU C 422 52.62 26.99 -3.82
C LEU C 422 52.73 26.35 -5.20
N VAL C 423 53.86 26.62 -5.87
CA VAL C 423 54.18 26.26 -7.26
C VAL C 423 53.00 26.37 -8.22
N PHE D 4 14.09 13.05 2.66
CA PHE D 4 14.88 11.81 2.70
C PHE D 4 16.14 12.01 3.53
N LEU D 5 16.27 11.22 4.60
CA LEU D 5 17.28 11.45 5.63
C LEU D 5 18.24 10.27 5.69
N LYS D 6 19.51 10.57 5.94
CA LYS D 6 20.55 9.54 6.01
C LYS D 6 20.98 9.34 7.46
N VAL D 7 21.24 8.09 7.83
CA VAL D 7 21.88 7.76 9.10
C VAL D 7 23.20 7.07 8.78
N LYS D 8 24.22 7.36 9.58
CA LYS D 8 25.55 6.82 9.39
C LYS D 8 25.96 6.02 10.60
N ASN D 9 26.68 4.93 10.36
CA ASN D 9 27.38 4.20 11.40
C ASN D 9 28.84 4.62 11.38
N TRP D 10 29.32 5.14 12.52
CA TRP D 10 30.64 5.77 12.54
C TRP D 10 31.76 4.76 12.72
N GLU D 11 31.42 3.52 13.04
CA GLU D 11 32.38 2.43 13.10
C GLU D 11 32.60 1.81 11.73
N THR D 12 31.51 1.52 11.02
CA THR D 12 31.57 0.80 9.75
C THR D 12 31.51 1.70 8.53
N GLU D 13 31.11 2.97 8.70
CA GLU D 13 30.85 3.94 7.64
C GLU D 13 29.64 3.57 6.78
N VAL D 14 28.86 2.56 7.17
CA VAL D 14 27.62 2.26 6.46
C VAL D 14 26.66 3.42 6.62
N VAL D 15 26.09 3.86 5.50
CA VAL D 15 25.06 4.90 5.47
C VAL D 15 23.76 4.28 4.99
N LEU D 16 22.66 4.61 5.66
CA LEU D 16 21.33 4.15 5.30
C LEU D 16 20.47 5.36 5.00
N THR D 17 19.43 5.18 4.18
CA THR D 17 18.62 6.29 3.71
C THR D 17 17.17 6.03 4.07
N ASP D 18 16.58 6.96 4.81
CA ASP D 18 15.27 6.75 5.41
C ASP D 18 14.20 7.49 4.62
N THR D 19 13.23 6.74 4.12
CA THR D 19 12.00 7.31 3.59
C THR D 19 10.78 6.93 4.39
N LEU D 20 10.87 5.89 5.22
CA LEU D 20 9.73 5.46 6.03
C LEU D 20 9.21 6.59 6.93
N HIS D 21 10.09 7.51 7.35
CA HIS D 21 9.66 8.56 8.26
C HIS D 21 8.56 9.44 7.64
N LEU D 22 8.39 9.39 6.32
CA LEU D 22 7.33 10.16 5.68
C LEU D 22 5.94 9.65 6.05
N LYS D 23 5.84 8.45 6.62
CA LYS D 23 4.57 7.87 7.04
C LYS D 23 4.30 8.09 8.52
N SER D 24 5.11 8.88 9.21
CA SER D 24 4.90 9.07 10.64
C SER D 24 3.72 10.00 10.88
N THR D 25 2.98 9.75 11.95
CA THR D 25 1.74 10.48 12.19
C THR D 25 1.80 11.43 13.38
N LEU D 26 2.47 11.05 14.46
CA LEU D 26 2.35 11.77 15.72
C LEU D 26 3.62 12.56 16.06
N GLU D 27 3.44 13.66 16.78
CA GLU D 27 4.55 14.53 17.17
C GLU D 27 5.54 13.80 18.08
N THR D 28 6.81 14.14 17.93
CA THR D 28 7.82 13.56 18.81
C THR D 28 7.99 14.34 20.09
N GLY D 29 7.58 15.61 20.10
CA GLY D 29 7.93 16.53 21.14
C GLY D 29 9.01 17.52 20.71
N CYS D 30 9.85 17.14 19.75
CA CYS D 30 10.91 18.02 19.28
C CYS D 30 10.36 19.10 18.35
N THR D 31 11.16 20.15 18.16
CA THR D 31 10.96 21.13 17.11
C THR D 31 12.31 21.42 16.46
N GLU D 32 12.29 22.28 15.45
CA GLU D 32 13.51 22.81 14.87
C GLU D 32 14.41 23.48 15.90
N TYR D 33 13.85 23.90 17.04
CA TYR D 33 14.63 24.65 18.03
C TYR D 33 14.92 23.90 19.32
N ILE D 34 14.15 22.87 19.66
CA ILE D 34 14.37 22.16 20.92
C ILE D 34 14.22 20.67 20.67
N CYS D 35 15.17 19.89 21.18
CA CYS D 35 15.14 18.44 21.07
C CYS D 35 14.76 17.85 22.42
N MET D 36 13.75 16.98 22.42
CA MET D 36 13.28 16.33 23.62
C MET D 36 13.66 14.85 23.64
N GLY D 37 14.76 14.49 22.96
CA GLY D 37 15.13 13.11 22.80
C GLY D 37 15.30 12.33 24.09
N SER D 38 15.59 13.03 25.20
CA SER D 38 15.79 12.33 26.47
C SER D 38 14.63 12.53 27.45
N ILE D 39 13.51 13.12 27.02
CA ILE D 39 12.30 13.19 27.84
C ILE D 39 11.58 11.85 27.75
N MET D 40 11.17 11.30 28.89
CA MET D 40 10.59 9.96 28.85
C MET D 40 9.20 9.96 28.23
N HIS D 41 8.40 11.01 28.51
CA HIS D 41 7.08 11.20 27.90
C HIS D 41 7.01 12.58 27.28
N PRO D 42 7.62 12.76 26.10
CA PRO D 42 7.75 14.12 25.55
C PRO D 42 6.46 14.68 24.98
N SER D 43 5.48 13.85 24.63
CA SER D 43 4.36 14.28 23.82
C SER D 43 3.05 13.75 24.39
N GLN D 44 2.04 14.60 24.45
CA GLN D 44 0.69 14.15 24.75
C GLN D 44 -0.18 14.06 23.49
N HIS D 45 0.43 14.12 22.32
CA HIS D 45 -0.28 13.97 21.05
C HIS D 45 -0.91 12.58 20.96
N ALA D 46 -2.19 12.53 20.64
CA ALA D 46 -2.91 11.27 20.49
C ALA D 46 -3.70 11.32 19.19
N ARG D 47 -4.03 10.14 18.67
CA ARG D 47 -4.66 10.07 17.36
C ARG D 47 -6.16 10.33 17.44
N ARG D 48 -6.82 9.85 18.50
CA ARG D 48 -8.20 10.17 18.79
C ARG D 48 -8.27 10.83 20.16
N PRO D 49 -9.28 11.65 20.42
CA PRO D 49 -9.39 12.29 21.73
C PRO D 49 -10.24 11.50 22.71
N GLU D 50 -10.04 11.82 23.99
CA GLU D 50 -11.09 11.78 25.02
C GLU D 50 -11.72 10.39 25.12
N ASP D 51 -13.04 10.30 25.17
CA ASP D 51 -13.72 9.01 25.35
C ASP D 51 -14.27 8.59 23.96
N VAL D 52 -15.55 8.23 23.83
CA VAL D 52 -16.06 7.76 22.53
C VAL D 52 -15.91 8.89 21.50
N ALA D 53 -15.15 8.64 20.44
CA ALA D 53 -14.98 9.60 19.37
C ALA D 53 -16.26 9.71 18.54
N THR D 54 -16.40 10.86 17.88
CA THR D 54 -17.43 10.97 16.86
C THR D 54 -16.98 10.24 15.59
N LYS D 55 -17.91 10.12 14.63
CA LYS D 55 -17.61 9.37 13.42
C LYS D 55 -16.45 10.00 12.64
N ASP D 56 -16.48 11.33 12.47
CA ASP D 56 -15.37 11.96 11.74
C ASP D 56 -14.06 11.91 12.51
N GLN D 57 -14.08 11.49 13.77
CA GLN D 57 -12.85 11.31 14.52
C GLN D 57 -12.33 9.89 14.42
N LEU D 58 -13.21 8.89 14.45
CA LEU D 58 -12.75 7.52 14.42
C LEU D 58 -12.59 6.96 13.01
N PHE D 59 -13.55 7.21 12.12
CA PHE D 59 -13.48 6.56 10.81
C PHE D 59 -12.19 6.87 10.06
N PRO D 60 -11.68 8.10 10.03
CA PRO D 60 -10.41 8.32 9.31
C PRO D 60 -9.26 7.45 9.79
N LEU D 61 -9.18 7.21 11.11
CA LEU D 61 -8.13 6.34 11.65
C LEU D 61 -8.35 4.89 11.26
N ALA D 62 -9.61 4.44 11.28
CA ALA D 62 -9.92 3.08 10.83
C ALA D 62 -9.54 2.90 9.37
N LYS D 63 -9.93 3.86 8.52
CA LYS D 63 -9.63 3.78 7.09
C LYS D 63 -8.15 3.64 6.86
N GLU D 64 -7.36 4.48 7.54
CA GLU D 64 -5.91 4.42 7.40
C GLU D 64 -5.37 3.03 7.74
N PHE D 65 -5.83 2.46 8.87
CA PHE D 65 -5.32 1.15 9.25
C PHE D 65 -5.77 0.07 8.27
N ILE D 66 -7.05 0.09 7.86
CA ILE D 66 -7.53 -0.94 6.94
C ILE D 66 -6.84 -0.82 5.59
N ASP D 67 -6.67 0.41 5.10
CA ASP D 67 -5.87 0.66 3.91
C ASP D 67 -4.48 0.06 4.04
N GLN D 68 -3.81 0.34 5.17
CA GLN D 68 -2.46 -0.15 5.39
C GLN D 68 -2.42 -1.68 5.41
N TYR D 69 -3.40 -2.32 6.06
CA TYR D 69 -3.41 -3.78 6.10
C TYR D 69 -3.68 -4.38 4.72
N TYR D 70 -4.67 -3.84 4.00
CA TYR D 70 -4.92 -4.40 2.68
C TYR D 70 -3.79 -4.09 1.70
N SER D 71 -3.12 -2.94 1.86
CA SER D 71 -1.89 -2.70 1.12
C SER D 71 -0.84 -3.76 1.45
N SER D 72 -0.70 -4.09 2.74
CA SER D 72 0.34 -5.03 3.16
C SER D 72 0.20 -6.38 2.46
N ILE D 73 -1.03 -6.82 2.19
CA ILE D 73 -1.25 -8.10 1.53
C ILE D 73 -1.53 -7.93 0.03
N LYS D 74 -1.20 -6.76 -0.53
CA LYS D 74 -1.24 -6.53 -1.97
C LYS D 74 -2.66 -6.66 -2.53
N ARG D 75 -3.60 -6.04 -1.82
CA ARG D 75 -5.00 -6.08 -2.20
C ARG D 75 -5.68 -4.74 -1.92
N PHE D 76 -4.96 -3.64 -2.16
CA PHE D 76 -5.55 -2.32 -2.08
C PHE D 76 -6.65 -2.16 -3.12
N GLY D 77 -7.82 -1.70 -2.68
CA GLY D 77 -8.95 -1.52 -3.57
C GLY D 77 -9.65 -2.81 -3.98
N SER D 78 -9.20 -3.96 -3.46
CA SER D 78 -9.82 -5.24 -3.78
C SER D 78 -11.28 -5.26 -3.34
N LYS D 79 -11.98 -6.29 -3.80
CA LYS D 79 -13.34 -6.52 -3.33
C LYS D 79 -13.40 -6.48 -1.81
N ALA D 80 -12.59 -7.31 -1.15
CA ALA D 80 -12.66 -7.42 0.31
C ALA D 80 -12.29 -6.11 1.00
N HIS D 81 -11.32 -5.38 0.46
CA HIS D 81 -10.92 -4.11 1.06
C HIS D 81 -12.07 -3.11 1.02
N MET D 82 -12.71 -2.98 -0.14
CA MET D 82 -13.84 -2.06 -0.27
C MET D 82 -15.02 -2.52 0.56
N GLU D 83 -15.29 -3.84 0.57
CA GLU D 83 -16.29 -4.40 1.47
C GLU D 83 -15.96 -4.07 2.92
N ARG D 84 -14.69 -4.22 3.30
CA ARG D 84 -14.29 -3.98 4.68
C ARG D 84 -14.54 -2.53 5.11
N LEU D 85 -14.20 -1.57 4.24
CA LEU D 85 -14.46 -0.17 4.58
C LEU D 85 -15.94 0.07 4.86
N GLU D 86 -16.81 -0.44 3.97
CA GLU D 86 -18.25 -0.28 4.18
C GLU D 86 -18.71 -0.96 5.47
N GLU D 87 -18.08 -2.07 5.83
CA GLU D 87 -18.43 -2.74 7.08
C GLU D 87 -18.05 -1.90 8.29
N VAL D 88 -16.80 -1.42 8.31
CA VAL D 88 -16.36 -0.53 9.38
C VAL D 88 -17.24 0.70 9.44
N ASN D 89 -17.57 1.25 8.27
CA ASN D 89 -18.49 2.38 8.17
C ASN D 89 -19.78 2.15 8.93
N LYS D 90 -20.44 1.02 8.68
CA LYS D 90 -21.73 0.76 9.31
C LYS D 90 -21.58 0.44 10.79
N GLU D 91 -20.50 -0.25 11.16
CA GLU D 91 -20.26 -0.57 12.56
C GLU D 91 -20.11 0.69 13.40
N ILE D 92 -19.30 1.63 12.92
CA ILE D 92 -19.15 2.90 13.62
C ILE D 92 -20.47 3.65 13.64
N ASP D 93 -21.15 3.70 12.49
CA ASP D 93 -22.47 4.33 12.39
C ASP D 93 -23.45 3.83 13.44
N THR D 94 -23.37 2.56 13.82
CA THR D 94 -24.38 1.97 14.68
C THR D 94 -23.87 1.58 16.07
N THR D 95 -22.56 1.67 16.34
CA THR D 95 -22.05 1.36 17.67
C THR D 95 -21.01 2.35 18.18
N SER D 96 -20.60 3.33 17.37
CA SER D 96 -19.52 4.29 17.67
C SER D 96 -18.14 3.65 17.70
N THR D 97 -18.02 2.36 17.38
CA THR D 97 -16.72 1.70 17.33
C THR D 97 -16.78 0.64 16.23
N TYR D 98 -15.76 -0.20 16.13
CA TYR D 98 -15.78 -1.33 15.19
C TYR D 98 -14.87 -2.43 15.71
N GLN D 99 -14.99 -3.62 15.13
CA GLN D 99 -14.27 -4.80 15.61
C GLN D 99 -13.27 -5.25 14.55
N LEU D 100 -12.04 -5.53 14.99
CA LEU D 100 -11.01 -6.05 14.08
C LEU D 100 -11.26 -7.51 13.74
N LYS D 101 -11.04 -7.86 12.47
CA LYS D 101 -10.89 -9.27 12.09
C LYS D 101 -9.64 -9.87 12.75
N ASP D 102 -9.67 -11.19 12.93
CA ASP D 102 -8.53 -11.88 13.55
C ASP D 102 -7.22 -11.58 12.81
N THR D 103 -7.25 -11.66 11.48
CA THR D 103 -6.06 -11.34 10.69
C THR D 103 -5.58 -9.92 10.94
N GLU D 104 -6.52 -8.97 11.06
CA GLU D 104 -6.16 -7.58 11.29
C GLU D 104 -5.57 -7.38 12.68
N LEU D 105 -6.13 -8.08 13.68
CA LEU D 105 -5.60 -8.01 15.04
C LEU D 105 -4.15 -8.50 15.08
N ILE D 106 -3.89 -9.66 14.48
CA ILE D 106 -2.54 -10.20 14.50
C ILE D 106 -1.57 -9.24 13.80
N TYR D 107 -1.96 -8.76 12.61
CA TYR D 107 -1.13 -7.82 11.86
C TYR D 107 -0.84 -6.57 12.69
N GLY D 108 -1.85 -6.05 13.38
CA GLY D 108 -1.67 -4.84 14.14
C GLY D 108 -0.75 -5.03 15.33
N ALA D 109 -0.93 -6.13 16.05
CA ALA D 109 -0.08 -6.40 17.22
C ALA D 109 1.37 -6.56 16.80
N LYS D 110 1.61 -7.31 15.71
CA LYS D 110 2.98 -7.48 15.24
C LYS D 110 3.58 -6.16 14.79
N HIS D 111 2.76 -5.29 14.21
CA HIS D 111 3.31 -4.05 13.70
C HIS D 111 3.52 -3.03 14.80
N ALA D 112 2.70 -3.09 15.87
CA ALA D 112 3.00 -2.31 17.07
C ALA D 112 4.39 -2.65 17.61
N TRP D 113 4.71 -3.93 17.70
CA TRP D 113 6.05 -4.34 18.13
C TRP D 113 7.10 -3.87 17.13
N ARG D 114 6.85 -4.08 15.83
CA ARG D 114 7.80 -3.65 14.80
C ARG D 114 8.08 -2.15 14.88
N ASN D 115 7.11 -1.37 15.35
CA ASN D 115 7.20 0.08 15.35
C ASN D 115 7.71 0.63 16.67
N ALA D 116 8.03 -0.23 17.63
CA ALA D 116 8.39 0.19 18.99
C ALA D 116 9.82 0.71 18.98
N SER D 117 9.99 2.03 18.86
CA SER D 117 11.32 2.58 18.65
CA SER D 117 11.30 2.64 18.68
C SER D 117 12.27 2.34 19.83
N ARG D 118 11.74 2.06 21.02
CA ARG D 118 12.58 1.85 22.19
C ARG D 118 13.00 0.39 22.41
N CYS D 119 12.68 -0.54 21.50
CA CYS D 119 12.88 -1.96 21.74
C CYS D 119 14.04 -2.47 20.91
N VAL D 120 15.07 -2.98 21.59
CA VAL D 120 16.23 -3.57 20.91
C VAL D 120 15.98 -4.98 20.40
N GLY D 121 14.84 -5.59 20.77
CA GLY D 121 14.55 -6.97 20.42
C GLY D 121 13.79 -7.21 19.13
N ARG D 122 13.62 -6.20 18.28
CA ARG D 122 12.61 -6.27 17.23
C ARG D 122 13.00 -7.12 16.02
N ILE D 123 14.20 -7.70 15.97
CA ILE D 123 14.48 -8.61 14.89
C ILE D 123 13.51 -9.80 14.90
N GLN D 124 12.89 -10.07 16.05
CA GLN D 124 11.95 -11.16 16.25
C GLN D 124 10.50 -10.77 15.96
N TRP D 125 10.24 -9.53 15.53
CA TRP D 125 8.90 -8.94 15.58
C TRP D 125 7.83 -9.80 14.89
N SER D 126 8.17 -10.47 13.80
CA SER D 126 7.12 -11.20 13.10
C SER D 126 6.87 -12.58 13.71
N LYS D 127 7.71 -13.01 14.66
CA LYS D 127 7.51 -14.25 15.39
C LYS D 127 6.91 -13.89 16.74
N LEU D 128 5.59 -13.74 16.74
CA LEU D 128 4.85 -13.27 17.92
C LEU D 128 3.58 -14.08 17.95
N GLN D 129 3.28 -14.68 19.09
CA GLN D 129 2.08 -15.49 19.20
C GLN D 129 1.00 -14.60 19.79
N VAL D 130 -0.14 -14.52 19.11
CA VAL D 130 -1.20 -13.58 19.48
C VAL D 130 -2.37 -14.37 20.04
N PHE D 131 -2.74 -14.10 21.30
CA PHE D 131 -3.89 -14.73 21.94
C PHE D 131 -5.02 -13.71 21.98
N ASP D 132 -6.09 -14.01 21.24
CA ASP D 132 -7.27 -13.16 21.16
C ASP D 132 -8.15 -13.43 22.37
N ALA D 133 -8.17 -12.49 23.32
CA ALA D 133 -9.00 -12.58 24.51
C ALA D 133 -10.15 -11.57 24.47
N ARG D 134 -10.59 -11.18 23.27
CA ARG D 134 -11.65 -10.19 23.19
C ARG D 134 -13.02 -10.72 23.59
N ASP D 135 -13.16 -12.01 23.87
CA ASP D 135 -14.43 -12.51 24.37
C ASP D 135 -14.49 -12.48 25.90
N CYS D 136 -13.44 -12.00 26.56
CA CYS D 136 -13.36 -12.03 28.00
C CYS D 136 -14.38 -11.07 28.62
N THR D 137 -14.98 -11.47 29.76
CA THR D 137 -15.95 -10.60 30.42
C THR D 137 -15.69 -10.34 31.91
N THR D 138 -14.82 -11.09 32.57
CA THR D 138 -14.63 -10.93 34.02
C THR D 138 -13.16 -11.07 34.38
N ALA D 139 -12.83 -10.63 35.59
CA ALA D 139 -11.45 -10.73 36.07
C ALA D 139 -11.01 -12.18 36.20
N HIS D 140 -11.95 -13.10 36.49
CA HIS D 140 -11.63 -14.53 36.51
C HIS D 140 -11.23 -15.01 35.13
N GLY D 141 -12.01 -14.64 34.12
CA GLY D 141 -11.60 -14.92 32.75
C GLY D 141 -10.24 -14.33 32.41
N MET D 142 -10.00 -13.08 32.84
CA MET D 142 -8.69 -12.47 32.59
C MET D 142 -7.59 -13.30 33.23
N PHE D 143 -7.82 -13.78 34.45
CA PHE D 143 -6.81 -14.57 35.13
C PHE D 143 -6.51 -15.86 34.37
N ASN D 144 -7.57 -16.56 33.94
CA ASN D 144 -7.41 -17.74 33.10
C ASN D 144 -6.58 -17.41 31.85
N TYR D 145 -6.95 -16.34 31.15
CA TYR D 145 -6.19 -15.97 29.95
C TYR D 145 -4.72 -15.70 30.27
N ILE D 146 -4.44 -15.06 31.41
CA ILE D 146 -3.07 -14.68 31.72
C ILE D 146 -2.26 -15.91 32.11
N CYS D 147 -2.89 -16.85 32.85
CA CYS D 147 -2.18 -18.08 33.20
C CYS D 147 -1.76 -18.85 31.96
N ASN D 148 -2.66 -18.98 30.99
CA ASN D 148 -2.34 -19.66 29.74
C ASN D 148 -1.21 -18.94 29.00
N HIS D 149 -1.24 -17.61 29.00
CA HIS D 149 -0.17 -16.83 28.39
C HIS D 149 1.18 -17.16 29.05
N VAL D 150 1.23 -17.06 30.38
CA VAL D 150 2.47 -17.30 31.12
C VAL D 150 2.98 -18.71 30.88
N LYS D 151 2.09 -19.72 30.86
CA LYS D 151 2.53 -21.09 30.65
C LYS D 151 3.07 -21.27 29.23
N TYR D 152 2.34 -20.79 28.23
CA TYR D 152 2.81 -20.88 26.86
C TYR D 152 4.14 -20.15 26.68
N ALA D 153 4.22 -18.94 27.23
CA ALA D 153 5.39 -18.08 26.99
C ALA D 153 6.61 -18.60 27.71
N THR D 154 6.41 -19.17 28.90
CA THR D 154 7.54 -19.71 29.67
C THR D 154 8.10 -20.97 29.03
N ASN D 155 7.23 -21.92 28.66
CA ASN D 155 7.63 -23.08 27.86
C ASN D 155 8.83 -23.80 28.48
N LYS D 156 8.80 -23.96 29.79
CA LYS D 156 9.84 -24.65 30.55
C LYS D 156 11.22 -24.04 30.33
N GLY D 157 11.27 -22.74 30.07
CA GLY D 157 12.52 -22.01 29.93
C GLY D 157 12.89 -21.68 28.52
N ASN D 158 12.23 -22.29 27.54
CA ASN D 158 12.48 -22.00 26.13
C ASN D 158 11.46 -20.94 25.70
N LEU D 159 11.75 -19.69 26.09
CA LEU D 159 10.73 -18.65 26.09
C LEU D 159 10.25 -18.34 24.68
N ARG D 160 8.98 -17.98 24.57
CA ARG D 160 8.36 -17.66 23.29
C ARG D 160 7.60 -16.36 23.46
N SER D 161 7.78 -15.45 22.50
CA SER D 161 7.10 -14.16 22.55
C SER D 161 5.58 -14.32 22.39
N ALA D 162 4.82 -13.56 23.18
CA ALA D 162 3.37 -13.69 23.10
C ALA D 162 2.74 -12.39 23.57
N ILE D 163 1.50 -12.19 23.13
CA ILE D 163 0.66 -11.09 23.58
C ILE D 163 -0.76 -11.62 23.71
N THR D 164 -1.46 -11.20 24.77
CA THR D 164 -2.86 -11.50 24.95
C THR D 164 -3.64 -10.19 24.93
N ILE D 165 -4.70 -10.13 24.14
CA ILE D 165 -5.40 -8.89 23.87
C ILE D 165 -6.85 -9.01 24.36
N PHE D 166 -7.15 -8.25 25.41
CA PHE D 166 -8.46 -8.19 26.04
C PHE D 166 -9.32 -7.13 25.35
N PRO D 167 -10.61 -7.06 25.68
CA PRO D 167 -11.52 -6.20 24.92
C PRO D 167 -11.07 -4.73 24.88
N GLN D 168 -11.29 -4.11 23.72
CA GLN D 168 -10.88 -2.74 23.53
C GLN D 168 -11.75 -1.81 24.36
N ARG D 169 -11.21 -0.61 24.61
CA ARG D 169 -11.95 0.43 25.29
C ARG D 169 -13.18 0.82 24.50
N THR D 170 -14.27 1.10 25.24
CA THR D 170 -15.52 1.53 24.62
C THR D 170 -15.80 2.97 24.99
N ASP D 171 -16.40 3.21 26.16
CA ASP D 171 -16.70 4.56 26.61
C ASP D 171 -15.67 5.12 27.57
N GLY D 172 -14.69 4.33 27.99
CA GLY D 172 -13.70 4.79 28.94
C GLY D 172 -14.03 4.50 30.39
N LYS D 173 -15.24 4.02 30.67
CA LYS D 173 -15.65 3.63 32.00
C LYS D 173 -15.85 2.13 32.14
N HIS D 174 -15.58 1.36 31.08
CA HIS D 174 -15.63 -0.09 31.11
C HIS D 174 -14.30 -0.68 30.70
N ASP D 175 -13.21 -0.04 31.13
CA ASP D 175 -11.89 -0.46 30.70
C ASP D 175 -11.51 -1.80 31.31
N PHE D 176 -10.85 -2.63 30.51
CA PHE D 176 -10.08 -3.76 31.01
C PHE D 176 -8.67 -3.27 31.31
N ARG D 177 -8.19 -3.54 32.53
CA ARG D 177 -6.84 -3.16 32.94
C ARG D 177 -6.21 -4.27 33.75
N VAL D 178 -4.96 -4.57 33.45
CA VAL D 178 -4.10 -5.26 34.41
C VAL D 178 -3.44 -4.16 35.24
N TRP D 179 -3.68 -4.16 36.55
CA TRP D 179 -3.13 -3.08 37.37
C TRP D 179 -1.65 -3.28 37.63
N ASN D 180 -1.16 -4.52 37.60
CA ASN D 180 0.27 -4.76 37.68
C ASN D 180 0.99 -4.13 36.49
N SER D 181 2.21 -3.64 36.75
CA SER D 181 3.01 -3.08 35.64
C SER D 181 3.64 -4.18 34.80
N GLN D 182 4.03 -5.29 35.42
CA GLN D 182 4.39 -6.51 34.74
C GLN D 182 3.64 -7.65 35.40
N LEU D 183 3.41 -8.71 34.62
CA LEU D 183 2.67 -9.87 35.13
C LEU D 183 3.34 -10.44 36.35
N ILE D 184 4.68 -10.48 36.34
CA ILE D 184 5.47 -11.02 37.44
C ILE D 184 6.44 -9.93 37.89
N ARG D 185 6.29 -9.48 39.15
CA ARG D 185 7.21 -8.55 39.80
C ARG D 185 7.22 -8.86 41.28
N TYR D 186 8.20 -8.29 41.99
CA TYR D 186 8.37 -8.56 43.41
C TYR D 186 7.82 -7.41 44.24
N ALA D 187 7.27 -7.76 45.41
CA ALA D 187 6.70 -6.75 46.29
C ALA D 187 7.79 -5.84 46.85
N GLY D 188 7.37 -4.65 47.27
CA GLY D 188 8.23 -3.77 48.03
C GLY D 188 7.52 -3.23 49.25
N TYR D 189 8.24 -3.20 50.38
CA TYR D 189 7.67 -2.84 51.66
C TYR D 189 8.48 -1.73 52.31
N LYS D 190 7.78 -0.75 52.90
CA LYS D 190 8.44 0.26 53.71
C LYS D 190 8.65 -0.26 55.11
N GLN D 191 9.89 -0.20 55.60
CA GLN D 191 10.23 -0.72 56.91
C GLN D 191 10.01 0.34 57.99
N PRO D 192 9.93 -0.08 59.26
CA PRO D 192 9.84 0.92 60.34
C PRO D 192 11.00 1.91 60.35
N ASP D 193 12.24 1.41 60.32
CA ASP D 193 13.42 2.28 60.32
C ASP D 193 13.54 3.13 59.08
N GLY D 194 12.55 3.12 58.18
CA GLY D 194 12.55 3.99 57.02
C GLY D 194 13.13 3.39 55.76
N SER D 195 13.85 2.28 55.84
CA SER D 195 14.41 1.63 54.66
C SER D 195 13.28 0.95 53.88
N THR D 196 13.66 0.19 52.85
CA THR D 196 12.70 -0.53 52.01
C THR D 196 13.14 -1.98 51.84
N LEU D 197 12.19 -2.90 51.99
CA LEU D 197 12.41 -4.32 51.74
C LEU D 197 11.79 -4.70 50.39
N GLY D 198 12.52 -5.52 49.63
CA GLY D 198 12.07 -5.93 48.31
C GLY D 198 12.33 -4.87 47.26
N ASP D 199 11.39 -4.71 46.32
CA ASP D 199 11.58 -3.81 45.18
C ASP D 199 10.96 -2.46 45.48
N PRO D 200 11.75 -1.38 45.66
CA PRO D 200 11.16 -0.07 46.00
C PRO D 200 10.23 0.49 44.94
N ALA D 201 10.37 0.09 43.68
CA ALA D 201 9.50 0.60 42.63
C ALA D 201 8.06 0.15 42.83
N ASN D 202 7.86 -0.99 43.49
CA ASN D 202 6.55 -1.59 43.63
C ASN D 202 5.91 -1.32 44.99
N VAL D 203 6.48 -0.41 45.77
CA VAL D 203 5.97 -0.16 47.12
C VAL D 203 4.51 0.28 47.08
N GLN D 204 4.18 1.20 46.16
CA GLN D 204 2.81 1.71 46.10
C GLN D 204 1.84 0.64 45.65
N PHE D 205 2.16 -0.06 44.55
CA PHE D 205 1.30 -1.14 44.09
C PHE D 205 1.15 -2.22 45.15
N THR D 206 2.24 -2.52 45.87
CA THR D 206 2.16 -3.49 46.96
C THR D 206 1.18 -3.04 48.04
N GLU D 207 1.19 -1.75 48.39
CA GLU D 207 0.28 -1.28 49.42
C GLU D 207 -1.17 -1.40 48.99
N ILE D 208 -1.46 -1.15 47.71
CA ILE D 208 -2.81 -1.35 47.19
C ILE D 208 -3.24 -2.80 47.35
N CYS D 209 -2.35 -3.73 46.98
CA CYS D 209 -2.63 -5.15 47.14
C CYS D 209 -2.91 -5.49 48.59
N ILE D 210 -2.02 -5.07 49.49
CA ILE D 210 -2.23 -5.30 50.91
C ILE D 210 -3.56 -4.71 51.35
N GLN D 211 -3.86 -3.50 50.89
CA GLN D 211 -5.12 -2.86 51.25
C GLN D 211 -6.31 -3.63 50.72
N GLN D 212 -6.13 -4.37 49.63
CA GLN D 212 -7.19 -5.18 49.06
C GLN D 212 -7.28 -6.58 49.65
N GLY D 213 -6.59 -6.84 50.77
CA GLY D 213 -6.66 -8.13 51.43
C GLY D 213 -5.51 -9.07 51.19
N TRP D 214 -4.56 -8.72 50.32
CA TRP D 214 -3.40 -9.59 50.12
C TRP D 214 -2.60 -9.68 51.41
N LYS D 215 -2.21 -10.91 51.75
CA LYS D 215 -1.40 -11.14 52.94
C LYS D 215 0.05 -11.25 52.50
N PRO D 216 0.90 -10.28 52.82
CA PRO D 216 2.26 -10.31 52.32
C PRO D 216 3.13 -11.20 53.18
N PRO D 217 3.98 -12.04 52.56
CA PRO D 217 4.99 -12.75 53.35
C PRO D 217 6.08 -11.84 53.88
N ARG D 218 6.21 -10.62 53.34
CA ARG D 218 7.18 -9.63 53.78
C ARG D 218 8.62 -10.13 53.62
N GLY D 219 8.92 -10.63 52.42
CA GLY D 219 10.26 -10.98 52.03
C GLY D 219 10.80 -10.05 50.96
N ARG D 220 12.02 -10.36 50.51
CA ARG D 220 12.71 -9.53 49.54
C ARG D 220 12.30 -9.84 48.11
N PHE D 221 11.74 -11.03 47.88
CA PHE D 221 11.35 -11.47 46.54
C PHE D 221 9.99 -12.19 46.60
N ASP D 222 8.96 -11.45 47.04
CA ASP D 222 7.58 -11.95 47.06
C ASP D 222 6.94 -11.67 45.71
N VAL D 223 6.62 -12.73 44.96
CA VAL D 223 5.87 -12.54 43.72
C VAL D 223 4.53 -11.91 44.04
N LEU D 224 4.24 -10.78 43.39
CA LEU D 224 3.01 -10.06 43.67
C LEU D 224 1.80 -10.80 43.10
N PRO D 225 0.63 -10.63 43.71
CA PRO D 225 -0.61 -11.12 43.09
C PRO D 225 -0.91 -10.36 41.82
N LEU D 226 -1.76 -10.96 40.99
CA LEU D 226 -2.37 -10.22 39.90
C LEU D 226 -3.55 -9.40 40.43
N LEU D 227 -3.67 -8.16 39.95
CA LEU D 227 -4.79 -7.28 40.30
C LEU D 227 -5.47 -6.90 38.99
N LEU D 228 -6.61 -7.54 38.70
CA LEU D 228 -7.21 -7.56 37.37
C LEU D 228 -8.56 -6.84 37.40
N GLN D 229 -8.76 -5.96 36.41
CA GLN D 229 -10.00 -5.19 36.27
C GLN D 229 -10.61 -5.49 34.92
N ALA D 230 -11.87 -5.93 34.94
CA ALA D 230 -12.63 -6.31 33.77
C ALA D 230 -13.83 -5.39 33.66
N ASN D 231 -14.04 -4.84 32.46
CA ASN D 231 -15.25 -4.06 32.16
C ASN D 231 -15.50 -2.94 33.18
N GLY D 232 -14.43 -2.29 33.60
CA GLY D 232 -14.54 -1.15 34.50
C GLY D 232 -14.88 -1.44 35.94
N ASN D 233 -15.09 -2.70 36.31
CA ASN D 233 -15.43 -2.99 37.69
C ASN D 233 -14.21 -2.85 38.60
N ASP D 234 -14.44 -2.92 39.91
CA ASP D 234 -13.32 -2.91 40.85
C ASP D 234 -12.37 -4.08 40.53
N PRO D 235 -11.08 -3.91 40.73
CA PRO D 235 -10.15 -4.99 40.42
C PRO D 235 -10.17 -6.09 41.48
N GLU D 236 -9.68 -7.27 41.08
CA GLU D 236 -9.73 -8.46 41.92
C GLU D 236 -8.35 -9.13 41.96
N LEU D 237 -8.00 -9.66 43.14
CA LEU D 237 -6.70 -10.29 43.38
C LEU D 237 -6.69 -11.77 42.97
N PHE D 238 -5.56 -12.22 42.41
CA PHE D 238 -5.36 -13.62 42.03
C PHE D 238 -3.90 -14.00 42.25
N GLN D 239 -3.65 -15.18 42.82
CA GLN D 239 -2.28 -15.67 43.00
C GLN D 239 -1.88 -16.50 41.78
N ILE D 240 -0.84 -16.08 41.07
CA ILE D 240 -0.38 -16.90 39.94
C ILE D 240 0.13 -18.22 40.50
N PRO D 241 -0.30 -19.36 39.96
CA PRO D 241 0.23 -20.65 40.43
C PRO D 241 1.75 -20.67 40.39
N PRO D 242 2.42 -20.85 41.54
CA PRO D 242 3.88 -20.70 41.57
C PRO D 242 4.60 -21.60 40.58
N GLU D 243 4.02 -22.77 40.28
CA GLU D 243 4.65 -23.66 39.30
C GLU D 243 4.65 -23.06 37.91
N LEU D 244 3.84 -22.04 37.67
CA LEU D 244 3.93 -21.30 36.42
C LEU D 244 4.98 -20.19 36.45
N VAL D 245 5.51 -19.83 37.63
CA VAL D 245 6.40 -18.67 37.75
C VAL D 245 7.83 -19.18 37.81
N LEU D 246 8.51 -19.14 36.65
CA LEU D 246 9.87 -19.64 36.55
C LEU D 246 10.83 -18.61 37.14
N GLU D 247 11.64 -19.03 38.10
CA GLU D 247 12.63 -18.16 38.74
C GLU D 247 14.01 -18.77 38.62
N VAL D 248 15.03 -17.91 38.62
CA VAL D 248 16.41 -18.31 38.47
C VAL D 248 17.22 -17.83 39.68
N PRO D 249 17.76 -18.73 40.51
CA PRO D 249 18.69 -18.28 41.56
C PRO D 249 19.99 -17.82 40.93
N ILE D 250 20.52 -16.69 41.43
CA ILE D 250 21.68 -16.07 40.81
C ILE D 250 22.93 -16.54 41.54
N ARG D 251 23.83 -17.18 40.80
CA ARG D 251 25.15 -17.56 41.30
C ARG D 251 26.21 -17.10 40.31
N HIS D 252 27.47 -17.15 40.74
CA HIS D 252 28.58 -16.67 39.94
C HIS D 252 29.51 -17.81 39.57
N PRO D 253 30.01 -17.83 38.32
CA PRO D 253 30.87 -18.95 37.90
C PRO D 253 32.21 -19.00 38.60
N LYS D 254 32.65 -17.94 39.25
CA LYS D 254 33.93 -17.92 39.94
C LYS D 254 33.82 -17.62 41.42
N PHE D 255 32.89 -16.75 41.81
CA PHE D 255 32.72 -16.34 43.20
C PHE D 255 31.73 -17.30 43.85
N GLU D 256 32.24 -18.28 44.60
CA GLU D 256 31.35 -19.22 45.27
C GLU D 256 30.46 -18.54 46.30
N TRP D 257 30.86 -17.38 46.80
CA TRP D 257 30.06 -16.68 47.80
C TRP D 257 28.89 -15.92 47.20
N PHE D 258 28.85 -15.74 45.88
CA PHE D 258 27.77 -14.95 45.29
C PHE D 258 26.41 -15.56 45.60
N LYS D 259 26.31 -16.89 45.58
CA LYS D 259 25.02 -17.52 45.86
C LYS D 259 24.51 -17.14 47.25
N ASP D 260 25.42 -16.89 48.18
CA ASP D 260 25.07 -16.55 49.55
C ASP D 260 24.32 -15.22 49.66
N LEU D 261 24.33 -14.38 48.61
CA LEU D 261 23.56 -13.14 48.62
C LEU D 261 22.06 -13.39 48.57
N GLY D 262 21.63 -14.61 48.24
CA GLY D 262 20.21 -14.91 48.18
C GLY D 262 19.45 -14.16 47.10
N LEU D 263 20.12 -13.81 46.01
CA LEU D 263 19.48 -13.10 44.91
C LEU D 263 18.82 -14.09 43.96
N LYS D 264 17.67 -13.69 43.43
CA LYS D 264 17.03 -14.42 42.34
C LYS D 264 16.30 -13.42 41.47
N TRP D 265 15.87 -13.88 40.29
CA TRP D 265 14.97 -13.10 39.46
C TRP D 265 14.06 -14.06 38.72
N TYR D 266 13.02 -13.51 38.12
CA TYR D 266 12.08 -14.31 37.34
C TYR D 266 12.51 -14.33 35.88
N GLY D 267 12.05 -15.35 35.15
CA GLY D 267 12.48 -15.55 33.79
C GLY D 267 11.71 -14.79 32.74
N LEU D 268 10.47 -14.41 33.04
CA LEU D 268 9.54 -13.92 32.02
C LEU D 268 9.30 -12.42 32.17
N PRO D 269 9.84 -11.57 31.30
CA PRO D 269 9.49 -10.15 31.31
C PRO D 269 8.19 -9.94 30.54
N ALA D 270 7.16 -9.47 31.24
CA ALA D 270 5.81 -9.47 30.67
C ALA D 270 5.15 -8.13 30.95
N VAL D 271 5.26 -7.19 30.02
CA VAL D 271 4.77 -5.83 30.25
C VAL D 271 3.26 -5.82 30.15
N SER D 272 2.58 -5.29 31.19
CA SER D 272 1.13 -5.36 31.24
C SER D 272 0.46 -4.01 31.51
N ASN D 273 1.19 -2.90 31.52
CA ASN D 273 0.54 -1.62 31.79
C ASN D 273 0.47 -0.70 30.59
N MET D 274 0.81 -1.18 29.39
CA MET D 274 0.80 -0.31 28.23
C MET D 274 -0.49 -0.51 27.44
N LEU D 275 -0.69 0.37 26.46
CA LEU D 275 -1.90 0.38 25.65
C LEU D 275 -1.52 0.12 24.21
N LEU D 276 -2.31 -0.71 23.54
CA LEU D 276 -2.08 -1.11 22.15
C LEU D 276 -3.09 -0.38 21.30
N GLU D 277 -2.61 0.47 20.38
CA GLU D 277 -3.51 1.27 19.57
C GLU D 277 -3.43 0.77 18.13
N ILE D 278 -4.59 0.36 17.59
CA ILE D 278 -4.71 -0.11 16.21
C ILE D 278 -5.91 0.57 15.57
N GLY D 279 -5.65 1.34 14.52
CA GLY D 279 -6.73 1.96 13.75
C GLY D 279 -7.69 2.78 14.58
N GLY D 280 -7.16 3.49 15.58
CA GLY D 280 -8.00 4.26 16.48
C GLY D 280 -8.65 3.47 17.59
N LEU D 281 -8.53 2.14 17.59
CA LEU D 281 -9.01 1.34 18.70
C LEU D 281 -7.94 1.26 19.78
N GLU D 282 -8.38 1.24 21.03
CA GLU D 282 -7.49 1.30 22.18
C GLU D 282 -7.67 0.05 23.03
N PHE D 283 -6.67 -0.81 23.04
CA PHE D 283 -6.66 -2.02 23.86
C PHE D 283 -5.89 -1.72 25.14
N SER D 284 -6.64 -1.37 26.19
CA SER D 284 -6.05 -0.94 27.45
C SER D 284 -5.44 -2.09 28.25
N ALA D 285 -5.75 -3.34 27.89
CA ALA D 285 -5.17 -4.51 28.56
C ALA D 285 -4.60 -5.41 27.47
N CYS D 286 -3.28 -5.47 27.39
CA CYS D 286 -2.63 -6.24 26.33
C CYS D 286 -1.26 -6.75 26.77
N PRO D 287 -1.20 -7.56 27.83
CA PRO D 287 0.10 -7.99 28.35
C PRO D 287 0.90 -8.71 27.26
N PHE D 288 2.16 -8.31 27.10
CA PHE D 288 3.07 -8.93 26.15
C PHE D 288 4.39 -9.29 26.82
N SER D 289 5.04 -10.31 26.28
CA SER D 289 6.22 -10.86 26.92
C SER D 289 7.18 -11.36 25.86
N GLY D 290 8.47 -11.29 26.19
CA GLY D 290 9.50 -11.90 25.37
C GLY D 290 10.48 -12.60 26.27
N TRP D 291 11.75 -12.21 26.21
CA TRP D 291 12.77 -12.74 27.11
C TRP D 291 13.76 -11.61 27.42
N TYR D 292 14.55 -11.80 28.46
CA TYR D 292 15.34 -10.71 29.00
C TYR D 292 16.64 -10.49 28.24
N MET D 293 17.04 -9.23 28.17
CA MET D 293 18.44 -8.90 27.99
C MET D 293 19.04 -8.76 29.39
N GLY D 294 20.22 -9.36 29.61
CA GLY D 294 20.74 -9.50 30.96
C GLY D 294 20.88 -8.19 31.72
N THR D 295 21.21 -7.10 31.01
CA THR D 295 21.43 -5.82 31.68
C THR D 295 20.16 -5.27 32.31
N GLU D 296 18.98 -5.64 31.80
CA GLU D 296 17.74 -5.15 32.42
C GLU D 296 17.69 -5.55 33.89
N ILE D 297 18.09 -6.79 34.19
CA ILE D 297 18.17 -7.30 35.54
C ILE D 297 19.48 -6.90 36.20
N GLY D 298 20.60 -7.20 35.53
CA GLY D 298 21.91 -7.04 36.13
C GLY D 298 22.29 -5.59 36.40
N VAL D 299 21.88 -4.68 35.52
CA VAL D 299 22.22 -3.27 35.68
C VAL D 299 21.09 -2.49 36.37
N ARG D 300 19.91 -2.49 35.76
CA ARG D 300 18.82 -1.61 36.22
C ARG D 300 18.12 -2.17 37.46
N ASP D 301 17.50 -3.37 37.32
CA ASP D 301 16.77 -3.95 38.45
C ASP D 301 17.66 -4.09 39.68
N TYR D 302 18.89 -4.58 39.49
CA TYR D 302 19.74 -4.84 40.64
C TYR D 302 20.49 -3.60 41.12
N CYS D 303 20.96 -2.74 40.22
CA CYS D 303 21.92 -1.72 40.62
C CYS D 303 21.44 -0.28 40.57
N ASP D 304 20.25 0.01 40.02
CA ASP D 304 19.69 1.34 40.19
C ASP D 304 19.63 1.69 41.68
N ASN D 305 19.98 2.93 42.01
CA ASN D 305 19.97 3.37 43.41
C ASN D 305 18.57 3.27 44.00
N SER D 306 17.53 3.47 43.21
CA SER D 306 16.18 3.40 43.73
C SER D 306 15.52 2.05 43.48
N ARG D 307 16.31 1.01 43.20
CA ARG D 307 15.77 -0.34 43.08
C ARG D 307 16.43 -1.24 44.11
N TYR D 308 16.95 -2.41 43.70
CA TYR D 308 17.53 -3.30 44.70
C TYR D 308 18.89 -2.81 45.19
N ASN D 309 19.54 -1.93 44.44
CA ASN D 309 20.69 -1.17 44.94
C ASN D 309 21.74 -2.06 45.61
N ILE D 310 22.17 -3.12 44.90
CA ILE D 310 23.02 -4.13 45.55
C ILE D 310 24.51 -3.85 45.43
N LEU D 311 24.92 -2.76 44.75
CA LEU D 311 26.34 -2.56 44.43
C LEU D 311 27.23 -2.57 45.68
N GLU D 312 26.81 -1.90 46.75
CA GLU D 312 27.63 -1.88 47.96
C GLU D 312 27.87 -3.27 48.53
N GLU D 313 26.82 -4.09 48.63
CA GLU D 313 26.99 -5.41 49.25
C GLU D 313 27.88 -6.31 48.39
N VAL D 314 27.75 -6.24 47.07
CA VAL D 314 28.61 -7.05 46.20
C VAL D 314 30.06 -6.58 46.32
N ALA D 315 30.28 -5.27 46.27
CA ALA D 315 31.63 -4.74 46.31
C ALA D 315 32.34 -5.12 47.61
N LYS D 316 31.61 -5.11 48.73
CA LYS D 316 32.22 -5.50 50.00
C LYS D 316 32.67 -6.95 49.96
N LYS D 317 31.82 -7.85 49.43
CA LYS D 317 32.22 -9.24 49.29
C LYS D 317 33.42 -9.40 48.38
N MET D 318 33.58 -8.49 47.41
CA MET D 318 34.72 -8.54 46.50
C MET D 318 35.98 -7.93 47.10
N ASN D 319 35.88 -7.31 48.29
CA ASN D 319 37.02 -6.68 48.95
CA ASN D 319 37.02 -6.68 48.95
C ASN D 319 37.63 -5.58 48.08
N LEU D 320 36.76 -4.74 47.53
CA LEU D 320 37.18 -3.61 46.70
C LEU D 320 37.32 -2.35 47.54
N ASP D 321 38.23 -1.48 47.11
CA ASP D 321 38.44 -0.19 47.76
C ASP D 321 37.26 0.72 47.43
N MET D 322 36.41 0.99 48.42
CA MET D 322 35.17 1.73 48.20
C MET D 322 35.23 3.16 48.74
N ARG D 323 36.42 3.64 49.09
CA ARG D 323 36.54 4.96 49.72
C ARG D 323 36.38 6.10 48.71
N LYS D 324 36.69 5.87 47.43
CA LYS D 324 36.64 6.92 46.42
C LYS D 324 36.02 6.38 45.13
N THR D 325 35.40 7.28 44.36
CA THR D 325 34.79 6.85 43.10
C THR D 325 35.83 6.38 42.09
N SER D 326 37.01 7.00 42.08
CA SER D 326 38.01 6.75 41.04
C SER D 326 38.58 5.34 41.07
N SER D 327 38.36 4.56 42.14
CA SER D 327 38.74 3.16 42.10
C SER D 327 37.83 2.36 41.20
N LEU D 328 36.72 2.95 40.76
CA LEU D 328 35.72 2.31 39.90
C LEU D 328 35.18 1.02 40.51
N TRP D 329 35.04 1.00 41.84
CA TRP D 329 34.50 -0.20 42.49
C TRP D 329 33.06 -0.47 42.07
N LYS D 330 32.27 0.58 41.81
CA LYS D 330 30.93 0.36 41.30
C LYS D 330 30.96 -0.32 39.93
N ASP D 331 31.85 0.13 39.05
CA ASP D 331 31.91 -0.45 37.71
C ASP D 331 32.38 -1.91 37.74
N GLN D 332 33.32 -2.24 38.63
CA GLN D 332 33.83 -3.60 38.71
C GLN D 332 32.77 -4.56 39.23
N ALA D 333 32.10 -4.18 40.32
CA ALA D 333 31.02 -5.02 40.82
C ALA D 333 29.93 -5.16 39.78
N LEU D 334 29.64 -4.07 39.06
CA LEU D 334 28.57 -4.10 38.07
C LEU D 334 28.82 -5.19 37.04
N VAL D 335 30.06 -5.33 36.56
CA VAL D 335 30.36 -6.37 35.58
C VAL D 335 30.12 -7.75 36.18
N GLU D 336 30.61 -7.98 37.40
CA GLU D 336 30.49 -9.30 38.01
C GLU D 336 29.02 -9.69 38.18
N ILE D 337 28.18 -8.73 38.57
CA ILE D 337 26.75 -9.01 38.74
C ILE D 337 26.15 -9.47 37.43
N ASN D 338 26.52 -8.82 36.34
CA ASN D 338 25.94 -9.15 35.05
C ASN D 338 26.52 -10.45 34.48
N ILE D 339 27.76 -10.78 34.83
CA ILE D 339 28.27 -12.10 34.53
C ILE D 339 27.42 -13.16 35.22
N ALA D 340 27.16 -12.96 36.52
CA ALA D 340 26.39 -13.93 37.29
C ALA D 340 24.98 -14.11 36.73
N VAL D 341 24.31 -13.01 36.39
CA VAL D 341 22.94 -13.10 35.88
C VAL D 341 22.92 -13.96 34.62
N LEU D 342 23.81 -13.67 33.67
CA LEU D 342 23.87 -14.46 32.44
C LEU D 342 24.22 -15.92 32.72
N TYR D 343 25.27 -16.14 33.51
CA TYR D 343 25.69 -17.50 33.82
C TYR D 343 24.54 -18.30 34.44
N SER D 344 23.74 -17.66 35.30
CA SER D 344 22.69 -18.37 36.01
C SER D 344 21.56 -18.77 35.07
N PHE D 345 21.04 -17.82 34.29
CA PHE D 345 19.98 -18.15 33.34
C PHE D 345 20.44 -19.24 32.39
N GLN D 346 21.62 -19.05 31.80
CA GLN D 346 22.16 -20.05 30.87
C GLN D 346 22.29 -21.41 31.54
N SER D 347 22.76 -21.44 32.79
CA SER D 347 22.95 -22.73 33.46
C SER D 347 21.61 -23.43 33.62
N ASP D 348 20.55 -22.67 33.90
CA ASP D 348 19.22 -23.23 34.07
C ASP D 348 18.48 -23.35 32.74
N LYS D 349 19.15 -23.08 31.62
CA LYS D 349 18.54 -23.19 30.30
C LYS D 349 17.26 -22.34 30.21
N VAL D 350 17.34 -21.12 30.69
CA VAL D 350 16.27 -20.14 30.55
C VAL D 350 16.74 -19.09 29.55
N THR D 351 15.94 -18.83 28.52
CA THR D 351 16.35 -17.92 27.46
C THR D 351 16.76 -16.57 28.03
N ILE D 352 17.91 -16.07 27.57
CA ILE D 352 18.40 -14.75 27.93
C ILE D 352 19.38 -14.36 26.84
N VAL D 353 19.57 -13.06 26.65
CA VAL D 353 20.50 -12.57 25.64
C VAL D 353 21.38 -11.51 26.28
N ASP D 354 22.68 -11.60 26.04
CA ASP D 354 23.58 -10.56 26.54
C ASP D 354 23.47 -9.31 25.67
N HIS D 355 23.98 -8.19 26.21
CA HIS D 355 23.85 -6.91 25.50
C HIS D 355 24.73 -6.84 24.26
N HIS D 356 25.82 -7.62 24.16
CA HIS D 356 26.60 -7.64 22.94
C HIS D 356 25.84 -8.31 21.80
N SER D 357 25.29 -9.49 22.05
CA SER D 357 24.54 -10.21 21.04
C SER D 357 23.25 -9.47 20.68
N ALA D 358 22.57 -8.91 21.67
CA ALA D 358 21.31 -8.23 21.38
C ALA D 358 21.53 -6.99 20.49
N THR D 359 22.55 -6.18 20.82
CA THR D 359 22.77 -4.97 20.03
C THR D 359 23.26 -5.30 18.64
N GLU D 360 24.09 -6.33 18.51
CA GLU D 360 24.51 -6.79 17.20
C GLU D 360 23.30 -7.21 16.35
N SER D 361 22.38 -7.97 16.94
CA SER D 361 21.20 -8.37 16.18
CA SER D 361 21.19 -8.37 16.19
C SER D 361 20.39 -7.16 15.77
N PHE D 362 20.32 -6.13 16.62
CA PHE D 362 19.51 -4.98 16.27
C PHE D 362 20.09 -4.20 15.10
N ILE D 363 21.42 -4.12 14.99
CA ILE D 363 22.05 -3.54 13.81
C ILE D 363 21.64 -4.30 12.56
N LYS D 364 21.70 -5.63 12.62
CA LYS D 364 21.22 -6.45 11.52
C LYS D 364 19.75 -6.19 11.23
N HIS D 365 18.92 -6.09 12.27
CA HIS D 365 17.52 -5.77 12.05
C HIS D 365 17.37 -4.41 11.35
N MET D 366 18.12 -3.41 11.80
CA MET D 366 18.12 -2.11 11.13
C MET D 366 18.43 -2.24 9.64
N GLU D 367 19.51 -2.96 9.27
CA GLU D 367 19.82 -3.17 7.87
CA GLU D 367 19.81 -3.15 7.86
C GLU D 367 18.64 -3.78 7.13
N ASN D 368 18.05 -4.82 7.72
CA ASN D 368 16.92 -5.50 7.08
C ASN D 368 15.80 -4.52 6.81
N GLU D 369 15.44 -3.74 7.84
CA GLU D 369 14.31 -2.81 7.74
C GLU D 369 14.56 -1.74 6.69
N TYR D 370 15.79 -1.19 6.64
CA TYR D 370 16.04 -0.17 5.62
C TYR D 370 15.99 -0.78 4.23
N ARG D 371 16.45 -2.02 4.07
CA ARG D 371 16.38 -2.66 2.77
C ARG D 371 14.95 -2.95 2.34
N CYS D 372 14.11 -3.49 3.23
CA CYS D 372 12.79 -3.84 2.73
C CYS D 372 11.75 -2.74 2.93
N ARG D 373 11.88 -1.94 3.99
CA ARG D 373 10.82 -1.02 4.41
C ARG D 373 11.19 0.44 4.22
N GLY D 374 12.45 0.76 3.96
CA GLY D 374 12.87 2.15 3.84
C GLY D 374 13.10 2.86 5.15
N GLY D 375 13.14 2.14 6.27
CA GLY D 375 13.49 2.79 7.53
C GLY D 375 13.23 1.90 8.71
N CYS D 376 13.68 2.39 9.87
CA CYS D 376 13.43 1.73 11.15
C CYS D 376 13.47 2.78 12.26
N PRO D 377 12.34 3.14 12.85
CA PRO D 377 12.36 4.13 13.94
C PRO D 377 13.09 3.57 15.15
N ALA D 378 13.99 4.36 15.73
CA ALA D 378 14.80 3.84 16.82
C ALA D 378 15.23 4.97 17.72
N ASP D 379 15.08 4.74 19.01
CA ASP D 379 15.36 5.70 20.07
C ASP D 379 16.73 5.37 20.66
N TRP D 380 17.76 6.12 20.26
CA TRP D 380 19.12 5.81 20.70
C TRP D 380 19.22 5.78 22.22
N VAL D 381 18.53 6.69 22.90
CA VAL D 381 18.62 6.82 24.35
C VAL D 381 18.20 5.54 25.04
N TRP D 382 17.24 4.80 24.46
CA TRP D 382 16.74 3.54 25.01
C TRP D 382 17.47 2.32 24.47
N ILE D 383 17.97 2.38 23.23
CA ILE D 383 18.53 1.21 22.56
C ILE D 383 19.94 0.90 23.07
N VAL D 384 20.73 1.92 23.36
CA VAL D 384 22.09 1.70 23.87
C VAL D 384 22.00 1.14 25.28
N PRO D 385 22.70 0.05 25.60
CA PRO D 385 22.50 -0.59 26.91
C PRO D 385 23.04 0.26 28.04
N PRO D 386 22.55 0.06 29.26
CA PRO D 386 22.94 0.91 30.39
C PRO D 386 24.34 0.63 30.94
N MET D 387 25.09 -0.32 30.38
CA MET D 387 26.52 -0.45 30.70
C MET D 387 27.28 -0.69 29.40
N SER D 388 28.59 -0.40 29.46
CA SER D 388 29.52 -0.70 28.36
C SER D 388 29.05 -0.13 27.03
N GLY D 389 28.43 1.05 27.07
CA GLY D 389 27.76 1.59 25.90
C GLY D 389 28.56 1.55 24.61
N SER D 390 29.76 2.14 24.60
CA SER D 390 30.44 2.32 23.33
C SER D 390 31.18 1.06 22.86
N ILE D 391 31.26 0.00 23.67
CA ILE D 391 31.82 -1.22 23.11
C ILE D 391 30.71 -2.08 22.52
N THR D 392 29.40 -1.51 22.48
CA THR D 392 28.36 -2.14 21.67
C THR D 392 28.18 -1.39 20.37
N PRO D 393 27.75 -2.06 19.28
CA PRO D 393 27.72 -1.37 17.98
C PRO D 393 26.68 -0.28 17.89
N VAL D 394 25.58 -0.37 18.64
CA VAL D 394 24.53 0.63 18.53
C VAL D 394 24.98 2.00 19.05
N PHE D 395 25.96 2.05 19.95
CA PHE D 395 26.48 3.35 20.38
C PHE D 395 26.95 4.18 19.19
N HIS D 396 27.57 3.55 18.21
CA HIS D 396 28.15 4.22 17.05
C HIS D 396 27.17 4.33 15.88
N GLN D 397 25.92 3.92 16.07
CA GLN D 397 24.91 3.94 15.02
C GLN D 397 23.99 5.14 15.18
N GLU D 398 23.97 6.03 14.19
CA GLU D 398 22.96 7.09 14.18
C GLU D 398 21.58 6.48 13.94
N MET D 399 20.56 7.09 14.53
CA MET D 399 19.20 6.57 14.45
C MET D 399 18.23 7.72 14.27
N LEU D 400 17.17 7.48 13.51
CA LEU D 400 16.06 8.42 13.40
C LEU D 400 14.91 7.89 14.25
N ASN D 401 14.34 8.76 15.08
CA ASN D 401 13.18 8.39 15.87
C ASN D 401 11.94 9.08 15.33
N TYR D 402 10.88 8.31 15.11
CA TYR D 402 9.59 8.80 14.66
C TYR D 402 8.52 7.79 15.06
N ARG D 403 7.27 8.24 15.05
CA ARG D 403 6.16 7.48 15.63
C ARG D 403 5.25 6.97 14.51
N LEU D 404 5.21 5.66 14.34
CA LEU D 404 4.34 4.98 13.38
C LEU D 404 3.20 4.28 14.12
N THR D 405 2.09 4.09 13.43
CA THR D 405 0.95 3.35 13.96
C THR D 405 0.71 2.10 13.12
N PRO D 406 0.24 0.98 13.72
CA PRO D 406 -0.11 0.71 15.13
C PRO D 406 1.06 0.86 16.08
N SER D 407 0.77 1.09 17.36
CA SER D 407 1.84 1.34 18.32
C SER D 407 1.42 0.88 19.70
N PHE D 408 2.40 0.72 20.57
CA PHE D 408 2.20 0.63 22.02
C PHE D 408 2.41 2.01 22.64
N GLU D 409 1.49 2.43 23.50
CA GLU D 409 1.55 3.73 24.13
C GLU D 409 1.56 3.57 25.65
N TYR D 410 2.08 4.59 26.35
CA TYR D 410 1.86 4.63 27.78
C TYR D 410 0.43 5.05 28.11
N GLN D 411 0.01 4.74 29.34
CA GLN D 411 -1.31 5.12 29.83
C GLN D 411 -1.21 5.37 31.33
N PRO D 412 -2.13 6.14 31.90
CA PRO D 412 -2.04 6.44 33.33
C PRO D 412 -2.27 5.18 34.16
N ASP D 413 -1.68 5.18 35.35
CA ASP D 413 -1.94 4.11 36.31
C ASP D 413 -3.42 4.10 36.69
N PRO D 414 -4.08 2.95 36.66
CA PRO D 414 -5.55 2.95 36.87
C PRO D 414 -5.95 3.45 38.24
N TRP D 415 -5.12 3.32 39.27
CA TRP D 415 -5.56 3.83 40.56
C TRP D 415 -5.60 5.36 40.61
N ASN D 416 -5.00 6.05 39.64
CA ASN D 416 -5.15 7.50 39.60
C ASN D 416 -6.49 7.94 39.05
N THR D 417 -7.23 7.03 38.40
CA THR D 417 -8.51 7.39 37.77
C THR D 417 -9.69 6.54 38.20
N HIS D 418 -9.48 5.35 38.75
CA HIS D 418 -10.61 4.46 39.03
C HIS D 418 -11.46 5.00 40.17
N VAL D 419 -12.77 5.05 39.94
CA VAL D 419 -13.75 5.34 40.99
C VAL D 419 -14.27 4.02 41.53
N TRP D 420 -14.07 3.79 42.82
CA TRP D 420 -14.40 2.52 43.44
C TRP D 420 -15.89 2.42 43.75
N LYS D 421 -16.36 1.18 43.93
CA LYS D 421 -17.77 0.93 44.24
C LYS D 421 -17.96 -0.18 45.27
CHA HEM E . -10.82 1.04 -27.17
CHB HEM E . -10.20 0.54 -31.96
CHC HEM E . -5.60 2.00 -31.41
CHD HEM E . -6.02 1.57 -26.61
C1A HEM E . -11.09 0.93 -28.52
C2A HEM E . -12.41 0.88 -29.14
C3A HEM E . -12.23 0.74 -30.45
C4A HEM E . -10.81 0.69 -30.73
CMA HEM E . -13.34 0.64 -31.54
CAA HEM E . -13.75 1.01 -28.40
CBA HEM E . -13.96 2.52 -28.18
CGA HEM E . -15.25 2.83 -27.45
O1A HEM E . -16.26 2.14 -27.69
O2A HEM E . -15.27 3.79 -26.62
C1B HEM E . -8.90 0.93 -32.25
C2B HEM E . -8.33 1.11 -33.56
C3B HEM E . -7.07 1.49 -33.42
C4B HEM E . -6.79 1.59 -31.99
CMB HEM E . -9.04 0.87 -34.92
CAB HEM E . -6.13 1.79 -34.62
CBB HEM E . -4.81 1.94 -34.46
C1C HEM E . -5.30 2.07 -30.07
C2C HEM E . -4.07 2.55 -29.46
C3C HEM E . -4.19 2.43 -28.13
C4C HEM E . -5.50 1.87 -27.85
CMC HEM E . -2.87 3.13 -30.27
CAC HEM E . -3.19 2.76 -27.00
CBC HEM E . -1.88 2.98 -27.22
C1D HEM E . -7.35 1.40 -26.33
C2D HEM E . -7.94 1.33 -25.02
C3D HEM E . -9.26 1.18 -25.17
C4D HEM E . -9.56 1.16 -26.58
CMD HEM E . -7.18 1.40 -23.66
CAD HEM E . -10.27 1.07 -24.01
CBD HEM E . -10.79 2.47 -23.68
CGD HEM E . -11.74 2.40 -22.50
O1D HEM E . -11.72 1.41 -21.72
O2D HEM E . -12.53 3.36 -22.36
NA HEM E . -10.15 0.81 -29.51
NB HEM E . -7.94 1.23 -31.31
NC HEM E . -6.14 1.67 -29.06
ND HEM E . -8.36 1.28 -27.28
FE HEM E . -8.06 0.96 -29.24
N1 H4B F . -18.59 -1.38 -25.99
C2 H4B F . -17.79 -0.37 -26.48
N2 H4B F . -16.90 -0.60 -27.49
N3 H4B F . -17.89 0.86 -25.97
C4 H4B F . -18.74 1.15 -24.98
O4 H4B F . -18.76 2.32 -24.57
C4A H4B F . -19.55 0.15 -24.46
C8A H4B F . -19.46 -1.14 -24.99
N5 H4B F . -20.41 0.40 -23.44
N8 H4B F . -20.23 -2.15 -24.50
C6 H4B F . -20.83 -0.73 -22.62
C7 H4B F . -21.26 -1.92 -23.49
C9 H4B F . -21.91 -0.38 -21.60
O9 H4B F . -23.05 0.26 -22.22
C10 H4B F . -22.38 -1.66 -20.93
C11 H4B F . -23.38 -1.35 -19.83
O10 H4B F . -21.22 -2.31 -20.40
C10 K90 G . -13.47 6.17 -26.99
C12 K90 G . -12.26 5.47 -25.04
C13 K90 G . -11.74 5.96 -23.69
C15 K90 G . -13.85 7.12 -23.37
C16 K90 G . -14.29 6.68 -24.77
C17 K90 G . -12.37 6.73 -21.52
C02 K90 G . -9.96 4.43 -31.58
C03 K90 G . -8.59 4.58 -31.28
C04 K90 G . -8.22 4.99 -30.01
C05 K90 G . -9.18 5.27 -29.08
C06 K90 G . -10.53 5.13 -29.40
C07 K90 G . -6.76 5.15 -29.64
C08 K90 G . -11.43 5.43 -28.53
C09 K90 G . -12.31 5.78 -27.82
N01 K90 G . -10.88 4.73 -30.65
N02 K90 G . -10.35 4.03 -32.82
N11 K90 G . -13.10 6.53 -25.62
N14 K90 G . -12.87 6.18 -22.78
C1 GOL H . 8.38 2.88 -32.75
O1 GOL H . 8.03 1.54 -33.04
C2 GOL H . 8.68 3.03 -31.27
O2 GOL H . 8.64 4.38 -30.82
C3 GOL H . 10.04 2.39 -31.01
O3 GOL H . 10.01 1.07 -31.50
ZN ZN I . -17.43 -12.58 -15.23
CHA HEM J . -33.70 -17.37 -24.42
CHB HEM J . -37.15 -14.25 -25.87
CHC HEM J . -40.43 -16.93 -23.46
CHD HEM J . -36.86 -19.40 -21.30
C1A HEM J . -34.38 -16.40 -25.13
C2A HEM J . -33.87 -15.66 -26.27
C3A HEM J . -34.80 -14.80 -26.71
C4A HEM J . -35.96 -14.96 -25.83
CMA HEM J . -34.68 -13.81 -27.90
CAA HEM J . -32.46 -15.91 -26.87
CBA HEM J . -32.60 -17.05 -27.87
CGA HEM J . -31.29 -17.28 -28.57
O1A HEM J . -30.59 -16.28 -28.87
O2A HEM J . -30.95 -18.46 -28.85
C1B HEM J . -38.36 -14.72 -25.36
C2B HEM J . -39.65 -14.15 -25.62
C3B HEM J . -40.56 -14.87 -24.95
C4B HEM J . -39.86 -15.94 -24.25
CMB HEM J . -39.96 -12.92 -26.51
CAB HEM J . -42.09 -14.57 -24.97
CBB HEM J . -42.95 -15.12 -24.10
C1C HEM J . -39.76 -17.86 -22.68
C2C HEM J . -40.39 -18.89 -21.87
C3C HEM J . -39.39 -19.58 -21.27
C4C HEM J . -38.12 -18.98 -21.68
CMC HEM J . -41.92 -19.11 -21.77
CAC HEM J . -39.46 -20.75 -20.27
CBC HEM J . -40.58 -21.17 -19.68
C1D HEM J . -35.69 -19.08 -21.97
C2D HEM J . -34.38 -19.65 -21.69
C3D HEM J . -33.51 -19.09 -22.54
C4D HEM J . -34.22 -18.16 -23.40
CMD HEM J . -34.07 -20.70 -20.60
CAD HEM J . -31.99 -19.41 -22.60
CBD HEM J . -31.83 -20.48 -23.68
CGD HEM J . -30.38 -20.90 -23.89
O1D HEM J . -29.52 -20.63 -23.02
O2D HEM J . -30.08 -21.51 -24.94
NA HEM J . -35.67 -15.93 -24.89
NB HEM J . -38.52 -15.81 -24.51
NC HEM J . -38.39 -17.94 -22.54
ND HEM J . -35.55 -18.17 -23.01
FE HEM J . -36.98 -16.76 -23.46
N1 H4B K . -26.81 -14.19 -27.58
C2 H4B K . -27.95 -14.86 -27.89
N2 H4B K . -29.16 -14.33 -27.60
N3 H4B K . -27.88 -16.06 -28.48
C4 H4B K . -26.70 -16.64 -28.78
O4 H4B K . -26.70 -17.77 -29.34
C4A H4B K . -25.53 -15.98 -28.49
C8A H4B K . -25.60 -14.73 -27.89
N5 H4B K . -24.33 -16.53 -28.77
N8 H4B K . -24.47 -14.03 -27.57
C6 H4B K . -23.20 -16.05 -27.96
C7 H4B K . -23.15 -14.53 -27.96
C9 H4B K . -21.84 -16.62 -28.37
O9 H4B K . -21.61 -16.35 -29.75
C10 H4B K . -20.68 -16.01 -27.57
C11 H4B K . -19.35 -16.66 -27.99
O10 H4B K . -20.84 -16.20 -26.16
C10 K90 L . -32.98 -20.72 -28.82
C12 K90 L . -32.62 -21.89 -26.77
C13 K90 L . -32.30 -23.26 -26.17
C15 K90 L . -30.71 -23.60 -27.97
C16 K90 L . -31.17 -22.28 -28.60
C17 K90 L . -30.66 -24.99 -25.99
C02 K90 L . -38.07 -17.56 -27.74
C03 K90 L . -38.90 -18.20 -26.81
C04 K90 L . -38.45 -19.37 -26.23
C05 K90 L . -37.22 -19.87 -26.60
C06 K90 L . -36.41 -19.21 -27.53
C07 K90 L . -39.30 -20.11 -25.22
C08 K90 L . -35.28 -19.73 -27.88
C09 K90 L . -34.26 -20.20 -28.28
N01 K90 L . -36.87 -18.08 -28.09
N02 K90 L . -38.50 -16.41 -28.30
N11 K90 L . -32.57 -21.98 -28.22
N14 K90 L . -30.92 -23.63 -26.51
C1 GOL M . -35.05 -15.66 -3.31
O1 GOL M . -34.27 -16.72 -3.82
C2 GOL M . -36.43 -15.68 -3.97
O2 GOL M . -36.41 -16.41 -5.18
C3 GOL M . -36.92 -14.26 -4.25
O3 GOL M . -38.05 -14.34 -5.09
CHA HEM N . 33.10 17.87 25.00
CHB HEM N . 34.62 17.20 29.57
CHC HEM N . 36.56 21.68 29.44
CHD HEM N . 34.16 22.63 25.36
C1A HEM N . 33.50 17.25 26.17
C2A HEM N . 33.53 15.82 26.44
C3A HEM N . 33.93 15.62 27.70
C4A HEM N . 34.20 16.93 28.29
CMA HEM N . 34.11 14.26 28.41
CAA HEM N . 33.15 14.74 25.41
CBA HEM N . 34.40 14.48 24.60
CGA HEM N . 34.08 13.52 23.48
O1A HEM N . 33.39 12.50 23.76
O2A HEM N . 34.50 13.76 22.32
C1B HEM N . 35.31 18.35 29.92
C2B HEM N . 36.04 18.56 31.16
C3B HEM N . 36.58 19.78 31.13
C4B HEM N . 36.20 20.42 29.87
CMB HEM N . 36.20 17.56 32.33
CAB HEM N . 37.44 20.35 32.29
CBB HEM N . 37.71 21.65 32.45
C1C HEM N . 36.11 22.34 28.31
C2C HEM N . 36.50 23.67 27.89
C3C HEM N . 35.83 23.94 26.74
C4C HEM N . 35.00 22.78 26.43
CMC HEM N . 37.52 24.56 28.64
CAC HEM N . 35.82 25.21 25.86
CBC HEM N . 36.28 26.40 26.28
C1D HEM N . 33.70 21.42 24.89
C2D HEM N . 32.98 21.21 23.64
C3D HEM N . 32.68 19.91 23.55
C4D HEM N . 33.19 19.23 24.72
CMD HEM N . 32.62 22.29 22.62
CAD HEM N . 31.94 19.27 22.35
CBD HEM N . 32.99 18.73 21.38
CGD HEM N . 32.37 18.06 20.18
O1D HEM N . 31.15 18.24 19.92
O2D HEM N . 33.10 17.32 19.47
NA HEM N . 33.90 17.89 27.34
NB HEM N . 35.43 19.51 29.16
NC HEM N . 35.20 21.83 27.41
ND HEM N . 33.81 20.18 25.52
FE HEM N . 34.29 19.96 27.50
N1 H4B O . 29.15 10.85 23.22
C2 H4B O . 30.37 11.41 23.38
N2 H4B O . 30.73 12.03 24.54
N3 H4B O . 31.26 11.37 22.37
C4 H4B O . 30.97 10.78 21.20
O4 H4B O . 31.83 10.76 20.31
C4A H4B O . 29.75 10.21 21.01
C8A H4B O . 28.83 10.25 22.05
N5 H4B O . 29.42 9.63 19.84
N8 H4B O . 27.59 9.70 21.90
C6 H4B O . 27.99 9.53 19.54
C7 H4B O . 27.25 8.90 20.73
C9 H4B O . 27.66 8.75 18.26
O9 H4B O . 28.24 7.44 18.35
C10 H4B O . 26.15 8.58 18.06
C11 H4B O . 25.84 7.83 16.75
O10 H4B O . 25.47 9.86 18.02
C10 K90 P . 37.07 15.23 21.90
C12 K90 P . 35.99 17.04 20.73
C13 K90 P . 36.08 17.87 19.44
C15 K90 P . 36.47 15.80 18.22
C16 K90 P . 36.50 15.05 19.55
C17 K90 P . 35.84 17.86 17.07
C02 K90 P . 37.96 17.39 27.48
C03 K90 P . 38.20 18.76 27.50
C04 K90 P . 38.16 19.45 26.31
C05 K90 P . 37.87 18.77 25.13
C06 K90 P . 37.62 17.40 25.16
C07 K90 P . 38.43 20.93 26.27
C08 K90 P . 37.38 16.75 24.07
C09 K90 P . 37.24 16.11 23.06
N01 K90 P . 37.68 16.74 26.33
N02 K90 P . 38.01 16.69 28.63
N11 K90 P . 36.95 15.95 20.62
N14 K90 P . 35.67 17.05 18.29
C1 GOL Q . 20.03 34.49 27.22
O1 GOL Q . 20.24 34.69 25.83
C2 GOL Q . 21.32 34.78 27.99
O2 GOL Q . 22.41 34.05 27.45
C3 GOL Q . 21.15 34.42 29.45
O3 GOL Q . 22.43 34.32 30.03
C1 GOL R . 40.01 34.40 33.84
O1 GOL R . 38.69 33.90 33.90
C2 GOL R . 40.03 35.87 33.40
O2 GOL R . 38.75 36.31 33.02
C3 GOL R . 41.02 36.05 32.25
O3 GOL R . 40.50 35.56 31.04
ZN ZN S . 14.93 15.57 18.93
CHA HEM T . 11.49 -2.26 25.49
CHB HEM T . 14.27 -6.15 24.67
CHC HEM T . 10.34 -8.52 22.99
CHD HEM T . 7.89 -4.35 22.99
C1A HEM T . 12.53 -3.17 25.56
C2A HEM T . 13.77 -3.01 26.32
C3A HEM T . 14.54 -4.10 26.10
C4A HEM T . 13.82 -4.96 25.17
CMA HEM T . 15.94 -4.41 26.68
CAA HEM T . 14.11 -1.84 27.26
CBA HEM T . 13.59 -2.23 28.64
CGA HEM T . 13.69 -1.09 29.61
O1A HEM T . 14.78 -0.48 29.67
O2A HEM T . 12.68 -0.78 30.30
C1B HEM T . 13.45 -7.14 24.16
C2B HEM T . 13.82 -8.52 23.91
C3B HEM T . 12.75 -9.18 23.45
C4B HEM T . 11.63 -8.23 23.39
CMB HEM T . 15.23 -9.14 24.14
CAB HEM T . 12.77 -10.67 23.07
CBB HEM T . 11.80 -11.24 22.36
C1C HEM T . 9.29 -7.63 22.88
C2C HEM T . 7.91 -7.93 22.50
C3C HEM T . 7.24 -6.74 22.53
C4C HEM T . 8.18 -5.69 22.87
CMC HEM T . 7.37 -9.36 22.21
CAC HEM T . 5.78 -6.42 22.18
CBC HEM T . 5.05 -7.28 21.44
C1D HEM T . 8.61 -3.42 23.68
C2D HEM T . 8.22 -2.05 24.02
C3D HEM T . 9.21 -1.48 24.72
C4D HEM T . 10.28 -2.45 24.83
CMD HEM T . 6.89 -1.36 23.68
CAD HEM T . 9.19 -0.03 25.28
CBD HEM T . 8.77 -0.04 26.76
CGD HEM T . 8.61 1.35 27.33
O1D HEM T . 8.61 2.36 26.56
O2D HEM T . 8.48 1.47 28.57
NA HEM T . 12.61 -4.35 24.87
NB HEM T . 12.12 -7.00 23.83
NC HEM T . 9.40 -6.28 23.09
ND HEM T . 9.87 -3.61 24.18
FE HEM T . 11.09 -5.19 23.71
N1 H4B U . 16.87 3.36 28.36
C2 H4B U . 16.20 2.22 28.66
N2 H4B U . 16.34 1.09 27.92
N3 H4B U . 15.37 2.19 29.72
C4 H4B U . 15.16 3.27 30.49
O4 H4B U . 14.38 3.19 31.46
C4A H4B U . 15.84 4.45 30.20
C8A H4B U . 16.69 4.48 29.11
N5 H4B U . 15.62 5.56 30.96
N8 H4B U . 17.36 5.62 28.78
C6 H4B U . 15.93 6.84 30.33
C7 H4B U . 17.28 6.81 29.63
C9 H4B U . 15.84 8.02 31.30
O9 H4B U . 16.61 7.80 32.48
C10 H4B U . 16.33 9.29 30.62
C11 H4B U . 16.10 10.51 31.52
O10 H4B U . 15.62 9.44 29.40
C10 K90 V . 10.61 -2.83 31.26
C12 K90 V . 8.96 -1.62 29.99
C13 K90 V . 7.59 -0.95 30.11
C15 K90 V . 8.27 -0.08 32.28
C16 K90 V . 9.58 -0.86 32.16
C17 K90 V . 6.39 0.85 31.11
C02 K90 V . 12.05 -7.44 27.67
C03 K90 V . 10.97 -7.89 26.89
C04 K90 V . 9.75 -7.23 26.99
C05 K90 V . 9.62 -6.15 27.84
C06 K90 V . 10.72 -5.74 28.60
C07 K90 V . 8.57 -7.66 26.17
C08 K90 V . 10.65 -4.75 29.44
C09 K90 V . 10.58 -3.89 30.24
N01 K90 V . 11.88 -6.41 28.50
N02 K90 V . 13.25 -8.06 27.64
N11 K90 V . 9.37 -2.05 31.33
N14 K90 V . 7.71 0.26 30.95
C1 GOL W . 3.53 2.45 7.11
O1 GOL W . 3.45 2.71 8.49
C2 GOL W . 3.51 0.93 6.85
O2 GOL W . 3.65 0.24 8.07
C3 GOL W . 4.64 0.52 5.92
O3 GOL W . 5.10 -0.78 6.25
#